data_2LPD
#
_entry.id   2LPD
#
_entity_poly.entity_id   1
_entity_poly.type   'polypeptide(L)'
_entity_poly.pdbx_seq_one_letter_code
;MAHHHHHHMGTLEAQTQGPGSMDDELYFVVRNNEGQYSVWMDGRSLPAGWETVGEPATKQQCLQRIEQLWTDMVPASVRE
HLNQHSGPGIDYAVR
;
_entity_poly.pdbx_strand_id   A
#
# COMPACT_ATOMS: atom_id res chain seq x y z
N MET A 1 8.29 19.13 1.19
CA MET A 1 8.31 20.48 0.56
C MET A 1 6.95 20.80 -0.05
N ALA A 2 6.53 19.97 -1.01
CA ALA A 2 5.27 20.17 -1.71
C ALA A 2 4.09 20.15 -0.73
N HIS A 3 2.94 20.63 -1.19
CA HIS A 3 1.78 20.78 -0.31
C HIS A 3 0.51 20.17 -0.93
N HIS A 4 0.68 19.13 -1.73
CA HIS A 4 -0.44 18.29 -2.15
C HIS A 4 -0.54 17.11 -1.18
N HIS A 5 -1.59 17.12 -0.36
CA HIS A 5 -1.66 16.22 0.80
C HIS A 5 -1.48 14.75 0.42
N HIS A 6 -2.17 14.29 -0.61
CA HIS A 6 -2.04 12.89 -1.05
C HIS A 6 -2.08 12.80 -2.59
N HIS A 7 -1.27 11.90 -3.13
CA HIS A 7 -1.19 11.69 -4.58
C HIS A 7 -2.36 10.84 -5.05
N HIS A 8 -3.06 11.33 -6.07
CA HIS A 8 -4.17 10.60 -6.67
C HIS A 8 -3.67 9.29 -7.30
N MET A 9 -3.86 8.19 -6.59
CA MET A 9 -3.36 6.89 -7.03
C MET A 9 -4.03 6.42 -8.32
N GLY A 10 -3.27 5.70 -9.14
CA GLY A 10 -3.81 5.06 -10.32
C GLY A 10 -4.54 3.78 -9.97
N THR A 11 -5.38 3.32 -10.88
CA THR A 11 -6.26 2.18 -10.63
C THR A 11 -5.48 0.91 -10.24
N LEU A 12 -4.83 0.31 -11.23
CA LEU A 12 -4.17 -0.99 -11.02
C LEU A 12 -2.73 -0.79 -10.59
N GLU A 13 -1.94 -0.18 -11.47
CA GLU A 13 -0.52 0.05 -11.22
C GLU A 13 -0.22 1.55 -11.21
N ALA A 14 0.39 2.03 -10.12
CA ALA A 14 0.81 3.42 -10.01
C ALA A 14 1.83 3.58 -8.88
N GLN A 15 3.11 3.56 -9.25
CA GLN A 15 4.19 3.67 -8.27
C GLN A 15 4.33 5.11 -7.78
N THR A 16 4.06 5.32 -6.50
CA THR A 16 4.22 6.64 -5.88
C THR A 16 5.43 6.61 -4.93
N GLN A 17 6.55 6.14 -5.45
CA GLN A 17 7.79 6.03 -4.68
C GLN A 17 8.93 5.57 -5.59
N GLY A 18 8.80 4.36 -6.11
CA GLY A 18 9.79 3.79 -7.00
C GLY A 18 9.74 2.27 -7.01
N PRO A 19 10.69 1.60 -7.67
CA PRO A 19 10.76 0.13 -7.65
C PRO A 19 11.23 -0.40 -6.29
N GLY A 20 12.31 0.18 -5.79
CA GLY A 20 12.88 -0.22 -4.53
C GLY A 20 14.26 0.39 -4.34
N SER A 21 15.20 -0.41 -3.84
CA SER A 21 16.58 0.03 -3.69
C SER A 21 17.43 -0.46 -4.86
N MET A 22 17.81 -1.74 -4.79
CA MET A 22 18.60 -2.40 -5.84
C MET A 22 18.36 -3.90 -5.72
N ASP A 23 17.19 -4.23 -5.24
CA ASP A 23 16.87 -5.58 -4.76
C ASP A 23 15.85 -6.28 -5.65
N ASP A 24 15.67 -7.57 -5.39
CA ASP A 24 14.70 -8.40 -6.08
C ASP A 24 13.52 -8.72 -5.16
N GLU A 25 13.37 -7.94 -4.10
CA GLU A 25 12.35 -8.19 -3.09
C GLU A 25 10.99 -7.67 -3.55
N LEU A 26 10.57 -8.08 -4.73
CA LEU A 26 9.30 -7.65 -5.30
C LEU A 26 8.13 -8.33 -4.61
N TYR A 27 7.13 -7.53 -4.33
CA TYR A 27 5.89 -7.96 -3.69
C TYR A 27 4.71 -7.50 -4.53
N PHE A 28 3.63 -8.25 -4.46
CA PHE A 28 2.36 -7.86 -5.05
C PHE A 28 1.33 -7.70 -3.94
N VAL A 29 0.29 -6.94 -4.22
CA VAL A 29 -0.83 -6.83 -3.32
C VAL A 29 -1.78 -7.98 -3.64
N VAL A 30 -2.29 -8.67 -2.62
CA VAL A 30 -3.13 -9.83 -2.85
C VAL A 30 -4.33 -9.83 -1.93
N ARG A 31 -5.36 -10.58 -2.34
CA ARG A 31 -6.55 -10.78 -1.51
C ARG A 31 -7.43 -11.88 -2.10
N ASN A 32 -8.44 -12.30 -1.33
CA ASN A 32 -9.47 -13.20 -1.87
C ASN A 32 -10.69 -13.25 -0.93
N ASN A 33 -11.89 -13.28 -1.53
CA ASN A 33 -13.17 -13.46 -0.81
C ASN A 33 -13.33 -12.53 0.42
N GLU A 34 -12.39 -11.62 0.64
CA GLU A 34 -12.39 -10.79 1.85
C GLU A 34 -12.66 -9.32 1.51
N GLY A 35 -12.22 -8.90 0.33
CA GLY A 35 -12.42 -7.52 -0.10
C GLY A 35 -11.36 -6.58 0.45
N GLN A 36 -10.73 -6.96 1.56
CA GLN A 36 -9.64 -6.17 2.14
C GLN A 36 -8.32 -6.51 1.45
N TYR A 37 -7.26 -5.79 1.77
CA TYR A 37 -5.99 -5.93 1.05
C TYR A 37 -4.88 -6.48 1.92
N SER A 38 -4.04 -7.31 1.31
CA SER A 38 -2.82 -7.78 1.93
C SER A 38 -1.67 -7.74 0.91
N VAL A 39 -0.48 -8.14 1.33
CA VAL A 39 0.68 -8.18 0.43
C VAL A 39 1.31 -9.57 0.43
N TRP A 40 2.00 -9.89 -0.66
CA TRP A 40 2.56 -11.21 -0.89
C TRP A 40 3.85 -11.08 -1.70
N MET A 41 4.80 -11.99 -1.49
CA MET A 41 6.09 -11.92 -2.17
C MET A 41 5.98 -12.49 -3.58
N ASP A 42 6.31 -11.68 -4.57
CA ASP A 42 6.20 -12.08 -5.98
C ASP A 42 7.13 -13.25 -6.29
N GLY A 43 6.72 -14.09 -7.22
CA GLY A 43 7.48 -15.30 -7.55
C GLY A 43 6.96 -16.51 -6.81
N ARG A 44 6.29 -16.28 -5.70
CA ARG A 44 5.71 -17.35 -4.90
C ARG A 44 4.25 -17.60 -5.32
N SER A 45 3.99 -18.81 -5.79
CA SER A 45 2.65 -19.18 -6.28
C SER A 45 1.60 -19.04 -5.18
N LEU A 46 0.45 -18.49 -5.57
CA LEU A 46 -0.65 -18.26 -4.65
C LEU A 46 -1.63 -19.42 -4.67
N PRO A 47 -2.19 -19.78 -3.49
CA PRO A 47 -3.27 -20.76 -3.39
C PRO A 47 -4.45 -20.40 -4.29
N ALA A 48 -5.03 -21.42 -4.91
CA ALA A 48 -6.19 -21.25 -5.79
C ALA A 48 -7.26 -20.42 -5.09
N GLY A 49 -7.68 -19.32 -5.73
CA GLY A 49 -8.64 -18.44 -5.12
C GLY A 49 -8.08 -17.05 -4.85
N TRP A 50 -6.78 -16.96 -4.60
CA TRP A 50 -6.15 -15.67 -4.33
C TRP A 50 -5.94 -14.85 -5.62
N GLU A 51 -5.98 -13.53 -5.49
CA GLU A 51 -5.81 -12.63 -6.62
C GLU A 51 -4.75 -11.56 -6.30
N THR A 52 -4.09 -11.09 -7.35
CA THR A 52 -3.00 -10.13 -7.24
C THR A 52 -3.42 -8.74 -7.74
N VAL A 53 -2.68 -7.71 -7.34
CA VAL A 53 -2.97 -6.32 -7.69
C VAL A 53 -1.76 -5.42 -7.40
N GLY A 54 -1.71 -4.26 -8.05
CA GLY A 54 -0.64 -3.29 -7.85
C GLY A 54 0.53 -3.53 -8.77
N GLU A 55 1.65 -2.88 -8.47
CA GLU A 55 2.90 -3.11 -9.18
C GLU A 55 3.76 -4.06 -8.36
N PRO A 56 4.49 -4.99 -8.99
CA PRO A 56 5.45 -5.81 -8.25
C PRO A 56 6.67 -4.98 -7.84
N ALA A 57 6.76 -4.71 -6.55
CA ALA A 57 7.78 -3.81 -6.01
C ALA A 57 8.00 -4.10 -4.53
N THR A 58 9.01 -3.46 -3.94
CA THR A 58 9.40 -3.75 -2.55
C THR A 58 8.22 -3.60 -1.60
N LYS A 59 8.30 -4.31 -0.46
CA LYS A 59 7.23 -4.34 0.54
C LYS A 59 6.76 -2.91 0.87
N GLN A 60 7.72 -1.99 0.91
CA GLN A 60 7.43 -0.58 1.19
C GLN A 60 6.40 -0.04 0.21
N GLN A 61 6.70 -0.18 -1.09
CA GLN A 61 5.79 0.22 -2.16
C GLN A 61 4.44 -0.47 -2.00
N CYS A 62 4.49 -1.79 -1.86
CA CYS A 62 3.28 -2.60 -1.82
C CYS A 62 2.33 -2.14 -0.72
N LEU A 63 2.84 -2.01 0.51
CA LEU A 63 2.01 -1.56 1.63
C LEU A 63 1.62 -0.08 1.45
N GLN A 64 2.60 0.74 1.06
CA GLN A 64 2.37 2.19 0.92
C GLN A 64 1.21 2.45 -0.02
N ARG A 65 1.10 1.63 -1.05
CA ARG A 65 0.06 1.80 -2.06
C ARG A 65 -1.32 1.60 -1.45
N ILE A 66 -1.54 0.47 -0.78
CA ILE A 66 -2.86 0.14 -0.23
C ILE A 66 -3.20 0.98 1.00
N GLU A 67 -2.18 1.30 1.79
CA GLU A 67 -2.36 2.15 2.97
C GLU A 67 -2.78 3.55 2.56
N GLN A 68 -2.28 4.00 1.41
CA GLN A 68 -2.67 5.31 0.87
C GLN A 68 -3.93 5.20 0.00
N LEU A 69 -4.53 4.01 -0.04
CA LEU A 69 -5.79 3.82 -0.78
C LEU A 69 -6.98 3.74 0.18
N TRP A 70 -7.01 2.66 0.97
CA TRP A 70 -8.13 2.41 1.87
C TRP A 70 -7.95 3.13 3.21
N THR A 71 -6.81 2.86 3.84
CA THR A 71 -6.52 3.33 5.19
C THR A 71 -6.09 4.80 5.19
N ASP A 72 -5.84 5.32 3.98
CA ASP A 72 -5.25 6.66 3.77
C ASP A 72 -5.79 7.73 4.71
N MET A 73 -7.10 7.75 4.93
CA MET A 73 -7.73 8.81 5.72
C MET A 73 -7.20 8.81 7.16
N VAL A 74 -6.08 9.49 7.33
CA VAL A 74 -5.35 9.54 8.60
C VAL A 74 -5.77 10.76 9.44
N PRO A 75 -6.03 10.56 10.76
CA PRO A 75 -6.36 11.65 11.68
C PRO A 75 -5.12 12.46 12.11
N ALA A 76 -5.21 13.11 13.27
CA ALA A 76 -4.13 13.96 13.79
C ALA A 76 -2.79 13.21 13.86
N SER A 77 -2.85 11.89 13.90
CA SER A 77 -1.67 11.04 13.97
C SER A 77 -0.63 11.39 12.89
N VAL A 78 -1.09 11.98 11.78
CA VAL A 78 -0.19 12.39 10.71
C VAL A 78 0.69 13.56 11.16
N ARG A 79 0.09 14.49 11.92
CA ARG A 79 0.79 15.67 12.41
C ARG A 79 1.95 15.27 13.32
N GLU A 80 1.76 14.16 14.02
CA GLU A 80 2.76 13.65 14.96
C GLU A 80 4.07 13.31 14.25
N HIS A 81 3.97 12.81 13.02
CA HIS A 81 5.13 12.36 12.27
C HIS A 81 5.43 13.31 11.10
N LEU A 82 4.60 14.33 10.95
CA LEU A 82 4.75 15.28 9.84
C LEU A 82 5.97 16.17 10.07
N ASN A 83 7.07 15.84 9.39
CA ASN A 83 8.33 16.55 9.54
C ASN A 83 8.22 17.99 9.04
N GLN A 84 8.15 18.17 7.72
CA GLN A 84 8.06 19.50 7.14
C GLN A 84 6.66 20.06 7.31
N HIS A 85 6.40 20.62 8.49
CA HIS A 85 5.08 21.12 8.86
C HIS A 85 4.56 22.14 7.83
N SER A 86 5.47 22.85 7.19
CA SER A 86 5.12 23.83 6.17
C SER A 86 4.55 23.16 4.91
N GLY A 87 5.11 22.00 4.55
CA GLY A 87 4.69 21.30 3.36
C GLY A 87 5.17 19.86 3.35
N PRO A 88 4.27 18.89 3.58
CA PRO A 88 4.63 17.47 3.70
C PRO A 88 5.30 16.91 2.45
N GLY A 89 4.74 17.24 1.28
CA GLY A 89 5.21 16.65 0.04
C GLY A 89 4.78 15.20 -0.08
N ILE A 90 5.43 14.34 0.70
CA ILE A 90 5.06 12.94 0.81
C ILE A 90 4.44 12.70 2.17
N ASP A 91 3.11 12.82 2.24
CA ASP A 91 2.38 12.71 3.50
C ASP A 91 2.45 11.28 4.03
N TYR A 92 2.50 11.16 5.34
CA TYR A 92 2.73 9.87 5.99
C TYR A 92 1.42 9.13 6.22
N ALA A 93 1.21 8.07 5.43
CA ALA A 93 0.02 7.24 5.55
C ALA A 93 -0.01 6.49 6.88
N VAL A 94 -1.11 5.79 7.14
CA VAL A 94 -1.31 5.14 8.43
C VAL A 94 -1.73 3.68 8.28
N ARG A 95 -0.75 2.83 8.01
CA ARG A 95 -0.96 1.38 7.98
C ARG A 95 -1.46 0.89 9.34
N MET A 1 -10.38 2.12 16.43
CA MET A 1 -11.84 1.91 16.49
C MET A 1 -12.52 2.60 15.32
N ALA A 2 -13.85 2.53 15.29
CA ALA A 2 -14.66 3.19 14.27
C ALA A 2 -14.32 2.70 12.87
N HIS A 3 -14.69 1.46 12.59
CA HIS A 3 -14.51 0.88 11.25
C HIS A 3 -15.27 1.70 10.21
N HIS A 4 -14.59 2.70 9.65
CA HIS A 4 -15.18 3.60 8.67
C HIS A 4 -15.26 2.94 7.31
N HIS A 5 -16.47 2.62 6.86
CA HIS A 5 -16.68 2.01 5.56
C HIS A 5 -16.38 3.02 4.45
N HIS A 6 -15.14 3.07 4.02
CA HIS A 6 -14.71 3.98 2.94
C HIS A 6 -13.67 3.29 2.06
N HIS A 7 -13.38 3.89 0.92
CA HIS A 7 -12.40 3.35 -0.01
C HIS A 7 -12.03 4.39 -1.07
N HIS A 8 -10.96 4.15 -1.81
CA HIS A 8 -10.59 5.00 -2.94
C HIS A 8 -10.86 4.28 -4.25
N MET A 9 -10.78 5.01 -5.35
CA MET A 9 -11.00 4.45 -6.68
C MET A 9 -10.33 5.33 -7.74
N GLY A 10 -10.15 4.80 -8.93
CA GLY A 10 -9.55 5.55 -10.02
C GLY A 10 -9.02 4.65 -11.11
N THR A 11 -7.90 3.98 -10.82
CA THR A 11 -7.29 3.07 -11.78
C THR A 11 -6.31 2.17 -11.04
N LEU A 12 -5.99 1.02 -11.64
CA LEU A 12 -5.07 0.07 -11.02
C LEU A 12 -3.62 0.48 -11.31
N GLU A 13 -3.04 -0.06 -12.39
CA GLU A 13 -1.65 0.18 -12.71
C GLU A 13 -1.47 0.38 -14.21
N ALA A 14 -0.26 0.74 -14.60
CA ALA A 14 0.11 0.93 -15.99
C ALA A 14 1.56 0.54 -16.20
N GLN A 15 2.00 0.58 -17.45
CA GLN A 15 3.34 0.15 -17.82
C GLN A 15 4.36 1.20 -17.41
N THR A 16 3.89 2.44 -17.31
CA THR A 16 4.74 3.55 -16.87
C THR A 16 4.90 3.51 -15.36
N GLN A 17 5.47 2.42 -14.86
CA GLN A 17 5.70 2.26 -13.42
C GLN A 17 6.91 3.08 -13.00
N GLY A 18 8.04 2.87 -13.67
CA GLY A 18 9.26 3.57 -13.38
C GLY A 18 10.43 2.94 -14.11
N PRO A 19 11.67 3.47 -13.94
CA PRO A 19 12.86 2.92 -14.60
C PRO A 19 13.12 1.48 -14.19
N GLY A 20 13.41 1.28 -12.91
CA GLY A 20 13.70 -0.04 -12.39
C GLY A 20 14.47 0.02 -11.09
N SER A 21 15.06 -1.10 -10.69
CA SER A 21 15.84 -1.18 -9.46
C SER A 21 16.45 -2.57 -9.33
N MET A 22 15.58 -3.58 -9.16
CA MET A 22 16.01 -4.97 -9.02
C MET A 22 16.99 -5.13 -7.85
N ASP A 23 16.98 -4.16 -6.94
CA ASP A 23 17.82 -4.20 -5.75
C ASP A 23 17.28 -5.22 -4.76
N ASP A 24 16.16 -4.87 -4.14
CA ASP A 24 15.51 -5.73 -3.16
C ASP A 24 14.54 -6.66 -3.88
N GLU A 25 13.94 -7.59 -3.13
CA GLU A 25 13.00 -8.53 -3.71
C GLU A 25 11.66 -7.86 -4.00
N LEU A 26 11.01 -8.27 -5.09
CA LEU A 26 9.74 -7.67 -5.48
C LEU A 26 8.56 -8.36 -4.80
N TYR A 27 7.59 -7.56 -4.46
CA TYR A 27 6.34 -8.02 -3.87
C TYR A 27 5.17 -7.46 -4.68
N PHE A 28 4.09 -8.21 -4.72
CA PHE A 28 2.84 -7.75 -5.31
C PHE A 28 1.78 -7.64 -4.24
N VAL A 29 0.72 -6.90 -4.54
CA VAL A 29 -0.39 -6.75 -3.61
C VAL A 29 -1.38 -7.89 -3.88
N VAL A 30 -1.97 -8.45 -2.83
CA VAL A 30 -2.87 -9.60 -2.98
C VAL A 30 -4.00 -9.53 -1.98
N ARG A 31 -5.10 -10.21 -2.27
CA ARG A 31 -6.20 -10.35 -1.31
C ARG A 31 -7.22 -11.38 -1.77
N ASN A 32 -8.15 -11.73 -0.87
CA ASN A 32 -9.29 -12.58 -1.24
C ASN A 32 -10.45 -12.39 -0.27
N ASN A 33 -11.67 -12.36 -0.82
CA ASN A 33 -12.94 -12.28 -0.07
C ASN A 33 -12.88 -11.44 1.21
N GLU A 34 -11.91 -10.53 1.32
CA GLU A 34 -11.71 -9.75 2.54
C GLU A 34 -12.04 -8.27 2.32
N GLY A 35 -11.79 -7.80 1.10
CA GLY A 35 -11.97 -6.38 0.79
C GLY A 35 -10.77 -5.55 1.22
N GLN A 36 -10.01 -6.07 2.18
CA GLN A 36 -8.78 -5.43 2.64
C GLN A 36 -7.63 -5.83 1.72
N TYR A 37 -6.54 -5.08 1.75
CA TYR A 37 -5.39 -5.38 0.89
C TYR A 37 -4.24 -5.96 1.68
N SER A 38 -3.62 -6.98 1.09
CA SER A 38 -2.45 -7.63 1.66
C SER A 38 -1.31 -7.60 0.65
N VAL A 39 -0.16 -8.18 1.02
CA VAL A 39 1.00 -8.23 0.14
C VAL A 39 1.60 -9.64 0.11
N TRP A 40 2.31 -9.93 -0.96
CA TRP A 40 2.80 -11.27 -1.25
C TRP A 40 4.03 -11.17 -2.15
N MET A 41 4.96 -12.11 -2.03
CA MET A 41 6.19 -12.05 -2.83
C MET A 41 5.88 -12.34 -4.30
N ASP A 42 6.39 -11.47 -5.17
CA ASP A 42 6.15 -11.56 -6.62
C ASP A 42 6.57 -12.93 -7.16
N GLY A 43 5.81 -13.43 -8.15
CA GLY A 43 6.15 -14.68 -8.80
C GLY A 43 5.65 -15.91 -8.05
N ARG A 44 5.39 -15.75 -6.76
CA ARG A 44 4.98 -16.87 -5.91
C ARG A 44 3.49 -17.18 -6.11
N SER A 45 3.17 -18.45 -6.32
CA SER A 45 1.78 -18.86 -6.59
C SER A 45 0.89 -18.64 -5.37
N LEU A 46 -0.38 -18.35 -5.67
CA LEU A 46 -1.39 -18.12 -4.64
C LEU A 46 -2.42 -19.24 -4.61
N PRO A 47 -2.96 -19.54 -3.42
CA PRO A 47 -3.98 -20.58 -3.24
C PRO A 47 -5.39 -20.10 -3.60
N ALA A 48 -6.34 -21.04 -3.54
CA ALA A 48 -7.73 -20.80 -3.93
C ALA A 48 -8.29 -19.53 -3.32
N GLY A 49 -8.79 -18.66 -4.18
CA GLY A 49 -9.42 -17.44 -3.72
C GLY A 49 -8.52 -16.22 -3.84
N TRP A 50 -7.22 -16.43 -3.68
CA TRP A 50 -6.27 -15.31 -3.62
C TRP A 50 -5.99 -14.73 -5.00
N GLU A 51 -6.04 -13.40 -5.10
CA GLU A 51 -5.80 -12.70 -6.36
C GLU A 51 -4.73 -11.61 -6.17
N THR A 52 -4.04 -11.31 -7.27
CA THR A 52 -2.92 -10.36 -7.28
C THR A 52 -3.34 -9.00 -7.84
N VAL A 53 -2.55 -7.97 -7.50
CA VAL A 53 -2.86 -6.58 -7.82
C VAL A 53 -1.69 -5.67 -7.45
N GLY A 54 -1.81 -4.39 -7.79
CA GLY A 54 -0.83 -3.40 -7.38
C GLY A 54 0.39 -3.37 -8.29
N GLU A 55 1.45 -2.79 -7.77
CA GLU A 55 2.72 -2.65 -8.49
C GLU A 55 3.76 -3.59 -7.88
N PRO A 56 4.58 -4.27 -8.72
CA PRO A 56 5.69 -5.08 -8.22
C PRO A 56 6.82 -4.18 -7.68
N ALA A 57 7.03 -4.25 -6.37
CA ALA A 57 7.98 -3.38 -5.68
C ALA A 57 8.36 -3.99 -4.34
N THR A 58 9.41 -3.46 -3.71
CA THR A 58 9.89 -4.01 -2.44
C THR A 58 8.81 -3.91 -1.36
N LYS A 59 8.97 -4.70 -0.29
CA LYS A 59 8.01 -4.79 0.79
C LYS A 59 7.55 -3.41 1.26
N GLN A 60 8.51 -2.52 1.50
CA GLN A 60 8.23 -1.18 2.01
C GLN A 60 7.27 -0.42 1.08
N GLN A 61 7.53 -0.49 -0.22
CA GLN A 61 6.71 0.23 -1.20
C GLN A 61 5.35 -0.45 -1.37
N CYS A 62 5.37 -1.77 -1.35
CA CYS A 62 4.16 -2.57 -1.54
C CYS A 62 3.13 -2.23 -0.46
N LEU A 63 3.57 -2.23 0.80
CA LEU A 63 2.69 -1.87 1.92
C LEU A 63 2.32 -0.38 1.86
N GLN A 64 3.27 0.45 1.44
CA GLN A 64 3.02 1.88 1.27
C GLN A 64 1.93 2.11 0.24
N ARG A 65 1.88 1.23 -0.75
CA ARG A 65 0.94 1.38 -1.86
C ARG A 65 -0.46 0.99 -1.43
N ILE A 66 -0.59 -0.12 -0.71
CA ILE A 66 -1.89 -0.57 -0.24
C ILE A 66 -2.44 0.39 0.82
N GLU A 67 -1.55 0.97 1.62
CA GLU A 67 -1.94 1.97 2.61
C GLU A 67 -2.71 3.08 1.92
N GLN A 68 -2.10 3.69 0.93
CA GLN A 68 -2.62 4.89 0.28
C GLN A 68 -3.93 4.62 -0.46
N LEU A 69 -4.29 3.35 -0.61
CA LEU A 69 -5.47 2.99 -1.42
C LEU A 69 -6.68 2.62 -0.55
N TRP A 70 -6.58 1.50 0.15
CA TRP A 70 -7.65 1.01 1.02
C TRP A 70 -7.52 1.62 2.42
N THR A 71 -6.36 1.41 2.99
CA THR A 71 -6.08 1.72 4.38
C THR A 71 -5.96 3.22 4.63
N ASP A 72 -5.87 3.96 3.53
CA ASP A 72 -5.55 5.39 3.54
C ASP A 72 -6.31 6.20 4.59
N MET A 73 -7.47 5.71 5.00
CA MET A 73 -8.32 6.40 5.97
C MET A 73 -7.64 6.42 7.34
N VAL A 74 -6.65 7.31 7.47
CA VAL A 74 -5.82 7.39 8.66
C VAL A 74 -6.42 8.37 9.68
N PRO A 75 -6.49 7.96 10.97
CA PRO A 75 -7.00 8.83 12.05
C PRO A 75 -6.07 10.04 12.32
N ALA A 76 -6.16 10.59 13.54
CA ALA A 76 -5.38 11.75 13.96
C ALA A 76 -3.88 11.54 13.74
N SER A 77 -3.48 10.29 13.53
CA SER A 77 -2.09 9.93 13.25
C SER A 77 -1.52 10.80 12.12
N VAL A 78 -2.39 11.29 11.23
CA VAL A 78 -1.99 12.16 10.13
C VAL A 78 -1.15 13.35 10.64
N ARG A 79 -1.56 13.92 11.77
CA ARG A 79 -0.88 15.07 12.35
C ARG A 79 0.46 14.63 12.94
N GLU A 80 0.50 13.41 13.45
CA GLU A 80 1.69 12.87 14.11
C GLU A 80 2.74 12.49 13.06
N HIS A 81 2.30 12.15 11.85
CA HIS A 81 3.20 11.80 10.76
C HIS A 81 4.05 13.00 10.37
N LEU A 82 3.48 14.19 10.56
CA LEU A 82 4.12 15.45 10.17
C LEU A 82 5.31 15.78 11.07
N ASN A 83 5.49 14.98 12.12
CA ASN A 83 6.57 15.20 13.10
C ASN A 83 7.94 15.26 12.42
N GLN A 84 8.64 16.37 12.63
CA GLN A 84 10.02 16.54 12.16
C GLN A 84 10.12 16.26 10.66
N HIS A 85 9.03 16.51 9.94
CA HIS A 85 8.93 16.26 8.49
C HIS A 85 10.24 16.55 7.76
N SER A 86 10.93 15.49 7.38
CA SER A 86 12.27 15.59 6.80
C SER A 86 12.22 15.58 5.26
N GLY A 87 12.96 16.50 4.65
CA GLY A 87 13.16 16.52 3.21
C GLY A 87 11.85 16.53 2.42
N PRO A 88 11.64 15.53 1.53
CA PRO A 88 10.43 15.46 0.68
C PRO A 88 9.16 15.31 1.49
N GLY A 89 9.31 15.05 2.78
CA GLY A 89 8.17 14.88 3.66
C GLY A 89 7.97 13.43 4.05
N ILE A 90 8.05 13.15 5.34
CA ILE A 90 7.85 11.80 5.85
C ILE A 90 6.41 11.60 6.28
N ASP A 91 5.63 10.94 5.42
CA ASP A 91 4.22 10.70 5.68
C ASP A 91 3.79 9.37 5.08
N TYR A 92 2.73 8.81 5.63
CA TYR A 92 2.18 7.54 5.19
C TYR A 92 0.75 7.42 5.71
N ALA A 93 0.13 6.27 5.51
CA ALA A 93 -1.24 6.05 5.96
C ALA A 93 -1.24 5.33 7.31
N VAL A 94 -2.20 4.43 7.51
CA VAL A 94 -2.36 3.74 8.77
C VAL A 94 -2.11 2.23 8.63
N ARG A 95 -0.90 1.92 8.21
CA ARG A 95 -0.39 0.55 8.17
C ARG A 95 -0.65 -0.21 9.48
N MET A 1 -11.29 19.55 10.12
CA MET A 1 -10.42 18.35 10.11
C MET A 1 -11.23 17.13 9.67
N ALA A 2 -11.13 16.81 8.38
CA ALA A 2 -11.83 15.67 7.81
C ALA A 2 -11.10 15.15 6.58
N HIS A 3 -10.14 14.25 6.82
CA HIS A 3 -9.36 13.67 5.73
C HIS A 3 -10.26 12.82 4.83
N HIS A 4 -10.83 13.46 3.82
CA HIS A 4 -11.74 12.80 2.89
C HIS A 4 -10.98 11.81 2.00
N HIS A 5 -11.30 10.53 2.15
CA HIS A 5 -10.58 9.48 1.44
C HIS A 5 -11.15 9.26 0.05
N HIS A 6 -10.76 10.11 -0.87
CA HIS A 6 -10.97 9.89 -2.30
C HIS A 6 -9.69 10.31 -3.02
N HIS A 7 -8.59 10.17 -2.29
CA HIS A 7 -7.27 10.59 -2.74
C HIS A 7 -6.32 9.39 -2.74
N HIS A 8 -5.44 9.34 -3.73
CA HIS A 8 -4.39 8.31 -3.81
C HIS A 8 -4.99 6.92 -4.06
N MET A 9 -6.23 6.89 -4.53
CA MET A 9 -6.93 5.63 -4.76
C MET A 9 -6.46 4.97 -6.06
N GLY A 10 -6.15 5.80 -7.05
CA GLY A 10 -5.69 5.31 -8.34
C GLY A 10 -6.64 4.29 -8.96
N THR A 11 -6.09 3.17 -9.42
CA THR A 11 -6.89 2.08 -9.96
C THR A 11 -6.20 0.74 -9.70
N LEU A 12 -4.98 0.60 -10.22
CA LEU A 12 -4.21 -0.63 -10.06
C LEU A 12 -2.71 -0.29 -9.94
N GLU A 13 -1.91 -0.69 -10.93
CA GLU A 13 -0.46 -0.48 -10.88
C GLU A 13 -0.11 0.81 -11.62
N ALA A 14 0.71 1.66 -10.99
CA ALA A 14 1.08 2.97 -11.53
C ALA A 14 1.88 3.78 -10.50
N GLN A 15 2.12 3.19 -9.33
CA GLN A 15 2.74 3.90 -8.22
C GLN A 15 3.76 3.00 -7.53
N THR A 16 5.05 3.31 -7.72
CA THR A 16 6.15 2.56 -7.12
C THR A 16 7.25 3.53 -6.67
N GLN A 17 6.84 4.78 -6.45
CA GLN A 17 7.76 5.83 -6.03
C GLN A 17 8.31 5.54 -4.64
N GLY A 18 9.54 5.05 -4.59
CA GLY A 18 10.18 4.67 -3.33
C GLY A 18 10.77 3.28 -3.42
N PRO A 19 11.87 3.10 -4.18
CA PRO A 19 12.46 1.79 -4.42
C PRO A 19 13.20 1.24 -3.20
N GLY A 20 13.36 -0.08 -3.17
CA GLY A 20 14.08 -0.75 -2.10
C GLY A 20 15.21 -1.59 -2.64
N SER A 21 16.44 -1.16 -2.36
CA SER A 21 17.64 -1.84 -2.87
C SER A 21 17.84 -3.20 -2.20
N MET A 22 17.04 -3.46 -1.17
CA MET A 22 17.12 -4.73 -0.43
C MET A 22 15.99 -5.68 -0.84
N ASP A 23 15.32 -5.30 -1.91
CA ASP A 23 14.19 -6.08 -2.44
C ASP A 23 14.48 -6.51 -3.88
N ASP A 24 14.95 -7.74 -4.02
CA ASP A 24 15.18 -8.35 -5.33
C ASP A 24 13.95 -9.12 -5.77
N GLU A 25 13.24 -9.67 -4.77
CA GLU A 25 11.95 -10.32 -4.99
C GLU A 25 10.85 -9.34 -4.62
N LEU A 26 10.09 -8.86 -5.60
CA LEU A 26 9.05 -7.87 -5.34
C LEU A 26 7.88 -8.48 -4.57
N TYR A 27 6.99 -7.60 -4.15
CA TYR A 27 5.78 -7.98 -3.47
C TYR A 27 4.60 -7.45 -4.27
N PHE A 28 3.50 -8.17 -4.22
CA PHE A 28 2.25 -7.75 -4.83
C PHE A 28 1.18 -7.68 -3.77
N VAL A 29 0.12 -6.93 -4.03
CA VAL A 29 -1.02 -6.92 -3.14
C VAL A 29 -1.92 -8.07 -3.54
N VAL A 30 -2.47 -8.79 -2.59
CA VAL A 30 -3.30 -9.95 -2.92
C VAL A 30 -4.53 -10.02 -2.03
N ARG A 31 -5.51 -10.76 -2.51
CA ARG A 31 -6.75 -11.01 -1.74
C ARG A 31 -7.56 -12.11 -2.39
N ASN A 32 -8.59 -12.59 -1.70
CA ASN A 32 -9.56 -13.50 -2.31
C ASN A 32 -10.89 -13.40 -1.58
N ASN A 33 -11.98 -13.41 -2.35
CA ASN A 33 -13.37 -13.47 -1.83
C ASN A 33 -13.64 -12.49 -0.65
N GLU A 34 -12.66 -11.64 -0.31
CA GLU A 34 -12.74 -10.83 0.91
C GLU A 34 -12.89 -9.34 0.59
N GLY A 35 -12.30 -8.90 -0.52
CA GLY A 35 -12.29 -7.50 -0.87
C GLY A 35 -11.21 -6.70 -0.13
N GLN A 36 -10.78 -7.22 1.02
CA GLN A 36 -9.71 -6.60 1.82
C GLN A 36 -8.37 -6.74 1.10
N TYR A 37 -7.33 -6.12 1.65
CA TYR A 37 -6.01 -6.12 1.00
C TYR A 37 -4.92 -6.71 1.90
N SER A 38 -4.12 -7.59 1.30
CA SER A 38 -2.90 -8.06 1.93
C SER A 38 -1.76 -8.01 0.93
N VAL A 39 -0.56 -8.44 1.34
CA VAL A 39 0.58 -8.49 0.43
C VAL A 39 1.16 -9.90 0.35
N TRP A 40 1.87 -10.16 -0.73
CA TRP A 40 2.38 -11.49 -1.05
C TRP A 40 3.72 -11.37 -1.77
N MET A 41 4.66 -12.21 -1.39
CA MET A 41 6.01 -12.17 -1.95
C MET A 41 6.06 -12.93 -3.28
N ASP A 42 6.45 -12.23 -4.34
CA ASP A 42 6.53 -12.83 -5.67
C ASP A 42 7.69 -13.82 -5.73
N GLY A 43 7.71 -14.65 -6.76
CA GLY A 43 8.69 -15.71 -6.88
C GLY A 43 8.05 -17.07 -6.69
N ARG A 44 6.76 -17.04 -6.37
CA ARG A 44 5.96 -18.25 -6.17
C ARG A 44 4.65 -18.12 -6.95
N SER A 45 3.88 -19.20 -6.99
CA SER A 45 2.56 -19.20 -7.62
C SER A 45 1.48 -19.12 -6.56
N LEU A 46 0.41 -18.40 -6.86
CA LEU A 46 -0.66 -18.19 -5.90
C LEU A 46 -1.72 -19.29 -5.98
N PRO A 47 -2.12 -19.82 -4.82
CA PRO A 47 -3.24 -20.76 -4.70
C PRO A 47 -4.46 -20.30 -5.48
N ALA A 48 -5.02 -21.22 -6.28
CA ALA A 48 -6.21 -20.95 -7.07
C ALA A 48 -7.30 -20.34 -6.19
N GLY A 49 -7.82 -19.20 -6.61
CA GLY A 49 -8.81 -18.49 -5.82
C GLY A 49 -8.30 -17.14 -5.36
N TRP A 50 -6.98 -17.00 -5.24
CA TRP A 50 -6.39 -15.72 -4.86
C TRP A 50 -6.23 -14.82 -6.08
N GLU A 51 -6.12 -13.51 -5.84
CA GLU A 51 -5.90 -12.55 -6.91
C GLU A 51 -4.83 -11.54 -6.50
N THR A 52 -4.18 -10.98 -7.52
CA THR A 52 -3.11 -10.01 -7.35
C THR A 52 -3.60 -8.61 -7.73
N VAL A 53 -2.98 -7.59 -7.13
CA VAL A 53 -3.40 -6.20 -7.27
C VAL A 53 -2.32 -5.27 -6.73
N GLY A 54 -2.54 -3.98 -6.87
CA GLY A 54 -1.65 -2.99 -6.31
C GLY A 54 -0.49 -2.65 -7.20
N GLU A 55 0.70 -2.98 -6.75
CA GLU A 55 1.96 -2.73 -7.45
C GLU A 55 2.94 -3.85 -7.12
N PRO A 56 3.69 -4.40 -8.09
CA PRO A 56 4.81 -5.24 -7.77
C PRO A 56 6.04 -4.41 -7.47
N ALA A 57 6.40 -4.36 -6.21
CA ALA A 57 7.47 -3.46 -5.77
C ALA A 57 8.05 -3.91 -4.43
N THR A 58 8.96 -3.10 -3.90
CA THR A 58 9.55 -3.35 -2.60
C THR A 58 8.48 -3.47 -1.52
N LYS A 59 8.80 -4.24 -0.48
CA LYS A 59 7.94 -4.41 0.69
C LYS A 59 7.42 -3.05 1.16
N GLN A 60 8.32 -2.07 1.13
CA GLN A 60 8.01 -0.71 1.59
C GLN A 60 6.87 -0.10 0.79
N GLN A 61 6.89 -0.30 -0.53
CA GLN A 61 5.85 0.25 -1.42
C GLN A 61 4.54 -0.51 -1.23
N CYS A 62 4.63 -1.83 -1.24
CA CYS A 62 3.45 -2.68 -1.19
C CYS A 62 2.65 -2.44 0.10
N LEU A 63 3.33 -2.39 1.25
CA LEU A 63 2.64 -2.15 2.52
C LEU A 63 2.09 -0.73 2.57
N GLN A 64 2.89 0.22 2.09
CA GLN A 64 2.51 1.63 2.09
C GLN A 64 1.25 1.87 1.27
N ARG A 65 1.19 1.21 0.12
CA ARG A 65 0.14 1.44 -0.84
C ARG A 65 -1.22 1.04 -0.27
N ILE A 66 -1.29 -0.14 0.33
CA ILE A 66 -2.56 -0.64 0.88
C ILE A 66 -2.96 0.16 2.12
N GLU A 67 -1.98 0.54 2.93
CA GLU A 67 -2.24 1.32 4.12
C GLU A 67 -2.84 2.68 3.73
N GLN A 68 -2.20 3.36 2.78
CA GLN A 68 -2.67 4.66 2.32
C GLN A 68 -3.94 4.53 1.45
N LEU A 69 -4.50 3.32 1.41
CA LEU A 69 -5.81 3.08 0.79
C LEU A 69 -6.89 2.92 1.86
N TRP A 70 -6.79 1.84 2.64
CA TRP A 70 -7.80 1.51 3.64
C TRP A 70 -7.53 2.25 4.95
N THR A 71 -6.27 2.17 5.40
CA THR A 71 -5.82 2.79 6.63
C THR A 71 -5.63 4.30 6.47
N ASP A 72 -5.69 4.76 5.21
CA ASP A 72 -5.42 6.17 4.82
C ASP A 72 -6.04 7.18 5.79
N MET A 73 -7.07 6.77 6.51
CA MET A 73 -7.70 7.62 7.53
C MET A 73 -6.73 7.84 8.70
N VAL A 74 -5.70 8.65 8.46
CA VAL A 74 -4.71 9.00 9.47
C VAL A 74 -5.20 10.18 10.31
N PRO A 75 -5.08 10.07 11.64
CA PRO A 75 -5.48 11.16 12.56
C PRO A 75 -4.61 12.40 12.40
N ALA A 76 -4.76 13.36 13.33
CA ALA A 76 -4.00 14.61 13.28
C ALA A 76 -2.49 14.37 13.28
N SER A 77 -2.11 13.14 13.63
CA SER A 77 -0.71 12.74 13.70
C SER A 77 0.00 12.94 12.36
N VAL A 78 -0.77 13.01 11.28
CA VAL A 78 -0.21 13.30 9.96
C VAL A 78 0.55 14.63 10.01
N ARG A 79 -0.02 15.61 10.69
CA ARG A 79 0.60 16.93 10.85
C ARG A 79 1.89 16.82 11.65
N GLU A 80 1.87 15.93 12.64
CA GLU A 80 3.01 15.72 13.53
C GLU A 80 4.22 15.23 12.73
N HIS A 81 3.94 14.38 11.74
CA HIS A 81 4.98 13.70 10.98
C HIS A 81 5.52 14.56 9.84
N LEU A 82 4.67 15.42 9.28
CA LEU A 82 5.05 16.26 8.13
C LEU A 82 6.35 17.01 8.40
N ASN A 83 6.42 17.63 9.57
CA ASN A 83 7.59 18.41 9.98
C ASN A 83 7.74 18.34 11.49
N GLN A 84 8.82 17.72 11.96
CA GLN A 84 9.06 17.59 13.39
C GLN A 84 9.31 18.97 14.00
N HIS A 85 8.21 19.61 14.37
CA HIS A 85 8.23 20.94 14.97
C HIS A 85 8.93 20.92 16.34
N SER A 86 9.21 22.10 16.86
CA SER A 86 9.84 22.25 18.17
C SER A 86 8.93 21.69 19.26
N GLY A 87 9.14 20.41 19.59
CA GLY A 87 8.33 19.76 20.60
C GLY A 87 8.62 18.27 20.64
N PRO A 88 7.59 17.42 20.81
CA PRO A 88 7.75 15.97 20.84
C PRO A 88 7.80 15.36 19.43
N GLY A 89 8.24 14.11 19.36
CA GLY A 89 8.28 13.39 18.09
C GLY A 89 7.72 11.98 18.25
N ILE A 90 8.10 11.09 17.34
CA ILE A 90 7.63 9.70 17.36
C ILE A 90 6.10 9.65 17.34
N ASP A 91 5.54 9.75 16.15
CA ASP A 91 4.10 9.87 15.96
C ASP A 91 3.49 8.55 15.46
N TYR A 92 2.17 8.55 15.30
CA TYR A 92 1.46 7.44 14.69
C TYR A 92 0.84 7.88 13.36
N ALA A 93 1.60 7.71 12.30
CA ALA A 93 1.13 8.05 10.96
C ALA A 93 0.74 6.78 10.20
N VAL A 94 0.16 6.96 9.02
CA VAL A 94 -0.16 5.84 8.15
C VAL A 94 1.10 5.38 7.43
N ARG A 95 1.25 4.06 7.29
CA ARG A 95 2.45 3.48 6.69
C ARG A 95 2.52 3.80 5.20
N MET A 1 -25.58 0.36 16.70
CA MET A 1 -25.25 1.81 16.63
C MET A 1 -25.13 2.25 15.16
N ALA A 2 -25.83 3.32 14.81
CA ALA A 2 -25.81 3.82 13.43
C ALA A 2 -25.62 5.34 13.42
N HIS A 3 -24.37 5.77 13.30
CA HIS A 3 -24.05 7.19 13.21
C HIS A 3 -23.29 7.48 11.93
N HIS A 4 -22.09 6.91 11.80
CA HIS A 4 -21.24 7.13 10.64
C HIS A 4 -20.39 5.89 10.36
N HIS A 5 -20.12 5.66 9.08
CA HIS A 5 -19.26 4.57 8.64
C HIS A 5 -18.80 4.82 7.20
N HIS A 6 -17.58 5.33 7.06
CA HIS A 6 -17.04 5.70 5.75
C HIS A 6 -16.18 4.59 5.17
N HIS A 7 -16.75 3.86 4.21
CA HIS A 7 -16.05 2.78 3.50
C HIS A 7 -15.25 3.36 2.33
N HIS A 8 -14.01 2.93 2.18
CA HIS A 8 -13.15 3.35 1.08
C HIS A 8 -12.32 2.17 0.59
N MET A 9 -12.47 1.82 -0.67
CA MET A 9 -11.78 0.68 -1.26
C MET A 9 -11.79 0.79 -2.79
N GLY A 10 -10.61 0.75 -3.39
CA GLY A 10 -10.51 0.79 -4.84
C GLY A 10 -9.15 1.26 -5.31
N THR A 11 -8.98 1.32 -6.63
CA THR A 11 -7.76 1.80 -7.29
C THR A 11 -6.50 1.03 -6.88
N LEU A 12 -5.46 1.15 -7.71
CA LEU A 12 -4.13 0.60 -7.43
C LEU A 12 -3.08 1.68 -7.69
N GLU A 13 -1.81 1.31 -7.52
CA GLU A 13 -0.69 2.13 -7.99
C GLU A 13 -0.68 3.52 -7.35
N ALA A 14 -1.46 3.69 -6.27
CA ALA A 14 -1.50 4.96 -5.53
C ALA A 14 -0.36 5.01 -4.52
N GLN A 15 0.39 6.12 -4.51
CA GLN A 15 1.53 6.29 -3.61
C GLN A 15 1.97 7.76 -3.58
N THR A 16 2.70 8.12 -2.53
CA THR A 16 3.22 9.49 -2.39
C THR A 16 4.75 9.50 -2.59
N GLN A 17 5.44 8.49 -2.06
CA GLN A 17 6.88 8.38 -2.20
C GLN A 17 7.27 6.90 -2.30
N GLY A 18 8.27 6.61 -3.14
CA GLY A 18 8.65 5.24 -3.42
C GLY A 18 9.54 4.62 -2.35
N PRO A 19 10.61 3.90 -2.76
CA PRO A 19 11.51 3.21 -1.83
C PRO A 19 12.36 4.18 -1.02
N GLY A 20 11.94 4.46 0.21
CA GLY A 20 12.71 5.30 1.10
C GLY A 20 13.40 4.50 2.18
N SER A 21 13.70 3.24 1.87
CA SER A 21 14.34 2.33 2.82
C SER A 21 15.14 1.26 2.07
N MET A 22 15.97 0.53 2.80
CA MET A 22 16.78 -0.54 2.22
C MET A 22 16.00 -1.86 2.23
N ASP A 23 15.53 -2.29 1.07
CA ASP A 23 14.71 -3.49 0.95
C ASP A 23 15.46 -4.59 0.19
N ASP A 24 14.75 -5.64 -0.21
CA ASP A 24 15.39 -6.83 -0.77
C ASP A 24 14.61 -7.40 -1.96
N GLU A 25 13.58 -8.20 -1.70
CA GLU A 25 12.73 -8.76 -2.75
C GLU A 25 11.52 -7.87 -3.03
N LEU A 26 10.86 -8.11 -4.16
CA LEU A 26 9.68 -7.33 -4.55
C LEU A 26 8.43 -7.87 -3.86
N TYR A 27 7.39 -7.06 -3.84
CA TYR A 27 6.12 -7.43 -3.23
C TYR A 27 4.96 -7.05 -4.14
N PHE A 28 3.90 -7.85 -4.05
CA PHE A 28 2.63 -7.57 -4.72
C PHE A 28 1.56 -7.41 -3.66
N VAL A 29 0.45 -6.82 -4.03
CA VAL A 29 -0.71 -6.78 -3.17
C VAL A 29 -1.60 -7.95 -3.54
N VAL A 30 -2.23 -8.58 -2.56
CA VAL A 30 -3.09 -9.73 -2.82
C VAL A 30 -4.39 -9.63 -2.05
N ARG A 31 -5.41 -10.31 -2.56
CA ARG A 31 -6.73 -10.33 -1.93
C ARG A 31 -7.45 -11.62 -2.31
N ASN A 32 -8.39 -12.05 -1.48
CA ASN A 32 -9.32 -13.12 -1.87
C ASN A 32 -10.60 -13.06 -1.07
N ASN A 33 -11.72 -13.28 -1.74
CA ASN A 33 -13.07 -13.41 -1.14
C ASN A 33 -13.35 -12.50 0.07
N GLU A 34 -12.50 -11.50 0.33
CA GLU A 34 -12.58 -10.74 1.58
C GLU A 34 -12.99 -9.27 1.33
N GLY A 35 -12.63 -8.72 0.19
CA GLY A 35 -12.88 -7.30 -0.08
C GLY A 35 -11.88 -6.39 0.61
N GLN A 36 -10.89 -7.00 1.25
CA GLN A 36 -9.82 -6.27 1.95
C GLN A 36 -8.47 -6.65 1.34
N TYR A 37 -7.39 -6.00 1.77
CA TYR A 37 -6.09 -6.15 1.11
C TYR A 37 -4.99 -6.62 2.03
N SER A 38 -4.09 -7.41 1.46
CA SER A 38 -2.86 -7.83 2.11
C SER A 38 -1.72 -7.77 1.08
N VAL A 39 -0.51 -8.14 1.49
CA VAL A 39 0.64 -8.13 0.58
C VAL A 39 1.29 -9.51 0.50
N TRP A 40 2.07 -9.72 -0.55
CA TRP A 40 2.65 -11.02 -0.85
C TRP A 40 4.03 -10.83 -1.49
N MET A 41 4.88 -11.84 -1.39
CA MET A 41 6.25 -11.76 -1.89
C MET A 41 6.29 -12.12 -3.38
N ASP A 42 7.19 -11.49 -4.15
CA ASP A 42 7.22 -11.68 -5.60
C ASP A 42 7.70 -13.08 -5.98
N GLY A 43 7.32 -13.51 -7.18
CA GLY A 43 7.77 -14.78 -7.71
C GLY A 43 7.21 -15.96 -6.93
N ARG A 44 6.26 -15.70 -6.05
CA ARG A 44 5.67 -16.72 -5.20
C ARG A 44 4.22 -16.95 -5.59
N SER A 45 3.92 -18.16 -6.06
CA SER A 45 2.59 -18.50 -6.55
C SER A 45 1.54 -18.48 -5.45
N LEU A 46 0.30 -18.26 -5.85
CA LEU A 46 -0.83 -18.15 -4.93
C LEU A 46 -1.77 -19.34 -5.07
N PRO A 47 -2.49 -19.69 -3.99
CA PRO A 47 -3.52 -20.74 -4.03
C PRO A 47 -4.84 -20.22 -4.61
N ALA A 48 -5.67 -21.15 -5.10
CA ALA A 48 -6.92 -20.82 -5.77
C ALA A 48 -7.76 -19.88 -4.92
N GLY A 49 -8.24 -18.82 -5.55
CA GLY A 49 -9.02 -17.82 -4.85
C GLY A 49 -8.23 -16.55 -4.61
N TRP A 50 -6.92 -16.69 -4.37
CA TRP A 50 -6.05 -15.55 -4.13
C TRP A 50 -5.68 -14.90 -5.46
N GLU A 51 -5.66 -13.57 -5.48
CA GLU A 51 -5.31 -12.83 -6.69
C GLU A 51 -4.41 -11.65 -6.34
N THR A 52 -3.60 -11.25 -7.32
CA THR A 52 -2.61 -10.21 -7.14
C THR A 52 -3.12 -8.86 -7.66
N VAL A 53 -2.45 -7.79 -7.23
CA VAL A 53 -2.83 -6.42 -7.56
C VAL A 53 -1.65 -5.48 -7.31
N GLY A 54 -1.59 -4.40 -8.08
CA GLY A 54 -0.49 -3.46 -7.99
C GLY A 54 0.66 -3.84 -8.90
N GLU A 55 1.79 -3.16 -8.74
CA GLU A 55 3.00 -3.48 -9.47
C GLU A 55 3.99 -4.11 -8.50
N PRO A 56 4.89 -4.99 -8.98
CA PRO A 56 5.91 -5.56 -8.12
C PRO A 56 6.86 -4.48 -7.64
N ALA A 57 6.71 -4.11 -6.37
CA ALA A 57 7.41 -2.98 -5.81
C ALA A 57 7.94 -3.31 -4.42
N THR A 58 8.78 -2.43 -3.91
CA THR A 58 9.34 -2.58 -2.56
C THR A 58 8.22 -2.68 -1.51
N LYS A 59 8.53 -3.38 -0.42
CA LYS A 59 7.59 -3.56 0.69
C LYS A 59 6.98 -2.23 1.12
N GLN A 60 7.85 -1.22 1.22
CA GLN A 60 7.43 0.13 1.60
C GLN A 60 6.34 0.67 0.66
N GLN A 61 6.46 0.34 -0.62
CA GLN A 61 5.47 0.75 -1.61
C GLN A 61 4.20 -0.09 -1.48
N CYS A 62 4.39 -1.37 -1.23
CA CYS A 62 3.29 -2.33 -1.20
C CYS A 62 2.33 -2.01 -0.05
N LEU A 63 2.88 -1.87 1.16
CA LEU A 63 2.06 -1.54 2.33
C LEU A 63 1.50 -0.13 2.21
N GLN A 64 2.30 0.77 1.66
CA GLN A 64 1.89 2.16 1.49
C GLN A 64 0.66 2.24 0.59
N ARG A 65 0.68 1.45 -0.48
CA ARG A 65 -0.35 1.48 -1.47
C ARG A 65 -1.71 1.09 -0.88
N ILE A 66 -1.76 -0.05 -0.20
CA ILE A 66 -3.01 -0.55 0.36
C ILE A 66 -3.52 0.34 1.48
N GLU A 67 -2.59 0.85 2.28
CA GLU A 67 -2.93 1.75 3.37
C GLU A 67 -3.48 3.07 2.82
N GLN A 68 -2.97 3.49 1.66
CA GLN A 68 -3.47 4.70 1.01
C GLN A 68 -4.79 4.45 0.28
N LEU A 69 -5.31 3.22 0.40
CA LEU A 69 -6.58 2.85 -0.22
C LEU A 69 -7.69 2.78 0.83
N TRP A 70 -7.57 1.82 1.74
CA TRP A 70 -8.61 1.55 2.74
C TRP A 70 -8.43 2.46 3.96
N THR A 71 -7.24 2.40 4.52
CA THR A 71 -6.94 3.04 5.79
C THR A 71 -6.57 4.53 5.62
N ASP A 72 -6.35 4.93 4.37
CA ASP A 72 -5.75 6.23 4.01
C ASP A 72 -6.24 7.40 4.86
N MET A 73 -7.51 7.36 5.24
CA MET A 73 -8.11 8.44 6.03
C MET A 73 -7.40 8.58 7.39
N VAL A 74 -6.36 9.41 7.41
CA VAL A 74 -5.60 9.66 8.62
C VAL A 74 -5.65 11.16 8.98
N PRO A 75 -5.91 11.49 10.26
CA PRO A 75 -5.93 12.89 10.73
C PRO A 75 -4.52 13.48 10.82
N ALA A 76 -4.38 14.55 11.62
CA ALA A 76 -3.11 15.26 11.74
C ALA A 76 -1.97 14.34 12.19
N SER A 77 -2.34 13.22 12.82
CA SER A 77 -1.37 12.23 13.28
C SER A 77 -0.47 11.74 12.14
N VAL A 78 -0.90 11.95 10.89
CA VAL A 78 -0.10 11.59 9.72
C VAL A 78 1.26 12.29 9.78
N ARG A 79 1.25 13.55 10.20
CA ARG A 79 2.48 14.34 10.28
C ARG A 79 3.32 13.89 11.47
N GLU A 80 2.66 13.41 12.52
CA GLU A 80 3.33 12.84 13.68
C GLU A 80 4.03 11.54 13.29
N HIS A 81 3.51 10.89 12.26
CA HIS A 81 4.05 9.63 11.77
C HIS A 81 5.22 9.90 10.80
N LEU A 82 5.48 11.18 10.54
CA LEU A 82 6.51 11.58 9.58
C LEU A 82 7.68 12.27 10.30
N ASN A 83 8.88 12.10 9.76
CA ASN A 83 10.06 12.83 10.22
C ASN A 83 10.38 13.92 9.20
N GLN A 84 9.36 14.26 8.41
CA GLN A 84 9.49 15.23 7.32
C GLN A 84 8.87 16.58 7.73
N HIS A 85 9.03 17.57 6.88
CA HIS A 85 8.48 18.90 7.10
C HIS A 85 8.51 19.70 5.81
N SER A 86 7.42 20.43 5.54
CA SER A 86 7.33 21.29 4.35
C SER A 86 7.30 20.45 3.06
N GLY A 87 6.87 19.20 3.19
CA GLY A 87 6.79 18.32 2.04
C GLY A 87 5.66 18.72 1.10
N PRO A 88 5.97 18.96 -0.20
CA PRO A 88 4.96 19.40 -1.18
C PRO A 88 3.76 18.44 -1.26
N GLY A 89 4.02 17.17 -1.02
CA GLY A 89 2.97 16.16 -1.03
C GLY A 89 3.47 14.83 -0.54
N ILE A 90 4.05 14.83 0.66
CA ILE A 90 4.63 13.63 1.25
C ILE A 90 3.88 13.24 2.52
N ASP A 91 3.12 12.16 2.43
CA ASP A 91 2.42 11.61 3.58
C ASP A 91 2.32 10.09 3.46
N TYR A 92 2.64 9.40 4.53
CA TYR A 92 2.46 7.95 4.59
C TYR A 92 1.14 7.66 5.30
N ALA A 93 0.36 6.74 4.74
CA ALA A 93 -0.92 6.38 5.33
C ALA A 93 -0.74 5.86 6.75
N VAL A 94 -1.86 5.66 7.44
CA VAL A 94 -1.85 5.34 8.86
C VAL A 94 -1.56 3.85 9.13
N ARG A 95 -0.61 3.33 8.37
CA ARG A 95 0.02 2.05 8.68
C ARG A 95 0.78 2.20 10.00
N MET A 1 -30.43 13.75 -3.75
CA MET A 1 -30.43 13.03 -2.45
C MET A 1 -29.75 11.67 -2.56
N ALA A 2 -29.48 11.24 -3.79
CA ALA A 2 -28.76 10.00 -4.03
C ALA A 2 -27.26 10.28 -4.05
N HIS A 3 -26.46 9.34 -3.54
CA HIS A 3 -25.01 9.54 -3.42
C HIS A 3 -24.26 8.78 -4.51
N HIS A 4 -24.77 8.91 -5.75
CA HIS A 4 -24.15 8.36 -6.98
C HIS A 4 -23.63 6.93 -6.83
N HIS A 5 -24.16 6.18 -5.86
CA HIS A 5 -23.86 4.76 -5.68
C HIS A 5 -22.37 4.49 -5.45
N HIS A 6 -21.57 4.57 -6.52
CA HIS A 6 -20.15 4.24 -6.46
C HIS A 6 -19.41 5.07 -5.41
N HIS A 7 -18.96 4.41 -4.36
CA HIS A 7 -18.24 5.05 -3.26
C HIS A 7 -16.76 4.66 -3.32
N HIS A 8 -15.89 5.48 -2.72
CA HIS A 8 -14.47 5.17 -2.63
C HIS A 8 -14.27 3.85 -1.88
N MET A 9 -13.89 2.81 -2.61
CA MET A 9 -13.64 1.50 -2.02
C MET A 9 -12.22 1.05 -2.31
N GLY A 10 -11.79 1.22 -3.56
CA GLY A 10 -10.48 0.79 -3.98
C GLY A 10 -10.54 -0.58 -4.64
N THR A 11 -11.33 -0.67 -5.71
CA THR A 11 -11.49 -1.94 -6.44
C THR A 11 -10.15 -2.41 -7.01
N LEU A 12 -9.27 -1.44 -7.27
CA LEU A 12 -7.90 -1.70 -7.67
C LEU A 12 -7.00 -0.60 -7.10
N GLU A 13 -5.70 -0.74 -7.26
CA GLU A 13 -4.75 0.20 -6.67
C GLU A 13 -4.72 1.52 -7.45
N ALA A 14 -4.18 2.54 -6.82
CA ALA A 14 -3.92 3.82 -7.47
C ALA A 14 -2.42 4.09 -7.42
N GLN A 15 -1.99 5.25 -7.89
CA GLN A 15 -0.58 5.62 -7.84
C GLN A 15 -0.27 6.24 -6.47
N THR A 16 -0.51 5.45 -5.42
CA THR A 16 -0.24 5.89 -4.06
C THR A 16 1.22 5.64 -3.70
N GLN A 17 2.04 6.66 -3.93
CA GLN A 17 3.47 6.61 -3.63
C GLN A 17 3.80 7.56 -2.48
N GLY A 18 4.57 7.07 -1.51
CA GLY A 18 5.00 7.89 -0.39
C GLY A 18 6.47 7.68 -0.09
N PRO A 19 7.01 8.40 0.91
CA PRO A 19 8.44 8.32 1.25
C PRO A 19 8.83 6.96 1.84
N GLY A 20 10.01 6.47 1.46
CA GLY A 20 10.48 5.20 1.95
C GLY A 20 11.82 4.81 1.36
N SER A 21 12.22 3.56 1.57
CA SER A 21 13.46 3.02 1.03
C SER A 21 13.15 1.89 0.06
N MET A 22 14.14 1.53 -0.77
CA MET A 22 13.96 0.48 -1.77
C MET A 22 14.79 -0.75 -1.38
N ASP A 23 14.10 -1.88 -1.26
CA ASP A 23 14.75 -3.16 -0.98
C ASP A 23 14.93 -3.97 -2.25
N ASP A 24 15.58 -5.12 -2.14
CA ASP A 24 15.80 -6.01 -3.28
C ASP A 24 14.54 -6.84 -3.55
N GLU A 25 13.85 -7.21 -2.47
CA GLU A 25 12.65 -8.02 -2.55
C GLU A 25 11.49 -7.23 -3.16
N LEU A 26 10.78 -7.85 -4.12
CA LEU A 26 9.58 -7.25 -4.69
C LEU A 26 8.34 -7.97 -4.17
N TYR A 27 7.30 -7.20 -3.92
CA TYR A 27 6.03 -7.71 -3.42
C TYR A 27 4.90 -7.17 -4.28
N PHE A 28 3.82 -7.93 -4.32
CA PHE A 28 2.57 -7.49 -4.90
C PHE A 28 1.52 -7.44 -3.81
N VAL A 29 0.40 -6.83 -4.11
CA VAL A 29 -0.75 -6.84 -3.25
C VAL A 29 -1.63 -8.01 -3.69
N VAL A 30 -2.31 -8.67 -2.76
CA VAL A 30 -3.16 -9.82 -3.11
C VAL A 30 -4.45 -9.79 -2.32
N ARG A 31 -5.43 -10.58 -2.77
CA ARG A 31 -6.72 -10.65 -2.09
C ARG A 31 -7.52 -11.87 -2.54
N ASN A 32 -8.50 -12.28 -1.73
CA ASN A 32 -9.51 -13.27 -2.13
C ASN A 32 -10.60 -13.37 -1.07
N ASN A 33 -11.86 -13.51 -1.54
CA ASN A 33 -13.04 -13.74 -0.69
C ASN A 33 -13.15 -12.79 0.52
N GLU A 34 -12.27 -11.81 0.61
CA GLU A 34 -12.14 -11.00 1.83
C GLU A 34 -12.68 -9.58 1.64
N GLY A 35 -12.60 -9.07 0.41
CA GLY A 35 -12.95 -7.68 0.16
C GLY A 35 -11.98 -6.73 0.85
N GLN A 36 -10.81 -7.27 1.19
CA GLN A 36 -9.76 -6.54 1.90
C GLN A 36 -8.46 -6.73 1.15
N TYR A 37 -7.41 -6.03 1.58
CA TYR A 37 -6.13 -6.11 0.90
C TYR A 37 -5.05 -6.73 1.76
N SER A 38 -4.33 -7.67 1.15
CA SER A 38 -3.20 -8.33 1.77
C SER A 38 -1.98 -8.17 0.86
N VAL A 39 -0.82 -8.67 1.26
CA VAL A 39 0.38 -8.58 0.44
C VAL A 39 1.06 -9.95 0.30
N TRP A 40 1.90 -10.06 -0.72
CA TRP A 40 2.54 -11.32 -1.08
C TRP A 40 3.81 -11.03 -1.88
N MET A 41 4.77 -11.93 -1.86
CA MET A 41 6.03 -11.71 -2.56
C MET A 41 5.87 -12.01 -4.06
N ASP A 42 6.41 -11.12 -4.90
CA ASP A 42 6.33 -11.28 -6.35
C ASP A 42 7.19 -12.46 -6.80
N GLY A 43 6.64 -13.27 -7.70
CA GLY A 43 7.34 -14.45 -8.19
C GLY A 43 7.00 -15.69 -7.39
N ARG A 44 6.20 -15.51 -6.35
CA ARG A 44 5.77 -16.60 -5.48
C ARG A 44 4.33 -16.99 -5.82
N SER A 45 4.11 -18.28 -6.06
CA SER A 45 2.82 -18.79 -6.49
C SER A 45 1.73 -18.59 -5.43
N LEU A 46 0.49 -18.58 -5.87
CA LEU A 46 -0.67 -18.39 -5.01
C LEU A 46 -1.66 -19.54 -5.19
N PRO A 47 -2.25 -20.03 -4.09
CA PRO A 47 -3.33 -21.01 -4.13
C PRO A 47 -4.49 -20.55 -5.01
N ALA A 48 -5.09 -21.48 -5.75
CA ALA A 48 -6.22 -21.17 -6.62
C ALA A 48 -7.32 -20.47 -5.82
N GLY A 49 -7.75 -19.32 -6.33
CA GLY A 49 -8.71 -18.50 -5.62
C GLY A 49 -8.11 -17.16 -5.23
N TRP A 50 -6.82 -17.16 -4.92
CA TRP A 50 -6.10 -15.93 -4.59
C TRP A 50 -5.77 -15.16 -5.87
N GLU A 51 -5.85 -13.83 -5.81
CA GLU A 51 -5.55 -13.00 -6.97
C GLU A 51 -4.55 -11.90 -6.59
N THR A 52 -3.80 -11.46 -7.59
CA THR A 52 -2.77 -10.44 -7.42
C THR A 52 -3.27 -9.07 -7.89
N VAL A 53 -2.69 -8.02 -7.32
CA VAL A 53 -3.11 -6.64 -7.51
C VAL A 53 -1.99 -5.70 -7.07
N GLY A 54 -2.14 -4.41 -7.34
CA GLY A 54 -1.15 -3.44 -6.91
C GLY A 54 -0.09 -3.19 -7.96
N GLU A 55 1.12 -2.89 -7.49
CA GLU A 55 2.25 -2.60 -8.36
C GLU A 55 3.52 -3.14 -7.69
N PRO A 56 4.39 -3.86 -8.43
CA PRO A 56 5.50 -4.57 -7.82
C PRO A 56 6.50 -3.63 -7.14
N ALA A 57 6.72 -3.86 -5.84
CA ALA A 57 7.56 -2.99 -5.02
C ALA A 57 7.82 -3.67 -3.69
N THR A 58 8.86 -3.25 -2.98
CA THR A 58 9.22 -3.86 -1.69
C THR A 58 8.03 -3.83 -0.73
N LYS A 59 8.03 -4.76 0.22
CA LYS A 59 6.96 -4.90 1.20
C LYS A 59 6.61 -3.56 1.83
N GLN A 60 7.66 -2.79 2.13
CA GLN A 60 7.52 -1.45 2.71
C GLN A 60 6.59 -0.57 1.86
N GLN A 61 6.85 -0.56 0.56
CA GLN A 61 6.06 0.23 -0.37
C GLN A 61 4.69 -0.40 -0.62
N CYS A 62 4.64 -1.72 -0.51
CA CYS A 62 3.41 -2.47 -0.77
C CYS A 62 2.35 -2.15 0.29
N LEU A 63 2.73 -2.25 1.58
CA LEU A 63 1.80 -1.93 2.66
C LEU A 63 1.42 -0.46 2.61
N GLN A 64 2.39 0.39 2.27
CA GLN A 64 2.15 1.81 2.10
C GLN A 64 1.10 2.04 1.04
N ARG A 65 1.20 1.31 -0.06
CA ARG A 65 0.32 1.52 -1.20
C ARG A 65 -1.14 1.26 -0.84
N ILE A 66 -1.39 0.18 -0.10
CA ILE A 66 -2.74 -0.18 0.31
C ILE A 66 -3.26 0.73 1.44
N GLU A 67 -2.38 1.09 2.38
CA GLU A 67 -2.79 1.91 3.51
C GLU A 67 -3.25 3.30 3.07
N GLN A 68 -2.54 3.89 2.11
CA GLN A 68 -2.88 5.22 1.61
C GLN A 68 -4.13 5.17 0.71
N LEU A 69 -4.77 4.00 0.66
CA LEU A 69 -6.02 3.82 -0.08
C LEU A 69 -7.23 3.80 0.86
N TRP A 70 -7.28 2.75 1.69
CA TRP A 70 -8.39 2.54 2.62
C TRP A 70 -8.17 3.31 3.92
N THR A 71 -7.02 3.09 4.53
CA THR A 71 -6.66 3.68 5.81
C THR A 71 -6.31 5.17 5.65
N ASP A 72 -6.15 5.60 4.40
CA ASP A 72 -5.67 6.95 4.06
C ASP A 72 -6.32 8.03 4.93
N MET A 73 -7.60 7.83 5.26
CA MET A 73 -8.31 8.76 6.14
C MET A 73 -7.74 8.68 7.55
N VAL A 74 -6.63 9.38 7.76
CA VAL A 74 -5.91 9.36 9.02
C VAL A 74 -5.85 10.74 9.65
N PRO A 75 -5.91 10.81 10.99
CA PRO A 75 -5.94 12.08 11.74
C PRO A 75 -4.62 12.87 11.60
N ALA A 76 -4.48 13.90 12.43
CA ALA A 76 -3.33 14.81 12.37
C ALA A 76 -2.00 14.07 12.46
N SER A 77 -2.04 12.83 12.96
CA SER A 77 -0.85 12.02 13.14
C SER A 77 -0.10 11.83 11.81
N VAL A 78 -0.82 11.98 10.69
CA VAL A 78 -0.21 11.92 9.37
C VAL A 78 0.86 13.02 9.22
N ARG A 79 0.55 14.21 9.74
CA ARG A 79 1.48 15.34 9.70
C ARG A 79 2.61 15.14 10.69
N GLU A 80 2.31 14.45 11.79
CA GLU A 80 3.27 14.22 12.86
C GLU A 80 4.34 13.21 12.45
N HIS A 81 3.91 12.11 11.85
CA HIS A 81 4.82 11.03 11.52
C HIS A 81 5.78 11.45 10.41
N LEU A 82 5.34 12.40 9.57
CA LEU A 82 6.18 12.96 8.51
C LEU A 82 6.92 14.19 9.03
N ASN A 83 7.65 13.99 10.10
CA ASN A 83 8.38 15.07 10.77
C ASN A 83 9.83 15.11 10.31
N GLN A 84 10.46 13.92 10.28
CA GLN A 84 11.81 13.74 9.75
C GLN A 84 12.88 14.30 10.72
N HIS A 85 12.44 14.87 11.82
CA HIS A 85 13.33 15.45 12.82
C HIS A 85 13.25 14.61 14.10
N SER A 86 14.32 14.63 14.90
CA SER A 86 14.36 13.90 16.17
C SER A 86 13.12 14.21 17.02
N GLY A 87 12.51 13.17 17.58
CA GLY A 87 11.32 13.33 18.38
C GLY A 87 10.34 12.18 18.12
N PRO A 88 9.57 12.25 17.02
CA PRO A 88 8.62 11.18 16.63
C PRO A 88 9.34 10.02 15.93
N GLY A 89 8.64 9.38 15.01
CA GLY A 89 9.20 8.24 14.27
C GLY A 89 8.64 6.93 14.79
N ILE A 90 8.63 6.79 16.10
CA ILE A 90 8.10 5.59 16.76
C ILE A 90 6.65 5.82 17.16
N ASP A 91 6.08 6.83 16.55
CA ASP A 91 4.70 7.23 16.79
C ASP A 91 3.76 6.48 15.85
N TYR A 92 2.46 6.60 16.10
CA TYR A 92 1.45 5.86 15.33
C TYR A 92 0.80 6.77 14.28
N ALA A 93 0.66 6.24 13.07
CA ALA A 93 0.01 6.96 11.97
C ALA A 93 -0.18 6.02 10.78
N VAL A 94 -0.57 6.58 9.65
CA VAL A 94 -0.74 5.80 8.42
C VAL A 94 0.61 5.60 7.75
N ARG A 95 0.71 4.58 6.90
CA ARG A 95 1.94 4.31 6.17
C ARG A 95 1.74 4.70 4.71
N MET A 1 -30.00 -9.24 -6.26
CA MET A 1 -30.75 -8.65 -5.12
C MET A 1 -29.99 -7.45 -4.53
N ALA A 2 -28.70 -7.36 -4.85
CA ALA A 2 -27.88 -6.23 -4.39
C ALA A 2 -27.92 -5.11 -5.43
N HIS A 3 -27.83 -3.87 -4.96
CA HIS A 3 -27.82 -2.70 -5.85
C HIS A 3 -26.53 -1.91 -5.65
N HIS A 4 -25.58 -2.50 -4.94
CA HIS A 4 -24.29 -1.88 -4.69
C HIS A 4 -23.41 -1.94 -5.94
N HIS A 5 -23.22 -0.79 -6.58
CA HIS A 5 -22.35 -0.68 -7.75
C HIS A 5 -20.95 -0.22 -7.33
N HIS A 6 -19.96 -0.51 -8.17
CA HIS A 6 -18.58 -0.11 -7.91
C HIS A 6 -17.71 -0.44 -9.12
N HIS A 7 -17.68 0.47 -10.09
CA HIS A 7 -16.94 0.24 -11.34
C HIS A 7 -15.44 0.52 -11.18
N HIS A 8 -14.73 -0.46 -10.63
CA HIS A 8 -13.27 -0.39 -10.50
C HIS A 8 -12.73 -1.63 -9.82
N MET A 9 -12.29 -2.60 -10.62
CA MET A 9 -11.77 -3.86 -10.11
C MET A 9 -10.35 -3.67 -9.59
N GLY A 10 -9.55 -2.93 -10.36
CA GLY A 10 -8.17 -2.67 -9.98
C GLY A 10 -7.34 -3.93 -9.90
N THR A 11 -6.98 -4.48 -11.05
CA THR A 11 -6.25 -5.74 -11.10
C THR A 11 -4.73 -5.50 -11.14
N LEU A 12 -4.19 -5.32 -12.36
CA LEU A 12 -2.74 -5.19 -12.55
C LEU A 12 -2.42 -3.94 -13.34
N GLU A 13 -1.12 -3.67 -13.51
CA GLU A 13 -0.64 -2.48 -14.21
C GLU A 13 0.83 -2.62 -14.56
N ALA A 14 1.44 -1.52 -15.00
CA ALA A 14 2.85 -1.51 -15.42
C ALA A 14 3.78 -1.68 -14.22
N GLN A 15 5.08 -1.53 -14.45
CA GLN A 15 6.10 -1.64 -13.41
C GLN A 15 7.09 -0.49 -13.52
N THR A 16 7.00 0.47 -12.62
CA THR A 16 7.97 1.56 -12.56
C THR A 16 9.09 1.19 -11.60
N GLN A 17 8.72 0.53 -10.49
CA GLN A 17 9.64 0.08 -9.43
C GLN A 17 10.78 1.09 -9.16
N GLY A 18 11.81 1.05 -10.00
CA GLY A 18 13.00 1.86 -9.81
C GLY A 18 14.24 1.15 -10.32
N PRO A 19 15.26 1.89 -10.78
CA PRO A 19 16.51 1.29 -11.26
C PRO A 19 17.29 0.61 -10.13
N GLY A 20 16.92 -0.65 -9.86
CA GLY A 20 17.61 -1.42 -8.83
C GLY A 20 18.71 -2.27 -9.41
N SER A 21 18.88 -3.47 -8.85
CA SER A 21 19.87 -4.43 -9.32
C SER A 21 19.78 -5.73 -8.52
N MET A 22 20.10 -5.63 -7.22
CA MET A 22 20.10 -6.78 -6.33
C MET A 22 19.46 -6.41 -4.99
N ASP A 23 18.77 -5.29 -5.00
CA ASP A 23 18.18 -4.70 -3.80
C ASP A 23 17.07 -5.59 -3.20
N ASP A 24 15.83 -5.40 -3.64
CA ASP A 24 14.70 -6.09 -3.09
C ASP A 24 14.01 -6.94 -4.15
N GLU A 25 13.64 -8.16 -3.79
CA GLU A 25 12.76 -8.98 -4.61
C GLU A 25 11.38 -8.31 -4.67
N LEU A 26 10.63 -8.57 -5.74
CA LEU A 26 9.35 -7.91 -5.94
C LEU A 26 8.27 -8.49 -5.03
N TYR A 27 7.29 -7.65 -4.71
CA TYR A 27 6.12 -8.03 -3.96
C TYR A 27 4.88 -7.58 -4.72
N PHE A 28 3.81 -8.34 -4.58
CA PHE A 28 2.52 -7.99 -5.14
C PHE A 28 1.52 -7.81 -4.00
N VAL A 29 0.43 -7.10 -4.29
CA VAL A 29 -0.64 -6.97 -3.33
C VAL A 29 -1.62 -8.09 -3.62
N VAL A 30 -2.28 -8.63 -2.60
CA VAL A 30 -3.18 -9.76 -2.81
C VAL A 30 -4.44 -9.63 -1.98
N ARG A 31 -5.47 -10.37 -2.38
CA ARG A 31 -6.73 -10.38 -1.65
C ARG A 31 -7.54 -11.62 -2.04
N ASN A 32 -8.44 -12.05 -1.14
CA ASN A 32 -9.43 -13.09 -1.50
C ASN A 32 -10.59 -13.06 -0.51
N ASN A 33 -11.81 -13.24 -1.03
CA ASN A 33 -13.05 -13.37 -0.25
C ASN A 33 -13.19 -12.36 0.94
N GLU A 34 -12.22 -11.44 1.08
CA GLU A 34 -12.18 -10.55 2.25
C GLU A 34 -12.45 -9.10 1.86
N GLY A 35 -12.05 -8.73 0.65
CA GLY A 35 -12.28 -7.38 0.16
C GLY A 35 -11.19 -6.41 0.52
N GLN A 36 -10.43 -6.72 1.58
CA GLN A 36 -9.34 -5.85 2.04
C GLN A 36 -8.06 -6.17 1.29
N TYR A 37 -7.02 -5.38 1.52
CA TYR A 37 -5.75 -5.53 0.82
C TYR A 37 -4.67 -6.14 1.71
N SER A 38 -3.87 -7.03 1.13
CA SER A 38 -2.70 -7.57 1.79
C SER A 38 -1.52 -7.57 0.82
N VAL A 39 -0.35 -8.02 1.26
CA VAL A 39 0.82 -8.12 0.39
C VAL A 39 1.36 -9.55 0.39
N TRP A 40 2.11 -9.88 -0.65
CA TRP A 40 2.60 -11.24 -0.87
C TRP A 40 3.82 -11.19 -1.78
N MET A 41 4.83 -12.00 -1.49
CA MET A 41 6.08 -11.96 -2.25
C MET A 41 5.86 -12.46 -3.69
N ASP A 42 6.23 -11.63 -4.66
CA ASP A 42 6.08 -12.00 -6.07
C ASP A 42 7.03 -13.13 -6.43
N GLY A 43 6.50 -14.15 -7.07
CA GLY A 43 7.27 -15.35 -7.37
C GLY A 43 6.80 -16.52 -6.52
N ARG A 44 5.94 -16.23 -5.56
CA ARG A 44 5.35 -17.27 -4.72
C ARG A 44 3.88 -17.47 -5.12
N SER A 45 3.59 -18.62 -5.71
CA SER A 45 2.27 -18.89 -6.28
C SER A 45 1.18 -18.96 -5.21
N LEU A 46 0.02 -18.42 -5.57
CA LEU A 46 -1.14 -18.38 -4.68
C LEU A 46 -2.08 -19.55 -4.95
N PRO A 47 -2.82 -19.98 -3.91
CA PRO A 47 -3.84 -21.02 -4.05
C PRO A 47 -5.13 -20.47 -4.67
N ALA A 48 -5.87 -21.35 -5.36
CA ALA A 48 -7.09 -20.98 -6.04
C ALA A 48 -8.04 -20.20 -5.12
N GLY A 49 -8.46 -19.04 -5.58
CA GLY A 49 -9.29 -18.16 -4.78
C GLY A 49 -8.58 -16.85 -4.46
N TRP A 50 -7.27 -16.94 -4.27
CA TRP A 50 -6.47 -15.75 -3.99
C TRP A 50 -6.09 -15.04 -5.29
N GLU A 51 -6.10 -13.72 -5.26
CA GLU A 51 -5.79 -12.93 -6.46
C GLU A 51 -4.73 -11.89 -6.16
N THR A 52 -3.92 -11.61 -7.19
CA THR A 52 -2.85 -10.63 -7.12
C THR A 52 -3.29 -9.31 -7.73
N VAL A 53 -2.71 -8.22 -7.24
CA VAL A 53 -3.12 -6.87 -7.58
C VAL A 53 -1.99 -5.87 -7.36
N GLY A 54 -2.07 -4.76 -8.09
CA GLY A 54 -1.14 -3.66 -7.93
C GLY A 54 0.04 -3.75 -8.89
N GLU A 55 1.11 -3.06 -8.54
CA GLU A 55 2.37 -3.13 -9.26
C GLU A 55 3.36 -3.98 -8.46
N PRO A 56 4.06 -4.94 -9.09
CA PRO A 56 5.08 -5.72 -8.40
C PRO A 56 6.29 -4.84 -8.08
N ALA A 57 6.49 -4.57 -6.80
CA ALA A 57 7.50 -3.61 -6.35
C ALA A 57 8.06 -4.04 -5.00
N THR A 58 9.11 -3.35 -4.55
CA THR A 58 9.74 -3.65 -3.27
C THR A 58 8.73 -3.59 -2.11
N LYS A 59 9.04 -4.31 -1.03
CA LYS A 59 8.16 -4.39 0.15
C LYS A 59 7.71 -2.99 0.60
N GLN A 60 8.66 -2.06 0.63
CA GLN A 60 8.37 -0.67 1.00
C GLN A 60 7.22 -0.11 0.14
N GLN A 61 7.34 -0.25 -1.18
CA GLN A 61 6.32 0.28 -2.09
C GLN A 61 5.02 -0.52 -1.96
N CYS A 62 5.15 -1.80 -1.63
CA CYS A 62 3.99 -2.67 -1.50
C CYS A 62 3.07 -2.19 -0.36
N LEU A 63 3.67 -1.94 0.82
CA LEU A 63 2.91 -1.39 1.94
C LEU A 63 2.50 0.04 1.63
N GLN A 64 3.45 0.83 1.14
CA GLN A 64 3.24 2.26 0.89
C GLN A 64 2.06 2.48 -0.06
N ARG A 65 1.87 1.55 -0.97
CA ARG A 65 0.78 1.64 -1.94
C ARG A 65 -0.58 1.45 -1.29
N ILE A 66 -0.75 0.35 -0.57
CA ILE A 66 -2.07 -0.02 -0.01
C ILE A 66 -2.49 0.92 1.12
N GLU A 67 -1.52 1.32 1.93
CA GLU A 67 -1.80 2.15 3.09
C GLU A 67 -2.20 3.56 2.67
N GLN A 68 -1.58 4.09 1.62
CA GLN A 68 -1.89 5.43 1.13
C GLN A 68 -3.15 5.41 0.24
N LEU A 69 -3.75 4.24 0.10
CA LEU A 69 -4.99 4.07 -0.65
C LEU A 69 -6.17 3.91 0.30
N TRP A 70 -6.17 2.79 1.03
CA TRP A 70 -7.27 2.43 1.93
C TRP A 70 -7.10 3.09 3.30
N THR A 71 -5.93 2.88 3.90
CA THR A 71 -5.62 3.39 5.22
C THR A 71 -5.32 4.89 5.19
N ASP A 72 -5.18 5.44 3.99
CA ASP A 72 -4.72 6.82 3.77
C ASP A 72 -5.39 7.81 4.71
N MET A 73 -6.65 7.53 5.06
CA MET A 73 -7.40 8.35 6.00
C MET A 73 -6.78 8.26 7.39
N VAL A 74 -5.68 8.99 7.57
CA VAL A 74 -4.95 9.01 8.81
C VAL A 74 -5.71 9.83 9.87
N PRO A 75 -5.83 9.29 11.10
CA PRO A 75 -6.49 9.98 12.22
C PRO A 75 -5.70 11.21 12.68
N ALA A 76 -5.94 11.65 13.92
CA ALA A 76 -5.26 12.82 14.49
C ALA A 76 -3.74 12.67 14.39
N SER A 77 -3.27 11.43 14.31
CA SER A 77 -1.84 11.14 14.17
C SER A 77 -1.26 11.78 12.90
N VAL A 78 -2.12 12.34 12.05
CA VAL A 78 -1.66 13.10 10.89
C VAL A 78 -0.71 14.20 11.34
N ARG A 79 -1.08 14.89 12.42
CA ARG A 79 -0.25 15.93 13.00
C ARG A 79 1.03 15.33 13.56
N GLU A 80 0.92 14.11 14.05
CA GLU A 80 2.03 13.40 14.67
C GLU A 80 3.01 12.86 13.63
N HIS A 81 2.48 12.55 12.44
CA HIS A 81 3.28 11.95 11.38
C HIS A 81 4.00 13.03 10.56
N LEU A 82 3.44 14.24 10.57
CA LEU A 82 4.03 15.36 9.84
C LEU A 82 4.82 16.27 10.78
N ASN A 83 4.22 16.62 11.91
CA ASN A 83 4.84 17.54 12.88
C ASN A 83 5.50 16.75 14.00
N GLN A 84 6.55 17.33 14.58
CA GLN A 84 7.24 16.71 15.69
C GLN A 84 6.36 16.71 16.94
N HIS A 85 5.61 15.64 17.12
CA HIS A 85 4.71 15.50 18.26
C HIS A 85 5.46 15.56 19.59
N SER A 86 5.58 16.76 20.13
CA SER A 86 6.23 16.95 21.42
C SER A 86 5.28 16.50 22.54
N GLY A 87 5.32 15.22 22.84
CA GLY A 87 4.47 14.66 23.89
C GLY A 87 4.15 13.19 23.63
N PRO A 88 2.85 12.82 23.62
CA PRO A 88 2.42 11.43 23.46
C PRO A 88 2.74 10.88 22.06
N GLY A 89 2.58 9.56 21.90
CA GLY A 89 2.89 8.92 20.63
C GLY A 89 1.90 7.83 20.29
N ILE A 90 0.93 8.17 19.42
CA ILE A 90 -0.08 7.21 19.00
C ILE A 90 0.21 6.76 17.57
N ASP A 91 1.13 5.81 17.46
CA ASP A 91 1.65 5.34 16.17
C ASP A 91 0.63 4.49 15.41
N TYR A 92 -0.59 4.44 15.93
CA TYR A 92 -1.66 3.67 15.32
C TYR A 92 -2.27 4.46 14.16
N ALA A 93 -1.52 4.55 13.08
CA ALA A 93 -1.93 5.29 11.88
C ALA A 93 -1.31 4.67 10.64
N VAL A 94 -1.31 5.42 9.54
CA VAL A 94 -0.69 4.96 8.30
C VAL A 94 0.84 5.06 8.41
N ARG A 95 1.52 4.02 7.93
CA ARG A 95 2.98 3.93 8.03
C ARG A 95 3.65 5.05 7.24
N MET A 1 -35.52 -6.46 -3.11
CA MET A 1 -34.20 -6.75 -3.70
C MET A 1 -33.14 -5.88 -3.03
N ALA A 2 -31.89 -6.01 -3.48
CA ALA A 2 -30.81 -5.20 -2.96
C ALA A 2 -30.93 -3.76 -3.46
N HIS A 3 -31.63 -2.93 -2.69
CA HIS A 3 -31.85 -1.53 -3.04
C HIS A 3 -30.51 -0.79 -3.15
N HIS A 4 -29.63 -1.04 -2.18
CA HIS A 4 -28.30 -0.43 -2.17
C HIS A 4 -27.29 -1.37 -2.84
N HIS A 5 -27.70 -1.97 -3.96
CA HIS A 5 -26.83 -2.86 -4.72
C HIS A 5 -25.55 -2.14 -5.14
N HIS A 6 -24.44 -2.87 -5.13
CA HIS A 6 -23.14 -2.30 -5.44
C HIS A 6 -22.23 -3.40 -5.98
N HIS A 7 -20.97 -3.08 -6.23
CA HIS A 7 -20.01 -4.05 -6.76
C HIS A 7 -18.68 -3.97 -6.02
N HIS A 8 -17.85 -3.00 -6.40
CA HIS A 8 -16.51 -2.86 -5.84
C HIS A 8 -15.82 -1.61 -6.41
N MET A 9 -15.39 -0.72 -5.52
CA MET A 9 -14.68 0.48 -5.95
C MET A 9 -13.21 0.15 -6.24
N GLY A 10 -12.55 -0.46 -5.27
CA GLY A 10 -11.14 -0.81 -5.42
C GLY A 10 -10.93 -2.06 -6.24
N THR A 11 -10.31 -1.91 -7.39
CA THR A 11 -9.95 -3.04 -8.24
C THR A 11 -8.42 -3.13 -8.37
N LEU A 12 -7.85 -2.12 -9.01
CA LEU A 12 -6.42 -1.99 -9.16
C LEU A 12 -5.95 -0.72 -8.45
N GLU A 13 -4.77 -0.23 -8.80
CA GLU A 13 -4.26 1.03 -8.28
C GLU A 13 -4.41 2.11 -9.34
N ALA A 14 -3.75 3.25 -9.13
CA ALA A 14 -3.72 4.31 -10.13
C ALA A 14 -2.98 3.85 -11.38
N GLN A 15 -2.28 2.71 -11.23
CA GLN A 15 -1.52 2.08 -12.30
C GLN A 15 -0.34 2.96 -12.68
N THR A 16 0.69 2.89 -11.84
CA THR A 16 1.84 3.76 -11.96
C THR A 16 3.00 3.07 -12.68
N GLN A 17 2.82 1.77 -12.93
CA GLN A 17 3.89 0.90 -13.46
C GLN A 17 5.22 1.21 -12.78
N GLY A 18 5.17 1.27 -11.44
CA GLY A 18 6.35 1.56 -10.66
C GLY A 18 7.50 0.61 -10.93
N PRO A 19 8.75 1.09 -10.80
CA PRO A 19 9.94 0.28 -11.08
C PRO A 19 10.27 -0.70 -9.96
N GLY A 20 9.83 -0.37 -8.75
CA GLY A 20 10.17 -1.15 -7.58
C GLY A 20 11.66 -1.13 -7.31
N SER A 21 12.26 0.04 -7.49
CA SER A 21 13.71 0.20 -7.32
C SER A 21 14.09 0.25 -5.85
N MET A 22 15.39 0.44 -5.58
CA MET A 22 15.93 0.44 -4.22
C MET A 22 15.71 -0.91 -3.54
N ASP A 23 15.54 -1.94 -4.37
CA ASP A 23 15.34 -3.31 -3.90
C ASP A 23 15.40 -4.25 -5.11
N ASP A 24 15.04 -5.52 -4.93
CA ASP A 24 15.06 -6.50 -6.03
C ASP A 24 13.79 -7.34 -5.99
N GLU A 25 13.60 -8.07 -4.90
CA GLU A 25 12.49 -8.99 -4.75
C GLU A 25 11.22 -8.24 -4.35
N LEU A 26 10.38 -7.93 -5.33
CA LEU A 26 9.21 -7.12 -5.10
C LEU A 26 8.05 -7.95 -4.55
N TYR A 27 7.06 -7.22 -4.08
CA TYR A 27 5.83 -7.79 -3.58
C TYR A 27 4.67 -7.29 -4.41
N PHE A 28 3.63 -8.11 -4.52
CA PHE A 28 2.36 -7.69 -5.06
C PHE A 28 1.35 -7.60 -3.94
N VAL A 29 0.24 -6.93 -4.20
CA VAL A 29 -0.85 -6.88 -3.26
C VAL A 29 -1.79 -8.02 -3.60
N VAL A 30 -2.29 -8.74 -2.60
CA VAL A 30 -3.11 -9.92 -2.86
C VAL A 30 -4.29 -10.00 -1.90
N ARG A 31 -5.26 -10.85 -2.23
CA ARG A 31 -6.42 -11.09 -1.37
C ARG A 31 -7.22 -12.29 -1.87
N ASN A 32 -8.17 -12.75 -1.07
CA ASN A 32 -9.13 -13.76 -1.54
C ASN A 32 -10.42 -13.69 -0.71
N ASN A 33 -11.56 -13.82 -1.38
CA ASN A 33 -12.90 -13.92 -0.73
C ASN A 33 -13.15 -12.84 0.35
N GLU A 34 -12.20 -11.91 0.53
CA GLU A 34 -12.23 -10.99 1.67
C GLU A 34 -12.50 -9.55 1.24
N GLY A 35 -12.03 -9.20 0.04
CA GLY A 35 -12.15 -7.83 -0.44
C GLY A 35 -11.09 -6.90 0.15
N GLN A 36 -10.55 -7.27 1.30
CA GLN A 36 -9.47 -6.50 1.94
C GLN A 36 -8.17 -6.69 1.19
N TYR A 37 -7.12 -5.95 1.59
CA TYR A 37 -5.85 -6.00 0.88
C TYR A 37 -4.71 -6.42 1.80
N SER A 38 -3.91 -7.37 1.31
CA SER A 38 -2.66 -7.74 1.97
C SER A 38 -1.52 -7.72 0.95
N VAL A 39 -0.30 -7.97 1.40
CA VAL A 39 0.85 -7.99 0.49
C VAL A 39 1.52 -9.38 0.49
N TRP A 40 2.10 -9.73 -0.65
CA TRP A 40 2.61 -11.07 -0.89
C TRP A 40 3.82 -11.01 -1.83
N MET A 41 4.85 -11.78 -1.52
CA MET A 41 6.08 -11.77 -2.31
C MET A 41 5.82 -12.23 -3.75
N ASP A 42 6.20 -11.41 -4.73
CA ASP A 42 6.01 -11.75 -6.14
C ASP A 42 6.82 -12.99 -6.49
N GLY A 43 6.28 -13.82 -7.37
CA GLY A 43 6.92 -15.08 -7.70
C GLY A 43 6.33 -16.22 -6.89
N ARG A 44 5.97 -15.92 -5.65
CA ARG A 44 5.35 -16.90 -4.76
C ARG A 44 3.94 -17.20 -5.28
N SER A 45 3.82 -18.28 -6.05
CA SER A 45 2.58 -18.60 -6.75
C SER A 45 1.43 -18.85 -5.78
N LEU A 46 0.35 -18.12 -6.01
CA LEU A 46 -0.86 -18.23 -5.19
C LEU A 46 -1.76 -19.37 -5.68
N PRO A 47 -2.49 -20.01 -4.77
CA PRO A 47 -3.44 -21.06 -5.11
C PRO A 47 -4.76 -20.50 -5.65
N ALA A 48 -5.51 -21.33 -6.37
CA ALA A 48 -6.77 -20.91 -6.98
C ALA A 48 -7.71 -20.31 -5.93
N GLY A 49 -8.18 -19.10 -6.22
CA GLY A 49 -8.99 -18.36 -5.26
C GLY A 49 -8.30 -17.10 -4.81
N TRP A 50 -6.98 -17.15 -4.69
CA TRP A 50 -6.19 -15.99 -4.31
C TRP A 50 -5.90 -15.14 -5.54
N GLU A 51 -6.08 -13.82 -5.40
CA GLU A 51 -5.91 -12.89 -6.51
C GLU A 51 -4.80 -11.89 -6.21
N THR A 52 -4.11 -11.49 -7.27
CA THR A 52 -3.02 -10.51 -7.20
C THR A 52 -3.48 -9.17 -7.74
N VAL A 53 -2.80 -8.10 -7.31
CA VAL A 53 -3.21 -6.73 -7.62
C VAL A 53 -2.08 -5.73 -7.34
N GLY A 54 -2.18 -4.58 -8.01
CA GLY A 54 -1.21 -3.51 -7.84
C GLY A 54 -0.03 -3.68 -8.76
N GLU A 55 0.97 -2.82 -8.59
CA GLU A 55 2.24 -2.92 -9.30
C GLU A 55 3.30 -3.45 -8.33
N PRO A 56 4.26 -4.27 -8.82
CA PRO A 56 5.25 -4.90 -7.94
C PRO A 56 6.18 -3.88 -7.28
N ALA A 57 6.48 -4.12 -6.00
CA ALA A 57 7.26 -3.19 -5.19
C ALA A 57 7.61 -3.84 -3.86
N THR A 58 8.77 -3.51 -3.30
CA THR A 58 9.24 -4.15 -2.07
C THR A 58 8.26 -3.92 -0.91
N LYS A 59 8.46 -4.65 0.19
CA LYS A 59 7.55 -4.64 1.34
C LYS A 59 7.11 -3.22 1.71
N GLN A 60 8.07 -2.33 1.88
CA GLN A 60 7.79 -0.94 2.28
C GLN A 60 6.81 -0.27 1.31
N GLN A 61 7.08 -0.40 0.02
CA GLN A 61 6.28 0.27 -1.01
C GLN A 61 4.94 -0.45 -1.20
N CYS A 62 4.94 -1.77 -1.06
CA CYS A 62 3.74 -2.58 -1.22
C CYS A 62 2.73 -2.25 -0.11
N LEU A 63 3.20 -2.18 1.13
CA LEU A 63 2.33 -1.81 2.25
C LEU A 63 1.90 -0.35 2.11
N GLN A 64 2.85 0.53 1.78
CA GLN A 64 2.56 1.95 1.62
C GLN A 64 1.44 2.13 0.59
N ARG A 65 1.47 1.31 -0.44
CA ARG A 65 0.48 1.36 -1.50
C ARG A 65 -0.94 1.18 -0.95
N ILE A 66 -1.15 0.11 -0.19
CA ILE A 66 -2.48 -0.23 0.31
C ILE A 66 -2.91 0.70 1.45
N GLU A 67 -1.95 1.12 2.26
CA GLU A 67 -2.24 2.00 3.38
C GLU A 67 -2.76 3.35 2.88
N GLN A 68 -2.13 3.87 1.83
CA GLN A 68 -2.54 5.15 1.25
C GLN A 68 -3.83 5.01 0.43
N LEU A 69 -4.42 3.82 0.46
CA LEU A 69 -5.69 3.55 -0.20
C LEU A 69 -6.84 3.51 0.80
N TRP A 70 -6.79 2.51 1.70
CA TRP A 70 -7.84 2.32 2.71
C TRP A 70 -7.59 3.19 3.94
N THR A 71 -6.39 3.08 4.48
CA THR A 71 -5.99 3.81 5.69
C THR A 71 -5.77 5.29 5.39
N ASP A 72 -5.75 5.63 4.09
CA ASP A 72 -5.41 6.98 3.60
C ASP A 72 -6.06 8.08 4.44
N MET A 73 -7.30 7.83 4.88
CA MET A 73 -8.02 8.76 5.75
C MET A 73 -7.29 8.89 7.09
N VAL A 74 -6.23 9.68 7.09
CA VAL A 74 -5.39 9.85 8.27
C VAL A 74 -5.78 11.10 9.05
N PRO A 75 -5.87 10.98 10.39
CA PRO A 75 -6.19 12.12 11.26
C PRO A 75 -4.96 13.02 11.48
N ALA A 76 -5.01 13.84 12.53
CA ALA A 76 -3.91 14.77 12.87
C ALA A 76 -2.57 14.03 12.99
N SER A 77 -2.63 12.71 13.17
CA SER A 77 -1.45 11.86 13.25
C SER A 77 -0.52 12.10 12.06
N VAL A 78 -1.07 12.51 10.91
CA VAL A 78 -0.26 12.80 9.73
C VAL A 78 0.75 13.91 10.04
N ARG A 79 0.30 14.93 10.78
CA ARG A 79 1.15 16.03 11.17
C ARG A 79 2.14 15.60 12.25
N GLU A 80 1.69 14.70 13.13
CA GLU A 80 2.54 14.13 14.16
C GLU A 80 3.65 13.29 13.50
N HIS A 81 3.32 12.69 12.37
CA HIS A 81 4.25 11.88 11.59
C HIS A 81 5.25 12.76 10.85
N LEU A 82 4.88 14.03 10.68
CA LEU A 82 5.72 14.98 9.94
C LEU A 82 6.65 15.72 10.91
N ASN A 83 6.07 16.13 12.03
CA ASN A 83 6.79 16.94 13.03
C ASN A 83 8.02 16.21 13.56
N GLN A 84 9.20 16.72 13.22
CA GLN A 84 10.46 16.18 13.71
C GLN A 84 11.49 17.28 13.81
N HIS A 85 12.31 17.25 14.86
CA HIS A 85 13.38 18.22 15.04
C HIS A 85 14.72 17.49 15.02
N SER A 86 15.23 17.29 13.80
CA SER A 86 16.40 16.45 13.55
C SER A 86 16.05 14.98 13.83
N GLY A 87 15.81 14.65 15.10
CA GLY A 87 15.37 13.32 15.47
C GLY A 87 13.90 13.11 15.19
N PRO A 88 13.47 11.88 14.89
CA PRO A 88 12.06 11.57 14.60
C PRO A 88 11.25 11.27 15.87
N GLY A 89 10.34 12.18 16.21
CA GLY A 89 9.43 11.94 17.32
C GLY A 89 8.00 11.76 16.80
N ILE A 90 7.87 10.87 15.82
CA ILE A 90 6.64 10.74 15.05
C ILE A 90 5.68 9.73 15.68
N ASP A 91 4.47 9.67 15.13
CA ASP A 91 3.46 8.71 15.57
C ASP A 91 3.10 7.77 14.42
N TYR A 92 2.46 6.64 14.75
CA TYR A 92 2.13 5.62 13.76
C TYR A 92 0.89 6.04 12.96
N ALA A 93 1.10 6.97 12.04
CA ALA A 93 0.05 7.42 11.13
C ALA A 93 -0.09 6.44 9.98
N VAL A 94 -0.72 6.87 8.89
CA VAL A 94 -0.81 6.07 7.68
C VAL A 94 0.59 5.78 7.15
N ARG A 95 0.84 4.53 6.78
CA ARG A 95 2.17 4.09 6.37
C ARG A 95 2.49 4.61 4.97
N MET A 1 -14.06 15.20 12.87
CA MET A 1 -13.28 15.99 11.89
C MET A 1 -12.21 15.13 11.21
N ALA A 2 -12.10 13.87 11.65
CA ALA A 2 -11.09 12.95 11.11
C ALA A 2 -11.37 12.62 9.65
N HIS A 3 -12.62 12.30 9.35
CA HIS A 3 -13.02 11.87 8.00
C HIS A 3 -13.25 13.08 7.10
N HIS A 4 -12.34 13.29 6.15
CA HIS A 4 -12.50 14.35 5.15
C HIS A 4 -12.25 13.78 3.75
N HIS A 5 -10.99 13.73 3.32
CA HIS A 5 -10.65 13.10 2.05
C HIS A 5 -11.01 11.63 2.10
N HIS A 6 -11.66 11.13 1.05
CA HIS A 6 -12.22 9.79 1.07
C HIS A 6 -12.09 9.11 -0.29
N HIS A 7 -11.23 8.10 -0.34
CA HIS A 7 -11.12 7.21 -1.49
C HIS A 7 -12.48 6.59 -1.82
N HIS A 8 -12.92 6.72 -3.06
CA HIS A 8 -14.18 6.13 -3.50
C HIS A 8 -13.89 4.87 -4.33
N MET A 9 -13.37 5.08 -5.54
CA MET A 9 -13.00 4.01 -6.46
C MET A 9 -12.53 4.62 -7.78
N GLY A 10 -11.21 4.78 -7.93
CA GLY A 10 -10.66 5.42 -9.11
C GLY A 10 -9.68 4.54 -9.86
N THR A 11 -8.41 4.93 -9.84
CA THR A 11 -7.37 4.16 -10.52
C THR A 11 -6.89 3.01 -9.63
N LEU A 12 -6.73 1.84 -10.25
CA LEU A 12 -6.30 0.64 -9.53
C LEU A 12 -4.88 0.82 -9.00
N GLU A 13 -4.03 1.48 -9.80
CA GLU A 13 -2.65 1.75 -9.41
C GLU A 13 -2.46 3.25 -9.11
N ALA A 14 -1.24 3.64 -8.78
CA ALA A 14 -0.91 5.01 -8.43
C ALA A 14 0.57 5.27 -8.67
N GLN A 15 1.08 6.38 -8.14
CA GLN A 15 2.50 6.72 -8.27
C GLN A 15 3.29 6.10 -7.14
N THR A 16 3.80 4.89 -7.36
CA THR A 16 4.68 4.25 -6.41
C THR A 16 6.04 4.96 -6.40
N GLN A 17 6.18 5.90 -5.47
CA GLN A 17 7.35 6.78 -5.42
C GLN A 17 8.01 6.75 -4.04
N GLY A 18 9.15 7.41 -3.92
CA GLY A 18 9.87 7.46 -2.67
C GLY A 18 11.17 6.66 -2.73
N PRO A 19 11.88 6.51 -1.60
CA PRO A 19 13.15 5.77 -1.55
C PRO A 19 12.97 4.31 -1.97
N GLY A 20 13.59 3.95 -3.10
CA GLY A 20 13.52 2.59 -3.59
C GLY A 20 14.39 1.65 -2.80
N SER A 21 13.98 1.37 -1.56
CA SER A 21 14.71 0.47 -0.67
C SER A 21 14.55 -0.97 -1.14
N MET A 22 15.56 -1.48 -1.84
CA MET A 22 15.53 -2.83 -2.39
C MET A 22 16.10 -3.84 -1.40
N ASP A 23 16.27 -3.39 -0.17
CA ASP A 23 16.76 -4.24 0.92
C ASP A 23 15.81 -5.42 1.14
N ASP A 24 14.53 -5.20 0.84
CA ASP A 24 13.54 -6.26 0.86
C ASP A 24 13.02 -6.46 -0.57
N GLU A 25 12.72 -7.70 -0.93
CA GLU A 25 12.39 -8.06 -2.30
C GLU A 25 11.04 -7.50 -2.74
N LEU A 26 10.62 -7.84 -3.95
CA LEU A 26 9.38 -7.32 -4.52
C LEU A 26 8.16 -7.92 -3.82
N TYR A 27 7.10 -7.13 -3.76
CA TYR A 27 5.83 -7.55 -3.20
C TYR A 27 4.70 -7.12 -4.13
N PHE A 28 3.59 -7.83 -4.03
CA PHE A 28 2.35 -7.49 -4.71
C PHE A 28 1.25 -7.29 -3.67
N VAL A 29 0.18 -6.60 -4.03
CA VAL A 29 -0.95 -6.45 -3.14
C VAL A 29 -1.92 -7.58 -3.43
N VAL A 30 -2.29 -8.34 -2.41
CA VAL A 30 -3.14 -9.51 -2.62
C VAL A 30 -4.26 -9.55 -1.61
N ARG A 31 -5.24 -10.41 -1.88
CA ARG A 31 -6.32 -10.64 -0.94
C ARG A 31 -7.10 -11.90 -1.32
N ASN A 32 -7.85 -12.43 -0.36
CA ASN A 32 -8.78 -13.52 -0.66
C ASN A 32 -9.96 -13.49 0.30
N ASN A 33 -11.15 -13.76 -0.24
CA ASN A 33 -12.41 -13.87 0.51
C ASN A 33 -12.61 -12.75 1.57
N GLU A 34 -11.76 -11.72 1.57
CA GLU A 34 -11.75 -10.71 2.63
C GLU A 34 -12.20 -9.34 2.11
N GLY A 35 -11.89 -9.08 0.85
CA GLY A 35 -12.25 -7.80 0.23
C GLY A 35 -11.30 -6.67 0.61
N GLN A 36 -10.61 -6.80 1.75
CA GLN A 36 -9.62 -5.81 2.17
C GLN A 36 -8.26 -6.15 1.56
N TYR A 37 -7.27 -5.29 1.73
CA TYR A 37 -6.00 -5.44 1.05
C TYR A 37 -4.88 -5.89 1.96
N SER A 38 -4.08 -6.81 1.42
CA SER A 38 -2.87 -7.30 2.07
C SER A 38 -1.73 -7.35 1.05
N VAL A 39 -0.55 -7.79 1.47
CA VAL A 39 0.60 -7.87 0.55
C VAL A 39 1.18 -9.29 0.51
N TRP A 40 1.90 -9.59 -0.57
CA TRP A 40 2.44 -10.92 -0.82
C TRP A 40 3.82 -10.80 -1.43
N MET A 41 4.72 -11.70 -1.08
CA MET A 41 6.10 -11.63 -1.55
C MET A 41 6.21 -12.22 -2.96
N ASP A 42 6.79 -11.46 -3.88
CA ASP A 42 6.92 -11.88 -5.28
C ASP A 42 7.78 -13.14 -5.40
N GLY A 43 7.60 -13.87 -6.49
CA GLY A 43 8.39 -15.07 -6.74
C GLY A 43 7.68 -16.34 -6.31
N ARG A 44 6.39 -16.21 -5.98
CA ARG A 44 5.59 -17.36 -5.56
C ARG A 44 4.12 -17.13 -5.93
N SER A 45 3.52 -18.12 -6.58
CA SER A 45 2.17 -18.02 -7.11
C SER A 45 1.13 -18.25 -6.03
N LEU A 46 -0.04 -17.67 -6.23
CA LEU A 46 -1.14 -17.75 -5.29
C LEU A 46 -2.09 -18.88 -5.68
N PRO A 47 -2.70 -19.55 -4.68
CA PRO A 47 -3.68 -20.60 -4.91
C PRO A 47 -5.09 -20.05 -5.17
N ALA A 48 -5.97 -20.94 -5.62
CA ALA A 48 -7.36 -20.59 -5.93
C ALA A 48 -8.00 -19.84 -4.76
N GLY A 49 -8.61 -18.71 -5.06
CA GLY A 49 -9.22 -17.88 -4.02
C GLY A 49 -8.44 -16.60 -3.82
N TRP A 50 -7.13 -16.65 -4.01
CA TRP A 50 -6.27 -15.48 -3.81
C TRP A 50 -6.17 -14.67 -5.11
N GLU A 51 -6.17 -13.35 -4.98
CA GLU A 51 -6.05 -12.45 -6.12
C GLU A 51 -4.95 -11.41 -5.86
N THR A 52 -4.39 -10.91 -6.96
CA THR A 52 -3.27 -9.96 -6.94
C THR A 52 -3.68 -8.60 -7.49
N VAL A 53 -2.89 -7.57 -7.16
CA VAL A 53 -3.12 -6.19 -7.61
C VAL A 53 -1.88 -5.33 -7.36
N GLY A 54 -1.70 -4.34 -8.24
CA GLY A 54 -0.67 -3.33 -8.07
C GLY A 54 0.47 -3.48 -9.05
N GLU A 55 1.52 -2.69 -8.83
CA GLU A 55 2.79 -2.82 -9.55
C GLU A 55 3.79 -3.50 -8.61
N PRO A 56 4.49 -4.58 -9.05
CA PRO A 56 5.44 -5.27 -8.18
C PRO A 56 6.52 -4.32 -7.67
N ALA A 57 6.63 -4.24 -6.34
CA ALA A 57 7.51 -3.26 -5.70
C ALA A 57 7.83 -3.69 -4.28
N THR A 58 8.93 -3.19 -3.73
CA THR A 58 9.38 -3.58 -2.39
C THR A 58 8.27 -3.31 -1.36
N LYS A 59 8.28 -4.09 -0.27
CA LYS A 59 7.24 -4.04 0.75
C LYS A 59 6.92 -2.60 1.18
N GLN A 60 7.95 -1.80 1.35
CA GLN A 60 7.80 -0.39 1.71
C GLN A 60 6.86 0.34 0.74
N GLN A 61 7.05 0.09 -0.55
CA GLN A 61 6.21 0.68 -1.59
C GLN A 61 4.83 0.00 -1.62
N CYS A 62 4.84 -1.32 -1.44
CA CYS A 62 3.63 -2.12 -1.53
C CYS A 62 2.64 -1.71 -0.44
N LEU A 63 3.14 -1.51 0.79
CA LEU A 63 2.30 -1.07 1.89
C LEU A 63 1.84 0.37 1.63
N GLN A 64 2.73 1.19 1.05
CA GLN A 64 2.36 2.55 0.66
C GLN A 64 1.14 2.50 -0.24
N ARG A 65 1.16 1.57 -1.20
CA ARG A 65 0.10 1.46 -2.18
C ARG A 65 -1.26 1.30 -1.52
N ILE A 66 -1.37 0.33 -0.62
CA ILE A 66 -2.65 0.04 0.02
C ILE A 66 -3.05 1.13 1.01
N GLU A 67 -2.07 1.71 1.71
CA GLU A 67 -2.33 2.78 2.67
C GLU A 67 -2.84 4.03 1.95
N GLN A 68 -2.35 4.23 0.73
CA GLN A 68 -2.77 5.39 -0.09
C GLN A 68 -4.12 5.14 -0.77
N LEU A 69 -4.51 3.87 -0.89
CA LEU A 69 -5.74 3.51 -1.61
C LEU A 69 -6.89 3.16 -0.66
N TRP A 70 -6.72 2.06 0.06
CA TRP A 70 -7.79 1.50 0.90
C TRP A 70 -7.80 2.16 2.26
N THR A 71 -6.62 2.29 2.83
CA THR A 71 -6.45 2.84 4.16
C THR A 71 -6.42 4.38 4.11
N ASP A 72 -6.34 4.93 2.89
CA ASP A 72 -6.12 6.37 2.63
C ASP A 72 -6.87 7.31 3.57
N MET A 73 -8.04 6.91 4.07
CA MET A 73 -8.80 7.78 4.95
C MET A 73 -8.07 7.96 6.28
N VAL A 74 -7.05 8.83 6.26
CA VAL A 74 -6.18 9.06 7.41
C VAL A 74 -6.49 10.39 8.09
N PRO A 75 -6.57 10.39 9.45
CA PRO A 75 -6.73 11.60 10.24
C PRO A 75 -5.37 12.25 10.56
N ALA A 76 -5.29 12.95 11.69
CA ALA A 76 -4.07 13.65 12.10
C ALA A 76 -2.89 12.68 12.31
N SER A 77 -3.19 11.38 12.31
CA SER A 77 -2.17 10.34 12.50
C SER A 77 -1.05 10.48 11.46
N VAL A 78 -1.35 11.15 10.34
CA VAL A 78 -0.36 11.36 9.29
C VAL A 78 0.90 12.05 9.84
N ARG A 79 0.70 13.16 10.55
CA ARG A 79 1.82 13.93 11.11
C ARG A 79 2.43 13.19 12.30
N GLU A 80 1.65 12.28 12.89
CA GLU A 80 2.14 11.48 14.01
C GLU A 80 3.05 10.36 13.50
N HIS A 81 3.02 10.14 12.18
CA HIS A 81 3.90 9.16 11.54
C HIS A 81 5.06 9.85 10.86
N LEU A 82 4.74 10.83 10.01
CA LEU A 82 5.73 11.54 9.21
C LEU A 82 6.25 12.77 9.96
N ASN A 83 7.24 13.45 9.38
CA ASN A 83 7.75 14.69 9.92
C ASN A 83 7.45 15.84 8.97
N GLN A 84 8.07 15.79 7.79
CA GLN A 84 7.85 16.81 6.76
C GLN A 84 6.64 16.44 5.91
N HIS A 85 5.46 16.63 6.48
CA HIS A 85 4.21 16.24 5.83
C HIS A 85 3.99 17.01 4.53
N SER A 86 4.65 18.15 4.40
CA SER A 86 4.54 18.98 3.19
C SER A 86 5.71 18.71 2.24
N GLY A 87 6.39 17.57 2.44
CA GLY A 87 7.53 17.21 1.62
C GLY A 87 7.12 16.55 0.32
N PRO A 88 8.04 16.46 -0.67
CA PRO A 88 7.76 15.84 -1.97
C PRO A 88 7.63 14.31 -1.87
N GLY A 89 6.45 13.87 -1.43
CA GLY A 89 6.19 12.45 -1.28
C GLY A 89 4.72 12.17 -1.07
N ILE A 90 4.12 12.89 -0.12
CA ILE A 90 2.70 12.73 0.22
C ILE A 90 2.41 11.28 0.63
N ASP A 91 3.39 10.68 1.29
CA ASP A 91 3.33 9.29 1.73
C ASP A 91 2.64 9.19 3.08
N TYR A 92 1.34 9.46 3.09
CA TYR A 92 0.54 9.45 4.32
C TYR A 92 0.19 8.02 4.74
N ALA A 93 1.20 7.18 4.83
CA ALA A 93 1.02 5.78 5.23
C ALA A 93 0.47 5.70 6.65
N VAL A 94 -0.82 5.44 6.76
CA VAL A 94 -1.51 5.37 8.05
C VAL A 94 -1.47 3.93 8.62
N ARG A 95 -0.42 3.24 8.23
CA ARG A 95 -0.16 1.87 8.67
C ARG A 95 -0.06 1.80 10.20
N MET A 1 -25.74 10.84 -18.03
CA MET A 1 -25.96 11.72 -16.86
C MET A 1 -24.90 12.82 -16.83
N ALA A 2 -25.33 14.06 -17.03
CA ALA A 2 -24.43 15.21 -17.07
C ALA A 2 -24.05 15.65 -15.65
N HIS A 3 -23.42 14.76 -14.90
CA HIS A 3 -22.94 15.09 -13.56
C HIS A 3 -21.46 15.42 -13.64
N HIS A 4 -21.08 16.59 -13.17
CA HIS A 4 -19.72 17.11 -13.35
C HIS A 4 -18.86 16.84 -12.12
N HIS A 5 -17.99 15.85 -12.24
CA HIS A 5 -17.00 15.54 -11.20
C HIS A 5 -15.94 14.61 -11.79
N HIS A 6 -14.67 14.88 -11.51
CA HIS A 6 -13.57 14.07 -12.01
C HIS A 6 -12.68 13.60 -10.86
N HIS A 7 -12.28 12.34 -10.92
CA HIS A 7 -11.39 11.75 -9.91
C HIS A 7 -10.02 11.49 -10.53
N HIS A 8 -9.08 12.39 -10.28
CA HIS A 8 -7.75 12.34 -10.88
C HIS A 8 -6.81 11.42 -10.10
N MET A 9 -7.17 10.14 -10.02
CA MET A 9 -6.34 9.14 -9.35
C MET A 9 -6.51 7.78 -10.02
N GLY A 10 -5.55 6.89 -9.78
CA GLY A 10 -5.60 5.57 -10.37
C GLY A 10 -6.70 4.70 -9.79
N THR A 11 -6.93 3.54 -10.41
CA THR A 11 -7.99 2.64 -9.98
C THR A 11 -7.53 1.80 -8.79
N LEU A 12 -6.30 1.28 -8.88
CA LEU A 12 -5.76 0.40 -7.85
C LEU A 12 -4.23 0.52 -7.81
N GLU A 13 -3.62 0.60 -8.98
CA GLU A 13 -2.17 0.73 -9.11
C GLU A 13 -1.72 2.17 -8.85
N ALA A 14 -2.61 2.97 -8.25
CA ALA A 14 -2.31 4.36 -7.95
C ALA A 14 -1.05 4.47 -7.09
N GLN A 15 -0.10 5.29 -7.53
CA GLN A 15 1.11 5.54 -6.76
C GLN A 15 1.30 7.04 -6.55
N THR A 16 1.33 7.45 -5.29
CA THR A 16 1.57 8.85 -4.94
C THR A 16 2.99 9.27 -5.36
N GLN A 17 3.90 8.31 -5.29
CA GLN A 17 5.29 8.52 -5.70
C GLN A 17 5.97 7.16 -5.90
N GLY A 18 6.83 7.07 -6.90
CA GLY A 18 7.57 5.84 -7.15
C GLY A 18 9.06 6.05 -7.02
N PRO A 19 9.62 5.95 -5.78
CA PRO A 19 11.06 6.11 -5.55
C PRO A 19 11.88 4.98 -6.15
N GLY A 20 11.19 3.86 -6.40
CA GLY A 20 11.84 2.69 -6.96
C GLY A 20 12.20 1.68 -5.87
N SER A 21 13.30 0.97 -6.07
CA SER A 21 13.78 -0.02 -5.11
C SER A 21 15.25 -0.32 -5.35
N MET A 22 15.84 -1.13 -4.46
CA MET A 22 17.23 -1.55 -4.58
C MET A 22 17.29 -3.07 -4.60
N ASP A 23 16.90 -3.65 -5.75
CA ASP A 23 16.79 -5.10 -5.94
C ASP A 23 16.26 -5.80 -4.70
N ASP A 24 15.20 -5.22 -4.20
CA ASP A 24 14.48 -5.72 -3.04
C ASP A 24 13.70 -7.00 -3.37
N GLU A 25 13.07 -7.56 -2.36
CA GLU A 25 12.12 -8.64 -2.54
C GLU A 25 10.77 -8.03 -2.91
N LEU A 26 10.27 -8.36 -4.10
CA LEU A 26 9.04 -7.75 -4.59
C LEU A 26 7.81 -8.35 -3.92
N TYR A 27 6.82 -7.50 -3.74
CA TYR A 27 5.53 -7.88 -3.21
C TYR A 27 4.44 -7.33 -4.12
N PHE A 28 3.34 -8.06 -4.19
CA PHE A 28 2.14 -7.61 -4.88
C PHE A 28 1.06 -7.35 -3.85
N VAL A 29 -0.01 -6.68 -4.25
CA VAL A 29 -1.15 -6.48 -3.40
C VAL A 29 -2.16 -7.59 -3.72
N VAL A 30 -2.37 -8.51 -2.79
CA VAL A 30 -3.16 -9.71 -3.10
C VAL A 30 -4.31 -9.89 -2.11
N ARG A 31 -5.22 -10.77 -2.45
CA ARG A 31 -6.35 -11.09 -1.56
C ARG A 31 -7.06 -12.36 -2.01
N ASN A 32 -7.96 -12.86 -1.16
CA ASN A 32 -8.83 -13.98 -1.53
C ASN A 32 -10.10 -13.98 -0.69
N ASN A 33 -11.23 -14.28 -1.35
CA ASN A 33 -12.57 -14.40 -0.73
C ASN A 33 -12.87 -13.32 0.34
N GLU A 34 -12.03 -12.29 0.44
CA GLU A 34 -12.14 -11.32 1.53
C GLU A 34 -12.55 -9.94 1.02
N GLY A 35 -12.13 -9.61 -0.20
CA GLY A 35 -12.34 -8.27 -0.73
C GLY A 35 -11.37 -7.24 -0.13
N GLN A 36 -10.83 -7.54 1.04
CA GLN A 36 -9.82 -6.70 1.69
C GLN A 36 -8.47 -6.89 1.00
N TYR A 37 -7.47 -6.10 1.39
CA TYR A 37 -6.18 -6.14 0.71
C TYR A 37 -5.06 -6.61 1.60
N SER A 38 -4.16 -7.39 1.00
CA SER A 38 -2.96 -7.87 1.65
C SER A 38 -1.77 -7.76 0.70
N VAL A 39 -0.59 -8.18 1.14
CA VAL A 39 0.60 -8.15 0.29
C VAL A 39 1.29 -9.52 0.27
N TRP A 40 1.93 -9.85 -0.85
CA TRP A 40 2.45 -11.20 -1.09
C TRP A 40 3.76 -11.14 -1.87
N MET A 41 4.77 -11.85 -1.36
CA MET A 41 6.10 -11.86 -1.98
C MET A 41 6.06 -12.61 -3.32
N ASP A 42 6.83 -12.13 -4.27
CA ASP A 42 6.89 -12.72 -5.61
C ASP A 42 7.59 -14.08 -5.56
N GLY A 43 7.83 -14.64 -6.74
CA GLY A 43 8.54 -15.91 -6.83
C GLY A 43 7.63 -17.11 -6.81
N ARG A 44 6.53 -17.02 -6.05
CA ARG A 44 5.58 -18.11 -5.94
C ARG A 44 4.43 -17.92 -6.92
N SER A 45 3.41 -18.76 -6.79
CA SER A 45 2.18 -18.63 -7.56
C SER A 45 0.99 -18.82 -6.63
N LEU A 46 0.19 -17.78 -6.50
CA LEU A 46 -0.94 -17.81 -5.59
C LEU A 46 -1.90 -18.96 -5.91
N PRO A 47 -2.29 -19.71 -4.87
CA PRO A 47 -3.27 -20.80 -4.98
C PRO A 47 -4.59 -20.35 -5.61
N ALA A 48 -5.34 -21.32 -6.14
CA ALA A 48 -6.63 -21.06 -6.74
C ALA A 48 -7.58 -20.45 -5.70
N GLY A 49 -8.11 -19.27 -6.02
CA GLY A 49 -8.93 -18.53 -5.08
C GLY A 49 -8.27 -17.23 -4.70
N TRP A 50 -6.94 -17.21 -4.73
CA TRP A 50 -6.18 -16.00 -4.45
C TRP A 50 -6.05 -15.17 -5.73
N GLU A 51 -5.94 -13.86 -5.57
CA GLU A 51 -5.81 -12.95 -6.70
C GLU A 51 -4.73 -11.91 -6.42
N THR A 52 -4.04 -11.52 -7.49
CA THR A 52 -2.99 -10.52 -7.44
C THR A 52 -3.48 -9.20 -8.01
N VAL A 53 -3.02 -8.10 -7.44
CA VAL A 53 -3.40 -6.76 -7.86
C VAL A 53 -2.35 -5.74 -7.42
N GLY A 54 -2.48 -4.53 -7.95
CA GLY A 54 -1.56 -3.47 -7.64
C GLY A 54 -0.33 -3.51 -8.53
N GLU A 55 0.79 -3.08 -7.98
CA GLU A 55 2.04 -2.97 -8.72
C GLU A 55 3.14 -3.61 -7.87
N PRO A 56 4.00 -4.47 -8.46
CA PRO A 56 5.03 -5.17 -7.70
C PRO A 56 6.14 -4.24 -7.25
N ALA A 57 6.41 -4.23 -5.94
CA ALA A 57 7.37 -3.30 -5.35
C ALA A 57 7.91 -3.84 -4.03
N THR A 58 8.87 -3.14 -3.43
CA THR A 58 9.41 -3.54 -2.14
C THR A 58 8.30 -3.50 -1.09
N LYS A 59 8.45 -4.36 -0.07
CA LYS A 59 7.47 -4.48 1.02
C LYS A 59 7.03 -3.10 1.52
N GLN A 60 7.99 -2.21 1.68
CA GLN A 60 7.73 -0.86 2.18
C GLN A 60 6.75 -0.11 1.29
N GLN A 61 6.91 -0.23 -0.02
CA GLN A 61 6.04 0.47 -0.97
C GLN A 61 4.68 -0.21 -1.06
N CYS A 62 4.68 -1.53 -0.98
CA CYS A 62 3.44 -2.31 -1.08
C CYS A 62 2.51 -2.01 0.10
N LEU A 63 3.05 -1.97 1.32
CA LEU A 63 2.24 -1.65 2.50
C LEU A 63 1.78 -0.19 2.44
N GLN A 64 2.71 0.68 2.03
CA GLN A 64 2.41 2.11 1.87
C GLN A 64 1.29 2.31 0.86
N ARG A 65 1.30 1.49 -0.17
CA ARG A 65 0.37 1.64 -1.29
C ARG A 65 -1.08 1.41 -0.84
N ILE A 66 -1.30 0.35 -0.08
CA ILE A 66 -2.66 0.03 0.40
C ILE A 66 -3.08 0.96 1.53
N GLU A 67 -2.13 1.37 2.37
CA GLU A 67 -2.42 2.25 3.50
C GLU A 67 -2.90 3.62 3.02
N GLN A 68 -2.16 4.20 2.08
CA GLN A 68 -2.49 5.52 1.54
C GLN A 68 -3.75 5.48 0.66
N LEU A 69 -4.43 4.33 0.68
CA LEU A 69 -5.73 4.18 0.02
C LEU A 69 -6.84 4.19 1.08
N TRP A 70 -6.85 3.16 1.93
CA TRP A 70 -7.89 2.97 2.93
C TRP A 70 -7.59 3.81 4.18
N THR A 71 -6.40 3.60 4.73
CA THR A 71 -5.94 4.30 5.93
C THR A 71 -5.63 5.77 5.61
N ASP A 72 -5.59 6.09 4.32
CA ASP A 72 -5.28 7.43 3.81
C ASP A 72 -5.97 8.52 4.64
N MET A 73 -7.22 8.25 5.01
CA MET A 73 -7.98 9.16 5.86
C MET A 73 -7.35 9.22 7.25
N VAL A 74 -6.26 9.96 7.33
CA VAL A 74 -5.44 10.06 8.53
C VAL A 74 -5.85 11.27 9.37
N PRO A 75 -6.02 11.09 10.70
CA PRO A 75 -6.35 12.19 11.62
C PRO A 75 -5.15 13.12 11.84
N ALA A 76 -5.25 13.98 12.86
CA ALA A 76 -4.21 14.96 13.17
C ALA A 76 -2.85 14.29 13.38
N SER A 77 -2.87 12.97 13.61
CA SER A 77 -1.66 12.16 13.73
C SER A 77 -0.69 12.41 12.57
N VAL A 78 -1.23 12.81 11.42
CA VAL A 78 -0.42 13.08 10.23
C VAL A 78 0.69 14.10 10.52
N ARG A 79 0.40 15.02 11.45
CA ARG A 79 1.34 16.07 11.81
C ARG A 79 2.61 15.48 12.42
N GLU A 80 2.46 14.37 13.12
CA GLU A 80 3.60 13.71 13.76
C GLU A 80 4.63 13.25 12.74
N HIS A 81 4.15 12.94 11.53
CA HIS A 81 5.02 12.53 10.43
C HIS A 81 5.51 13.76 9.67
N LEU A 82 4.77 14.85 9.81
CA LEU A 82 5.12 16.12 9.19
C LEU A 82 6.16 16.83 10.05
N ASN A 83 6.20 16.45 11.33
CA ASN A 83 7.18 17.00 12.27
C ASN A 83 8.59 16.62 11.86
N GLN A 84 9.16 17.40 10.95
CA GLN A 84 10.57 17.27 10.57
C GLN A 84 11.45 17.92 11.64
N HIS A 85 10.79 18.62 12.55
CA HIS A 85 11.48 19.26 13.68
C HIS A 85 11.45 18.34 14.89
N SER A 86 12.62 18.13 15.50
CA SER A 86 12.76 17.29 16.69
C SER A 86 12.54 15.80 16.38
N GLY A 87 12.47 15.48 15.10
CA GLY A 87 12.26 14.10 14.68
C GLY A 87 12.02 13.99 13.18
N PRO A 88 12.22 12.78 12.60
CA PRO A 88 11.96 12.53 11.18
C PRO A 88 10.61 11.85 10.93
N GLY A 89 9.72 11.89 11.92
CA GLY A 89 8.42 11.25 11.81
C GLY A 89 8.52 9.75 11.66
N ILE A 90 9.07 9.09 12.67
CA ILE A 90 9.35 7.65 12.61
C ILE A 90 8.07 6.80 12.69
N ASP A 91 7.55 6.43 11.52
CA ASP A 91 6.55 5.37 11.38
C ASP A 91 5.21 5.69 12.05
N TYR A 92 5.10 6.88 12.59
CA TYR A 92 3.88 7.28 13.30
C TYR A 92 2.99 8.15 12.42
N ALA A 93 2.11 7.49 11.67
CA ALA A 93 1.12 8.14 10.79
C ALA A 93 0.57 7.08 9.85
N VAL A 94 -0.16 7.50 8.83
CA VAL A 94 -0.55 6.59 7.77
C VAL A 94 0.69 6.22 6.96
N ARG A 95 0.88 4.93 6.74
CA ARG A 95 2.06 4.41 6.06
C ARG A 95 2.09 4.88 4.60
N MET A 1 7.67 8.53 -31.44
CA MET A 1 6.57 8.15 -30.53
C MET A 1 6.59 9.03 -29.29
N ALA A 2 5.70 8.72 -28.34
CA ALA A 2 5.67 9.37 -27.02
C ALA A 2 5.21 10.83 -27.11
N HIS A 3 4.58 11.19 -28.23
CA HIS A 3 4.06 12.54 -28.41
C HIS A 3 2.59 12.60 -27.98
N HIS A 4 2.11 11.50 -27.42
CA HIS A 4 0.77 11.44 -26.83
C HIS A 4 0.86 10.78 -25.46
N HIS A 5 0.75 11.60 -24.41
CA HIS A 5 0.83 11.12 -23.04
C HIS A 5 -0.39 10.27 -22.70
N HIS A 6 -0.22 9.34 -21.78
CA HIS A 6 -1.29 8.40 -21.38
C HIS A 6 -2.49 9.18 -20.87
N HIS A 7 -2.22 10.17 -20.02
CA HIS A 7 -3.25 11.08 -19.50
C HIS A 7 -4.29 10.30 -18.67
N HIS A 8 -3.89 9.16 -18.13
CA HIS A 8 -4.78 8.34 -17.31
C HIS A 8 -4.21 8.17 -15.91
N MET A 9 -4.99 8.56 -14.90
CA MET A 9 -4.62 8.35 -13.51
C MET A 9 -4.95 6.91 -13.11
N GLY A 10 -6.09 6.43 -13.59
CA GLY A 10 -6.53 5.07 -13.30
C GLY A 10 -7.22 4.97 -11.95
N THR A 11 -7.85 3.82 -11.72
CA THR A 11 -8.50 3.55 -10.44
C THR A 11 -7.46 3.06 -9.44
N LEU A 12 -6.73 2.02 -9.84
CA LEU A 12 -5.60 1.52 -9.08
C LEU A 12 -4.31 2.03 -9.71
N GLU A 13 -3.20 1.93 -8.98
CA GLU A 13 -1.91 2.44 -9.44
C GLU A 13 -1.93 3.97 -9.61
N ALA A 14 -2.81 4.62 -8.85
CA ALA A 14 -2.94 6.08 -8.88
C ALA A 14 -2.00 6.73 -7.85
N GLN A 15 -0.78 6.20 -7.74
CA GLN A 15 0.18 6.67 -6.74
C GLN A 15 1.53 6.95 -7.38
N THR A 16 2.03 8.17 -7.20
CA THR A 16 3.35 8.54 -7.69
C THR A 16 4.45 7.96 -6.79
N GLN A 17 4.72 6.67 -6.96
CA GLN A 17 5.77 6.00 -6.19
C GLN A 17 7.10 6.05 -6.96
N GLY A 18 8.12 6.65 -6.34
CA GLY A 18 9.43 6.73 -6.96
C GLY A 18 10.22 5.44 -6.76
N PRO A 19 11.05 5.05 -7.74
CA PRO A 19 11.82 3.80 -7.68
C PRO A 19 13.16 3.94 -6.93
N GLY A 20 13.22 4.93 -6.04
CA GLY A 20 14.45 5.20 -5.31
C GLY A 20 14.83 4.11 -4.32
N SER A 21 13.90 3.17 -4.08
CA SER A 21 14.13 2.05 -3.19
C SER A 21 13.71 0.74 -3.85
N MET A 22 13.87 0.68 -5.17
CA MET A 22 13.52 -0.50 -5.93
C MET A 22 14.62 -1.55 -5.80
N ASP A 23 14.51 -2.33 -4.75
CA ASP A 23 15.53 -3.33 -4.41
C ASP A 23 15.09 -4.75 -4.82
N ASP A 24 15.80 -5.75 -4.29
CA ASP A 24 15.67 -7.13 -4.70
C ASP A 24 14.29 -7.73 -4.40
N GLU A 25 13.71 -7.38 -3.27
CA GLU A 25 12.52 -8.07 -2.76
C GLU A 25 11.24 -7.41 -3.26
N LEU A 26 10.72 -7.92 -4.38
CA LEU A 26 9.48 -7.42 -4.94
C LEU A 26 8.28 -8.17 -4.37
N TYR A 27 7.21 -7.43 -4.17
CA TYR A 27 5.95 -7.93 -3.65
C TYR A 27 4.80 -7.40 -4.50
N PHE A 28 3.68 -8.12 -4.46
CA PHE A 28 2.42 -7.66 -5.05
C PHE A 28 1.41 -7.42 -3.94
N VAL A 29 0.32 -6.77 -4.29
CA VAL A 29 -0.81 -6.65 -3.39
C VAL A 29 -1.77 -7.79 -3.68
N VAL A 30 -2.29 -8.46 -2.65
CA VAL A 30 -3.17 -9.61 -2.85
C VAL A 30 -4.35 -9.57 -1.90
N ARG A 31 -5.37 -10.35 -2.23
CA ARG A 31 -6.55 -10.50 -1.36
C ARG A 31 -7.44 -11.63 -1.85
N ASN A 32 -8.40 -12.03 -1.03
CA ASN A 32 -9.51 -12.90 -1.47
C ASN A 32 -10.65 -12.86 -0.46
N ASN A 33 -11.89 -12.83 -0.97
CA ASN A 33 -13.12 -12.95 -0.17
C ASN A 33 -13.13 -12.04 1.10
N GLU A 34 -12.11 -11.22 1.29
CA GLU A 34 -11.91 -10.54 2.57
C GLU A 34 -12.28 -9.07 2.51
N GLY A 35 -12.21 -8.47 1.32
CA GLY A 35 -12.59 -7.08 1.14
C GLY A 35 -11.47 -6.11 1.45
N GLN A 36 -10.49 -6.55 2.24
CA GLN A 36 -9.33 -5.73 2.57
C GLN A 36 -8.14 -6.14 1.71
N TYR A 37 -7.05 -5.39 1.82
CA TYR A 37 -5.86 -5.65 1.03
C TYR A 37 -4.75 -6.27 1.88
N SER A 38 -3.87 -7.01 1.22
CA SER A 38 -2.67 -7.53 1.84
C SER A 38 -1.54 -7.56 0.81
N VAL A 39 -0.36 -8.03 1.19
CA VAL A 39 0.78 -8.13 0.26
C VAL A 39 1.34 -9.54 0.24
N TRP A 40 2.03 -9.87 -0.84
CA TRP A 40 2.51 -11.23 -1.11
C TRP A 40 3.80 -11.17 -1.92
N MET A 41 4.73 -12.08 -1.63
CA MET A 41 6.06 -12.05 -2.24
C MET A 41 6.05 -12.66 -3.64
N ASP A 42 6.65 -11.94 -4.59
CA ASP A 42 6.76 -12.41 -5.96
C ASP A 42 7.64 -13.66 -6.04
N GLY A 43 7.38 -14.50 -7.03
CA GLY A 43 8.20 -15.70 -7.23
C GLY A 43 7.48 -16.97 -6.82
N ARG A 44 6.36 -16.83 -6.12
CA ARG A 44 5.56 -17.98 -5.71
C ARG A 44 4.30 -18.06 -6.59
N SER A 45 3.34 -18.88 -6.18
CA SER A 45 2.04 -18.95 -6.86
C SER A 45 0.91 -19.04 -5.84
N LEU A 46 -0.09 -18.20 -6.03
CA LEU A 46 -1.19 -18.08 -5.09
C LEU A 46 -2.23 -19.19 -5.27
N PRO A 47 -2.68 -19.78 -4.16
CA PRO A 47 -3.83 -20.69 -4.12
C PRO A 47 -5.05 -20.11 -4.87
N ALA A 48 -5.74 -20.98 -5.61
CA ALA A 48 -6.94 -20.58 -6.33
C ALA A 48 -7.92 -19.90 -5.39
N GLY A 49 -8.42 -18.74 -5.80
CA GLY A 49 -9.26 -17.93 -4.96
C GLY A 49 -8.60 -16.61 -4.62
N TRP A 50 -7.28 -16.64 -4.46
CA TRP A 50 -6.51 -15.42 -4.18
C TRP A 50 -6.35 -14.61 -5.47
N GLU A 51 -6.27 -13.29 -5.33
CA GLU A 51 -6.06 -12.42 -6.47
C GLU A 51 -4.94 -11.43 -6.17
N THR A 52 -4.27 -11.01 -7.24
CA THR A 52 -3.14 -10.09 -7.17
C THR A 52 -3.52 -8.71 -7.73
N VAL A 53 -2.74 -7.70 -7.39
CA VAL A 53 -3.00 -6.31 -7.79
C VAL A 53 -1.75 -5.46 -7.53
N GLY A 54 -1.72 -4.29 -8.18
CA GLY A 54 -0.59 -3.39 -8.04
C GLY A 54 0.52 -3.73 -9.01
N GLU A 55 1.65 -3.05 -8.85
CA GLU A 55 2.86 -3.34 -9.58
C GLU A 55 3.88 -3.93 -8.61
N PRO A 56 4.70 -4.91 -9.04
CA PRO A 56 5.65 -5.56 -8.14
C PRO A 56 6.71 -4.57 -7.64
N ALA A 57 6.72 -4.32 -6.35
CA ALA A 57 7.57 -3.29 -5.75
C ALA A 57 8.14 -3.78 -4.42
N THR A 58 9.10 -3.05 -3.88
CA THR A 58 9.69 -3.47 -2.61
C THR A 58 8.64 -3.51 -1.51
N LYS A 59 8.85 -4.37 -0.52
CA LYS A 59 7.91 -4.58 0.59
C LYS A 59 7.41 -3.25 1.15
N GLN A 60 8.33 -2.30 1.28
CA GLN A 60 8.00 -0.98 1.84
C GLN A 60 6.98 -0.26 0.95
N GLN A 61 7.18 -0.32 -0.36
CA GLN A 61 6.29 0.34 -1.31
C GLN A 61 4.96 -0.38 -1.41
N CYS A 62 4.98 -1.70 -1.26
CA CYS A 62 3.77 -2.51 -1.34
C CYS A 62 2.85 -2.24 -0.17
N LEU A 63 3.41 -2.19 1.05
CA LEU A 63 2.62 -1.88 2.23
C LEU A 63 2.17 -0.42 2.19
N GLN A 64 3.04 0.44 1.68
CA GLN A 64 2.73 1.86 1.50
C GLN A 64 1.63 2.03 0.45
N ARG A 65 1.63 1.12 -0.51
CA ARG A 65 0.68 1.17 -1.62
C ARG A 65 -0.74 0.94 -1.11
N ILE A 66 -0.92 -0.11 -0.30
CA ILE A 66 -2.24 -0.46 0.21
C ILE A 66 -2.76 0.55 1.24
N GLU A 67 -1.88 1.00 2.13
CA GLU A 67 -2.27 1.94 3.18
C GLU A 67 -2.79 3.24 2.56
N GLN A 68 -2.02 3.81 1.62
CA GLN A 68 -2.34 5.12 1.05
C GLN A 68 -3.52 5.04 0.07
N LEU A 69 -4.08 3.85 -0.08
CA LEU A 69 -5.24 3.65 -0.97
C LEU A 69 -6.53 3.50 -0.17
N TRP A 70 -6.61 2.42 0.59
CA TRP A 70 -7.81 2.05 1.32
C TRP A 70 -7.87 2.75 2.69
N THR A 71 -6.80 2.58 3.45
CA THR A 71 -6.74 3.00 4.84
C THR A 71 -6.28 4.46 4.97
N ASP A 72 -5.81 5.02 3.85
CA ASP A 72 -5.09 6.31 3.83
C ASP A 72 -5.70 7.39 4.74
N MET A 73 -7.01 7.31 4.99
CA MET A 73 -7.65 8.19 5.95
C MET A 73 -7.20 7.82 7.36
N VAL A 74 -5.99 8.26 7.71
CA VAL A 74 -5.34 7.86 8.96
C VAL A 74 -5.94 8.61 10.16
N PRO A 75 -5.73 8.08 11.39
CA PRO A 75 -6.18 8.74 12.62
C PRO A 75 -5.42 10.05 12.91
N ALA A 76 -5.51 10.51 14.17
CA ALA A 76 -4.85 11.74 14.60
C ALA A 76 -3.36 11.72 14.29
N SER A 77 -2.82 10.52 14.11
CA SER A 77 -1.41 10.31 13.79
C SER A 77 -0.95 11.16 12.58
N VAL A 78 -1.91 11.64 11.79
CA VAL A 78 -1.61 12.50 10.64
C VAL A 78 -0.76 13.70 11.06
N ARG A 79 -0.97 14.17 12.29
CA ARG A 79 -0.23 15.31 12.83
C ARG A 79 1.27 15.00 12.88
N GLU A 80 1.62 13.77 13.27
CA GLU A 80 3.01 13.37 13.41
C GLU A 80 3.73 13.47 12.07
N HIS A 81 2.98 13.35 10.98
CA HIS A 81 3.57 13.41 9.64
C HIS A 81 3.96 14.85 9.30
N LEU A 82 3.24 15.81 9.87
CA LEU A 82 3.55 17.23 9.68
C LEU A 82 4.64 17.67 10.66
N ASN A 83 4.99 16.76 11.57
CA ASN A 83 6.00 17.02 12.59
C ASN A 83 7.40 16.65 12.07
N GLN A 84 7.45 16.24 10.80
CA GLN A 84 8.70 15.82 10.16
C GLN A 84 9.70 16.97 10.11
N HIS A 85 10.93 16.70 10.54
CA HIS A 85 12.02 17.66 10.44
C HIS A 85 12.81 17.41 9.16
N SER A 86 12.18 17.73 8.02
CA SER A 86 12.79 17.51 6.70
C SER A 86 13.14 16.03 6.51
N GLY A 87 12.41 15.16 7.20
CA GLY A 87 12.69 13.73 7.14
C GLY A 87 11.50 12.90 6.65
N PRO A 88 11.17 12.97 5.35
CA PRO A 88 10.13 12.15 4.74
C PRO A 88 10.71 10.90 4.06
N GLY A 89 9.96 10.35 3.12
CA GLY A 89 10.40 9.13 2.44
C GLY A 89 10.20 7.91 3.30
N ILE A 90 10.97 7.82 4.39
CA ILE A 90 10.77 6.78 5.39
C ILE A 90 9.60 7.18 6.28
N ASP A 91 8.44 7.30 5.65
CA ASP A 91 7.23 7.76 6.31
C ASP A 91 6.07 6.86 5.91
N TYR A 92 5.40 6.27 6.89
CA TYR A 92 4.35 5.29 6.62
C TYR A 92 3.09 5.65 7.40
N ALA A 93 1.95 5.30 6.83
CA ALA A 93 0.65 5.67 7.38
C ALA A 93 0.12 4.57 8.30
N VAL A 94 -1.21 4.48 8.40
CA VAL A 94 -1.87 3.55 9.31
C VAL A 94 -1.97 2.15 8.69
N ARG A 95 -0.82 1.64 8.33
CA ARG A 95 -0.68 0.25 7.89
C ARG A 95 -0.56 -0.63 9.13
N MET A 1 -18.78 2.64 1.56
CA MET A 1 -19.15 4.03 1.89
C MET A 1 -18.92 4.95 0.70
N ALA A 2 -19.87 4.94 -0.23
CA ALA A 2 -19.81 5.76 -1.44
C ALA A 2 -21.08 5.56 -2.26
N HIS A 3 -21.18 6.26 -3.38
CA HIS A 3 -22.31 6.09 -4.30
C HIS A 3 -21.80 5.44 -5.59
N HIS A 4 -20.89 4.48 -5.40
CA HIS A 4 -20.25 3.74 -6.48
C HIS A 4 -19.47 4.69 -7.41
N HIS A 5 -20.01 4.95 -8.61
CA HIS A 5 -19.30 5.72 -9.65
C HIS A 5 -17.85 5.28 -9.77
N HIS A 6 -16.96 5.95 -9.02
CA HIS A 6 -15.53 5.63 -9.03
C HIS A 6 -14.81 6.41 -7.94
N HIS A 7 -14.78 5.84 -6.74
CA HIS A 7 -14.10 6.46 -5.60
C HIS A 7 -12.59 6.39 -5.79
N HIS A 8 -11.91 7.53 -5.63
CA HIS A 8 -10.46 7.59 -5.77
C HIS A 8 -9.78 6.61 -4.82
N MET A 9 -9.19 5.56 -5.38
CA MET A 9 -8.46 4.56 -4.63
C MET A 9 -7.78 3.61 -5.61
N GLY A 10 -6.45 3.57 -5.58
CA GLY A 10 -5.69 2.80 -6.53
C GLY A 10 -5.85 1.31 -6.35
N THR A 11 -6.95 0.76 -6.85
CA THR A 11 -7.19 -0.68 -6.81
C THR A 11 -6.07 -1.42 -7.52
N LEU A 12 -5.51 -0.79 -8.55
CA LEU A 12 -4.37 -1.33 -9.29
C LEU A 12 -3.13 -0.48 -9.02
N GLU A 13 -3.00 0.62 -9.75
CA GLU A 13 -1.85 1.51 -9.64
C GLU A 13 -2.33 2.96 -9.57
N ALA A 14 -1.61 3.78 -8.79
CA ALA A 14 -1.96 5.20 -8.61
C ALA A 14 -0.98 5.89 -7.67
N GLN A 15 -0.27 6.88 -8.20
CA GLN A 15 0.54 7.82 -7.41
C GLN A 15 1.62 7.14 -6.57
N THR A 16 2.20 6.05 -7.09
CA THR A 16 3.33 5.40 -6.43
C THR A 16 4.61 6.22 -6.67
N GLN A 17 4.72 7.33 -5.93
CA GLN A 17 5.86 8.23 -6.06
C GLN A 17 7.09 7.67 -5.35
N GLY A 18 8.18 7.55 -6.09
CA GLY A 18 9.42 7.03 -5.55
C GLY A 18 9.50 5.52 -5.68
N PRO A 19 10.11 5.01 -6.76
CA PRO A 19 10.21 3.57 -7.02
C PRO A 19 11.12 2.89 -6.01
N GLY A 20 10.78 1.65 -5.63
CA GLY A 20 11.57 0.91 -4.67
C GLY A 20 11.84 -0.52 -5.12
N SER A 21 12.95 -0.72 -5.81
CA SER A 21 13.35 -2.05 -6.27
C SER A 21 14.83 -2.07 -6.63
N MET A 22 15.59 -2.92 -5.95
CA MET A 22 17.01 -3.13 -6.25
C MET A 22 17.17 -4.45 -7.00
N ASP A 23 16.12 -4.83 -7.76
CA ASP A 23 16.05 -6.14 -8.41
C ASP A 23 16.00 -7.23 -7.34
N ASP A 24 15.66 -6.81 -6.12
CA ASP A 24 15.49 -7.71 -4.99
C ASP A 24 14.14 -8.42 -5.10
N GLU A 25 13.59 -8.91 -3.99
CA GLU A 25 12.31 -9.61 -4.02
C GLU A 25 11.17 -8.63 -4.28
N LEU A 26 10.43 -8.86 -5.36
CA LEU A 26 9.24 -8.06 -5.66
C LEU A 26 8.03 -8.64 -4.97
N TYR A 27 7.12 -7.76 -4.59
CA TYR A 27 5.88 -8.12 -3.94
C TYR A 27 4.71 -7.54 -4.72
N PHE A 28 3.59 -8.25 -4.69
CA PHE A 28 2.35 -7.79 -5.28
C PHE A 28 1.31 -7.68 -4.19
N VAL A 29 0.27 -6.91 -4.45
CA VAL A 29 -0.84 -6.80 -3.52
C VAL A 29 -1.84 -7.88 -3.89
N VAL A 30 -2.44 -8.53 -2.90
CA VAL A 30 -3.33 -9.66 -3.18
C VAL A 30 -4.55 -9.63 -2.28
N ARG A 31 -5.55 -10.41 -2.65
CA ARG A 31 -6.79 -10.48 -1.87
C ARG A 31 -7.54 -11.77 -2.14
N ASN A 32 -8.44 -12.12 -1.23
CA ASN A 32 -9.45 -13.15 -1.48
C ASN A 32 -10.54 -13.10 -0.42
N ASN A 33 -11.80 -13.28 -0.86
CA ASN A 33 -12.98 -13.37 0.02
C ASN A 33 -13.06 -12.29 1.11
N GLU A 34 -12.15 -11.32 1.11
CA GLU A 34 -12.03 -10.38 2.23
C GLU A 34 -12.43 -8.96 1.84
N GLY A 35 -12.21 -8.58 0.59
CA GLY A 35 -12.52 -7.23 0.14
C GLY A 35 -11.43 -6.25 0.51
N GLN A 36 -10.63 -6.59 1.51
CA GLN A 36 -9.48 -5.79 1.93
C GLN A 36 -8.22 -6.29 1.23
N TYR A 37 -7.12 -5.58 1.41
CA TYR A 37 -5.89 -5.89 0.69
C TYR A 37 -4.82 -6.52 1.56
N SER A 38 -3.98 -7.31 0.92
CA SER A 38 -2.82 -7.90 1.54
C SER A 38 -1.63 -7.82 0.58
N VAL A 39 -0.47 -8.32 0.98
CA VAL A 39 0.71 -8.35 0.12
C VAL A 39 1.27 -9.78 0.02
N TRP A 40 1.93 -10.05 -1.10
CA TRP A 40 2.37 -11.41 -1.44
C TRP A 40 3.71 -11.37 -2.16
N MET A 41 4.53 -12.37 -1.89
CA MET A 41 5.89 -12.43 -2.43
C MET A 41 5.91 -13.18 -3.76
N ASP A 42 6.63 -12.64 -4.73
CA ASP A 42 6.77 -13.28 -6.05
C ASP A 42 7.68 -14.50 -5.94
N GLY A 43 7.83 -15.24 -7.03
CA GLY A 43 8.61 -16.47 -7.03
C GLY A 43 7.72 -17.68 -6.84
N ARG A 44 6.44 -17.40 -6.68
CA ARG A 44 5.41 -18.43 -6.52
C ARG A 44 4.16 -18.01 -7.28
N SER A 45 3.15 -18.89 -7.29
CA SER A 45 1.87 -18.60 -7.94
C SER A 45 0.74 -18.82 -6.95
N LEU A 46 -0.09 -17.80 -6.80
CA LEU A 46 -1.17 -17.80 -5.82
C LEU A 46 -2.11 -18.99 -6.02
N PRO A 47 -2.47 -19.66 -4.90
CA PRO A 47 -3.40 -20.79 -4.91
C PRO A 47 -4.83 -20.37 -5.31
N ALA A 48 -5.58 -21.33 -5.82
CA ALA A 48 -6.94 -21.10 -6.28
C ALA A 48 -7.77 -20.39 -5.21
N GLY A 49 -8.35 -19.26 -5.57
CA GLY A 49 -9.12 -18.47 -4.63
C GLY A 49 -8.49 -17.11 -4.39
N TRP A 50 -7.17 -17.03 -4.49
CA TRP A 50 -6.45 -15.77 -4.29
C TRP A 50 -6.23 -15.06 -5.64
N GLU A 51 -6.21 -13.72 -5.63
CA GLU A 51 -5.88 -12.96 -6.83
C GLU A 51 -4.90 -11.82 -6.52
N THR A 52 -4.13 -11.45 -7.56
CA THR A 52 -3.09 -10.42 -7.46
C THR A 52 -3.59 -9.07 -7.99
N VAL A 53 -2.89 -8.02 -7.57
CA VAL A 53 -3.24 -6.63 -7.88
C VAL A 53 -2.10 -5.70 -7.45
N GLY A 54 -2.12 -4.46 -7.94
CA GLY A 54 -1.16 -3.48 -7.50
C GLY A 54 0.01 -3.31 -8.46
N GLU A 55 1.10 -2.76 -7.94
CA GLU A 55 2.34 -2.56 -8.69
C GLU A 55 3.42 -3.46 -8.09
N PRO A 56 4.12 -4.27 -8.92
CA PRO A 56 5.16 -5.16 -8.42
C PRO A 56 6.37 -4.38 -7.92
N ALA A 57 6.59 -4.43 -6.61
CA ALA A 57 7.65 -3.65 -5.97
C ALA A 57 8.02 -4.27 -4.65
N THR A 58 9.15 -3.86 -4.07
CA THR A 58 9.66 -4.48 -2.86
C THR A 58 8.70 -4.26 -1.68
N LYS A 59 8.96 -4.99 -0.60
CA LYS A 59 8.08 -5.03 0.57
C LYS A 59 7.68 -3.62 1.03
N GLN A 60 8.67 -2.75 1.21
CA GLN A 60 8.45 -1.38 1.69
C GLN A 60 7.41 -0.65 0.85
N GLN A 61 7.48 -0.83 -0.47
CA GLN A 61 6.55 -0.19 -1.39
C GLN A 61 5.17 -0.83 -1.30
N CYS A 62 5.17 -2.17 -1.26
CA CYS A 62 3.94 -2.93 -1.31
C CYS A 62 3.03 -2.59 -0.13
N LEU A 63 3.60 -2.55 1.09
CA LEU A 63 2.82 -2.21 2.28
C LEU A 63 2.38 -0.75 2.24
N GLN A 64 3.27 0.13 1.79
CA GLN A 64 2.98 1.55 1.72
C GLN A 64 1.80 1.82 0.79
N ARG A 65 1.72 1.03 -0.28
CA ARG A 65 0.67 1.21 -1.28
C ARG A 65 -0.70 0.98 -0.65
N ILE A 66 -0.88 -0.17 -0.01
CA ILE A 66 -2.20 -0.53 0.53
C ILE A 66 -2.58 0.36 1.71
N GLU A 67 -1.58 0.76 2.50
CA GLU A 67 -1.82 1.60 3.67
C GLU A 67 -2.34 2.97 3.24
N GLN A 68 -1.59 3.65 2.38
CA GLN A 68 -1.93 5.02 2.01
C GLN A 68 -3.19 5.08 1.12
N LEU A 69 -3.78 3.92 0.86
CA LEU A 69 -5.02 3.83 0.10
C LEU A 69 -6.21 3.57 1.01
N TRP A 70 -6.20 2.41 1.68
CA TRP A 70 -7.31 1.98 2.53
C TRP A 70 -7.16 2.57 3.94
N THR A 71 -5.95 2.47 4.47
CA THR A 71 -5.63 2.91 5.82
C THR A 71 -5.39 4.43 5.85
N ASP A 72 -5.31 5.04 4.67
CA ASP A 72 -4.88 6.44 4.49
C ASP A 72 -5.50 7.39 5.53
N MET A 73 -6.72 7.09 5.95
CA MET A 73 -7.40 7.90 6.97
C MET A 73 -6.63 7.89 8.29
N VAL A 74 -5.69 8.81 8.40
CA VAL A 74 -4.84 8.94 9.58
C VAL A 74 -5.45 9.94 10.57
N PRO A 75 -5.48 9.58 11.88
CA PRO A 75 -6.00 10.46 12.94
C PRO A 75 -5.11 11.69 13.18
N ALA A 76 -5.22 12.30 14.37
CA ALA A 76 -4.49 13.52 14.72
C ALA A 76 -3.00 13.44 14.39
N SER A 77 -2.47 12.22 14.33
CA SER A 77 -1.07 12.00 14.01
C SER A 77 -0.66 12.76 12.74
N VAL A 78 -1.61 12.93 11.82
CA VAL A 78 -1.35 13.65 10.57
C VAL A 78 -0.74 15.02 10.84
N ARG A 79 -1.34 15.78 11.73
CA ARG A 79 -0.89 17.14 12.00
C ARG A 79 0.41 17.12 12.80
N GLU A 80 0.48 16.25 13.80
CA GLU A 80 1.66 16.18 14.66
C GLU A 80 2.88 15.69 13.88
N HIS A 81 2.63 15.12 12.70
CA HIS A 81 3.69 14.66 11.80
C HIS A 81 3.93 15.65 10.66
N LEU A 82 2.89 16.39 10.28
CA LEU A 82 2.97 17.28 9.11
C LEU A 82 3.51 18.65 9.50
N ASN A 83 3.04 19.17 10.64
CA ASN A 83 3.49 20.48 11.14
C ASN A 83 5.00 20.47 11.31
N GLN A 84 5.66 21.35 10.55
CA GLN A 84 7.12 21.42 10.51
C GLN A 84 7.68 21.81 11.88
N HIS A 85 8.08 20.81 12.66
CA HIS A 85 8.70 21.03 13.96
C HIS A 85 9.88 20.08 14.13
N SER A 86 10.99 20.61 14.62
CA SER A 86 12.18 19.79 14.89
C SER A 86 11.84 18.78 16.00
N GLY A 87 11.48 17.57 15.60
CA GLY A 87 11.04 16.57 16.53
C GLY A 87 9.52 16.45 16.55
N PRO A 88 8.93 15.78 15.55
CA PRO A 88 7.48 15.63 15.42
C PRO A 88 6.97 14.46 16.28
N GLY A 89 5.72 14.09 16.06
CA GLY A 89 5.13 12.97 16.78
C GLY A 89 5.84 11.66 16.48
N ILE A 90 6.59 11.15 17.46
CA ILE A 90 7.30 9.89 17.30
C ILE A 90 6.34 8.74 17.58
N ASP A 91 5.48 8.47 16.61
CA ASP A 91 4.51 7.38 16.66
C ASP A 91 4.25 6.87 15.25
N TYR A 92 3.39 5.89 15.10
CA TYR A 92 3.13 5.31 13.79
C TYR A 92 1.63 5.09 13.55
N ALA A 93 1.26 5.04 12.28
CA ALA A 93 -0.13 4.89 11.86
C ALA A 93 -0.15 4.31 10.45
N VAL A 94 -1.02 4.82 9.60
CA VAL A 94 -0.92 4.60 8.16
C VAL A 94 0.54 4.72 7.72
N ARG A 95 1.01 3.78 6.92
CA ARG A 95 2.41 3.75 6.52
C ARG A 95 2.61 4.48 5.19
N MET A 1 -14.92 21.00 10.96
CA MET A 1 -14.21 21.21 9.68
C MET A 1 -14.80 20.29 8.61
N ALA A 2 -14.14 20.21 7.47
CA ALA A 2 -14.61 19.43 6.33
C ALA A 2 -14.88 17.96 6.69
N HIS A 3 -14.09 17.42 7.62
CA HIS A 3 -14.18 16.00 8.03
C HIS A 3 -13.61 15.05 6.97
N HIS A 4 -13.73 15.43 5.70
CA HIS A 4 -13.19 14.65 4.59
C HIS A 4 -11.67 14.58 4.67
N HIS A 5 -11.17 13.61 5.43
CA HIS A 5 -9.73 13.48 5.69
C HIS A 5 -9.12 12.33 4.89
N HIS A 6 -9.98 11.46 4.36
CA HIS A 6 -9.52 10.39 3.47
C HIS A 6 -9.08 11.02 2.16
N HIS A 7 -7.79 11.34 2.07
CA HIS A 7 -7.28 12.24 1.04
C HIS A 7 -6.90 11.49 -0.24
N HIS A 8 -6.72 10.18 -0.14
CA HIS A 8 -6.41 9.35 -1.30
C HIS A 8 -7.70 8.77 -1.89
N MET A 9 -7.86 8.89 -3.20
CA MET A 9 -9.06 8.41 -3.89
C MET A 9 -8.69 7.77 -5.21
N GLY A 10 -9.28 6.60 -5.49
CA GLY A 10 -9.00 5.90 -6.73
C GLY A 10 -9.50 4.46 -6.68
N THR A 11 -9.43 3.77 -7.80
CA THR A 11 -9.87 2.38 -7.89
C THR A 11 -8.90 1.47 -7.14
N LEU A 12 -7.65 1.44 -7.60
CA LEU A 12 -6.61 0.62 -6.97
C LEU A 12 -5.40 1.49 -6.61
N GLU A 13 -4.58 1.81 -7.61
CA GLU A 13 -3.38 2.62 -7.38
C GLU A 13 -3.75 4.09 -7.24
N ALA A 14 -3.94 4.51 -6.00
CA ALA A 14 -4.19 5.92 -5.66
C ALA A 14 -3.11 6.40 -4.70
N GLN A 15 -1.97 5.74 -4.75
CA GLN A 15 -0.84 6.06 -3.90
C GLN A 15 -0.15 7.34 -4.38
N THR A 16 0.69 7.92 -3.52
CA THR A 16 1.33 9.21 -3.80
C THR A 16 2.79 8.99 -4.25
N GLN A 17 3.18 7.73 -4.42
CA GLN A 17 4.55 7.39 -4.80
C GLN A 17 4.56 6.28 -5.85
N GLY A 18 5.76 5.81 -6.19
CA GLY A 18 5.89 4.73 -7.16
C GLY A 18 6.75 3.58 -6.63
N PRO A 19 7.05 2.57 -7.46
CA PRO A 19 7.85 1.42 -7.04
C PRO A 19 9.31 1.78 -6.77
N GLY A 20 9.57 2.30 -5.56
CA GLY A 20 10.92 2.64 -5.17
C GLY A 20 11.71 1.45 -4.67
N SER A 21 11.99 0.50 -5.56
CA SER A 21 12.75 -0.69 -5.21
C SER A 21 13.88 -0.92 -6.20
N MET A 22 15.08 -1.17 -5.67
CA MET A 22 16.25 -1.48 -6.49
C MET A 22 16.65 -2.94 -6.30
N ASP A 23 15.79 -3.67 -5.62
CA ASP A 23 16.01 -5.07 -5.30
C ASP A 23 15.07 -5.96 -6.12
N ASP A 24 15.49 -7.20 -6.38
CA ASP A 24 14.78 -8.08 -7.32
C ASP A 24 13.63 -8.83 -6.64
N GLU A 25 13.67 -8.97 -5.32
CA GLU A 25 12.61 -9.67 -4.60
C GLU A 25 11.38 -8.78 -4.48
N LEU A 26 10.60 -8.72 -5.55
CA LEU A 26 9.39 -7.91 -5.58
C LEU A 26 8.26 -8.57 -4.79
N TYR A 27 7.28 -7.76 -4.43
CA TYR A 27 6.08 -8.21 -3.73
C TYR A 27 4.85 -7.65 -4.43
N PHE A 28 3.76 -8.42 -4.36
CA PHE A 28 2.47 -8.01 -4.91
C PHE A 28 1.47 -7.90 -3.77
N VAL A 29 0.36 -7.21 -4.01
CA VAL A 29 -0.73 -7.19 -3.07
C VAL A 29 -1.73 -8.25 -3.50
N VAL A 30 -2.28 -9.01 -2.56
CA VAL A 30 -3.19 -10.09 -2.92
C VAL A 30 -4.43 -10.11 -2.04
N ARG A 31 -5.43 -10.84 -2.50
CA ARG A 31 -6.69 -10.99 -1.78
C ARG A 31 -7.52 -12.12 -2.39
N ASN A 32 -8.60 -12.50 -1.71
CA ASN A 32 -9.63 -13.35 -2.32
C ASN A 32 -10.88 -13.38 -1.46
N ASN A 33 -12.04 -13.36 -2.14
CA ASN A 33 -13.38 -13.47 -1.54
C ASN A 33 -13.53 -12.77 -0.16
N GLU A 34 -12.61 -11.88 0.19
CA GLU A 34 -12.59 -11.29 1.53
C GLU A 34 -12.93 -9.80 1.52
N GLY A 35 -12.63 -9.12 0.43
CA GLY A 35 -12.83 -7.68 0.37
C GLY A 35 -11.80 -6.92 1.18
N GLN A 36 -10.80 -7.66 1.65
CA GLN A 36 -9.69 -7.12 2.44
C GLN A 36 -8.40 -7.32 1.65
N TYR A 37 -7.31 -6.68 2.08
CA TYR A 37 -6.04 -6.73 1.36
C TYR A 37 -4.96 -7.48 2.13
N SER A 38 -4.02 -8.04 1.38
CA SER A 38 -2.82 -8.66 1.94
C SER A 38 -1.65 -8.48 0.96
N VAL A 39 -0.48 -9.00 1.31
CA VAL A 39 0.68 -8.95 0.41
C VAL A 39 1.21 -10.35 0.16
N TRP A 40 2.03 -10.48 -0.89
CA TRP A 40 2.53 -11.77 -1.33
C TRP A 40 3.89 -11.59 -2.00
N MET A 41 4.73 -12.62 -1.90
CA MET A 41 6.08 -12.56 -2.46
C MET A 41 6.06 -12.97 -3.93
N ASP A 42 6.61 -12.13 -4.79
CA ASP A 42 6.60 -12.37 -6.24
C ASP A 42 7.47 -13.59 -6.58
N GLY A 43 7.01 -14.36 -7.56
CA GLY A 43 7.70 -15.58 -7.97
C GLY A 43 6.92 -16.83 -7.60
N ARG A 44 5.94 -16.66 -6.71
CA ARG A 44 5.13 -17.79 -6.23
C ARG A 44 3.75 -17.77 -6.91
N SER A 45 3.31 -18.93 -7.36
CA SER A 45 2.01 -19.06 -8.02
C SER A 45 0.90 -19.21 -7.00
N LEU A 46 -0.02 -18.27 -7.03
CA LEU A 46 -1.15 -18.25 -6.11
C LEU A 46 -2.12 -19.40 -6.39
N PRO A 47 -2.71 -19.96 -5.32
CA PRO A 47 -3.67 -21.05 -5.45
C PRO A 47 -5.04 -20.56 -5.93
N ALA A 48 -5.78 -21.46 -6.57
CA ALA A 48 -7.10 -21.16 -7.13
C ALA A 48 -7.97 -20.38 -6.15
N GLY A 49 -8.47 -19.24 -6.59
CA GLY A 49 -9.29 -18.40 -5.76
C GLY A 49 -8.61 -17.08 -5.42
N TRP A 50 -7.29 -17.12 -5.25
CA TRP A 50 -6.53 -15.92 -4.88
C TRP A 50 -6.35 -15.01 -6.09
N GLU A 51 -6.11 -13.73 -5.83
CA GLU A 51 -5.95 -12.75 -6.90
C GLU A 51 -4.92 -11.68 -6.51
N THR A 52 -4.20 -11.19 -7.52
CA THR A 52 -3.13 -10.20 -7.32
C THR A 52 -3.63 -8.78 -7.61
N VAL A 53 -2.85 -7.79 -7.13
CA VAL A 53 -3.18 -6.37 -7.29
C VAL A 53 -1.96 -5.50 -6.95
N GLY A 54 -1.91 -4.32 -7.56
CA GLY A 54 -0.88 -3.34 -7.25
C GLY A 54 0.24 -3.30 -8.27
N GLU A 55 1.24 -2.50 -7.98
CA GLU A 55 2.47 -2.45 -8.77
C GLU A 55 3.55 -3.21 -8.00
N PRO A 56 4.06 -4.32 -8.55
CA PRO A 56 5.00 -5.19 -7.82
C PRO A 56 6.27 -4.44 -7.42
N ALA A 57 6.58 -4.46 -6.14
CA ALA A 57 7.74 -3.76 -5.59
C ALA A 57 8.12 -4.34 -4.24
N THR A 58 9.24 -3.90 -3.67
CA THR A 58 9.76 -4.46 -2.43
C THR A 58 8.70 -4.39 -1.31
N LYS A 59 8.81 -5.30 -0.34
CA LYS A 59 7.86 -5.40 0.77
C LYS A 59 7.54 -4.01 1.34
N GLN A 60 8.58 -3.20 1.49
CA GLN A 60 8.47 -1.83 1.98
C GLN A 60 7.44 -1.04 1.17
N GLN A 61 7.53 -1.12 -0.15
CA GLN A 61 6.61 -0.40 -1.04
C GLN A 61 5.24 -1.06 -1.05
N CYS A 62 5.23 -2.38 -0.90
CA CYS A 62 4.00 -3.16 -0.97
C CYS A 62 3.06 -2.78 0.17
N LEU A 63 3.59 -2.73 1.39
CA LEU A 63 2.79 -2.33 2.55
C LEU A 63 2.42 -0.85 2.46
N GLN A 64 3.33 -0.07 1.89
CA GLN A 64 3.14 1.37 1.70
C GLN A 64 1.91 1.62 0.83
N ARG A 65 1.78 0.83 -0.25
CA ARG A 65 0.69 0.99 -1.20
C ARG A 65 -0.66 0.88 -0.51
N ILE A 66 -0.87 -0.22 0.22
CA ILE A 66 -2.17 -0.50 0.83
C ILE A 66 -2.47 0.45 1.98
N GLU A 67 -1.44 0.88 2.71
CA GLU A 67 -1.61 1.83 3.80
C GLU A 67 -2.08 3.18 3.25
N GLN A 68 -1.45 3.63 2.16
CA GLN A 68 -1.79 4.91 1.53
C GLN A 68 -3.19 4.89 0.89
N LEU A 69 -3.86 3.75 0.95
CA LEU A 69 -5.19 3.59 0.36
C LEU A 69 -6.28 3.60 1.43
N TRP A 70 -6.26 2.58 2.28
CA TRP A 70 -7.26 2.40 3.33
C TRP A 70 -6.86 3.19 4.57
N THR A 71 -5.64 2.95 5.01
CA THR A 71 -5.10 3.52 6.24
C THR A 71 -4.72 5.00 6.04
N ASP A 72 -4.70 5.44 4.78
CA ASP A 72 -4.23 6.78 4.41
C ASP A 72 -4.75 7.85 5.38
N MET A 73 -5.94 7.61 5.92
CA MET A 73 -6.55 8.49 6.91
C MET A 73 -5.67 8.55 8.17
N VAL A 74 -4.67 9.41 8.11
CA VAL A 74 -3.72 9.58 9.21
C VAL A 74 -4.40 10.35 10.36
N PRO A 75 -4.23 9.87 11.62
CA PRO A 75 -4.88 10.45 12.80
C PRO A 75 -4.31 11.81 13.18
N ALA A 76 -4.43 12.18 14.46
CA ALA A 76 -3.98 13.47 14.96
C ALA A 76 -2.51 13.72 14.67
N SER A 77 -1.77 12.63 14.40
CA SER A 77 -0.34 12.73 14.09
C SER A 77 -0.11 13.64 12.87
N VAL A 78 -1.11 13.72 12.00
CA VAL A 78 -1.03 14.57 10.80
C VAL A 78 -0.66 16.01 11.16
N ARG A 79 -1.16 16.48 12.31
CA ARG A 79 -0.91 17.85 12.75
C ARG A 79 0.56 18.03 13.12
N GLU A 80 1.21 16.95 13.52
CA GLU A 80 2.64 16.97 13.83
C GLU A 80 3.43 17.21 12.54
N HIS A 81 3.03 16.51 11.48
CA HIS A 81 3.69 16.61 10.20
C HIS A 81 3.39 17.96 9.55
N LEU A 82 2.15 18.45 9.75
CA LEU A 82 1.74 19.75 9.24
C LEU A 82 2.43 20.87 10.01
N ASN A 83 2.85 20.56 11.24
CA ASN A 83 3.55 21.52 12.09
C ASN A 83 4.97 21.73 11.57
N GLN A 84 5.10 22.60 10.57
CA GLN A 84 6.40 22.88 9.98
C GLN A 84 7.04 24.09 10.66
N HIS A 85 7.61 23.86 11.84
CA HIS A 85 8.30 24.91 12.57
C HIS A 85 9.81 24.71 12.46
N SER A 86 10.38 25.20 11.36
CA SER A 86 11.80 24.99 11.05
C SER A 86 12.11 23.51 10.84
N GLY A 87 11.04 22.71 10.78
CA GLY A 87 11.16 21.28 10.62
C GLY A 87 9.79 20.62 10.74
N PRO A 88 9.54 19.54 10.00
CA PRO A 88 8.24 18.85 10.01
C PRO A 88 8.19 17.68 10.99
N GLY A 89 6.98 17.23 11.29
CA GLY A 89 6.81 16.03 12.08
C GLY A 89 6.96 14.79 11.22
N ILE A 90 7.05 13.62 11.85
CA ILE A 90 7.29 12.38 11.12
C ILE A 90 6.18 11.35 11.37
N ASP A 91 5.30 11.20 10.39
CA ASP A 91 4.20 10.23 10.48
C ASP A 91 4.73 8.81 10.42
N TYR A 92 4.32 7.99 11.38
CA TYR A 92 4.58 6.55 11.36
C TYR A 92 3.26 5.80 11.56
N ALA A 93 2.16 6.55 11.41
CA ALA A 93 0.81 5.99 11.54
C ALA A 93 0.49 5.15 10.34
N VAL A 94 0.57 5.86 9.30
CA VAL A 94 0.36 5.36 7.95
C VAL A 94 1.71 5.27 7.24
N ARG A 95 1.89 4.17 6.54
CA ARG A 95 3.13 3.91 5.81
C ARG A 95 2.98 4.40 4.36
N MET A 1 -17.94 16.43 2.14
CA MET A 1 -19.09 17.34 1.93
C MET A 1 -20.32 16.55 1.48
N ALA A 2 -21.49 17.16 1.63
CA ALA A 2 -22.72 16.58 1.12
C ALA A 2 -22.63 16.44 -0.40
N HIS A 3 -22.07 17.47 -1.03
CA HIS A 3 -21.77 17.42 -2.45
C HIS A 3 -20.52 16.57 -2.67
N HIS A 4 -20.73 15.29 -2.91
CA HIS A 4 -19.63 14.32 -3.03
C HIS A 4 -18.67 14.70 -4.16
N HIS A 5 -17.58 15.37 -3.80
CA HIS A 5 -16.59 15.83 -4.76
C HIS A 5 -15.19 15.52 -4.25
N HIS A 6 -14.62 14.41 -4.71
CA HIS A 6 -13.29 13.97 -4.27
C HIS A 6 -12.69 12.97 -5.25
N HIS A 7 -11.37 12.82 -5.19
CA HIS A 7 -10.68 11.83 -6.02
C HIS A 7 -9.88 10.87 -5.12
N HIS A 8 -10.21 9.59 -5.21
CA HIS A 8 -9.56 8.56 -4.39
C HIS A 8 -10.08 7.18 -4.79
N MET A 9 -10.39 7.02 -6.07
CA MET A 9 -10.96 5.78 -6.58
C MET A 9 -9.91 4.98 -7.34
N GLY A 10 -10.03 3.65 -7.29
CA GLY A 10 -9.12 2.79 -8.02
C GLY A 10 -7.71 2.81 -7.46
N THR A 11 -6.80 3.48 -8.19
CA THR A 11 -5.39 3.58 -7.80
C THR A 11 -4.75 2.19 -7.71
N LEU A 12 -4.38 1.64 -8.87
CA LEU A 12 -3.77 0.32 -8.93
C LEU A 12 -2.28 0.38 -8.59
N GLU A 13 -1.51 1.08 -9.41
CA GLU A 13 -0.07 1.26 -9.13
C GLU A 13 0.19 2.72 -8.74
N ALA A 14 1.37 2.99 -8.16
CA ALA A 14 1.70 4.32 -7.67
C ALA A 14 3.21 4.51 -7.56
N GLN A 15 3.77 5.20 -8.54
CA GLN A 15 5.21 5.47 -8.59
C GLN A 15 5.52 6.79 -7.87
N THR A 16 6.81 7.01 -7.60
CA THR A 16 7.30 8.30 -7.10
C THR A 16 6.97 8.54 -5.62
N GLN A 17 5.93 7.90 -5.11
CA GLN A 17 5.54 8.06 -3.71
C GLN A 17 6.69 7.64 -2.79
N GLY A 18 7.40 6.58 -3.17
CA GLY A 18 8.52 6.11 -2.39
C GLY A 18 9.87 6.46 -3.02
N PRO A 19 10.90 6.73 -2.22
CA PRO A 19 12.23 7.10 -2.71
C PRO A 19 13.08 5.88 -3.07
N GLY A 20 12.51 4.70 -2.94
CA GLY A 20 13.21 3.46 -3.25
C GLY A 20 13.66 2.73 -2.01
N SER A 21 13.67 1.40 -2.07
CA SER A 21 14.09 0.56 -0.95
C SER A 21 14.33 -0.87 -1.43
N MET A 22 15.26 -1.01 -2.38
CA MET A 22 15.61 -2.31 -2.92
C MET A 22 16.51 -3.06 -1.93
N ASP A 23 15.91 -3.46 -0.82
CA ASP A 23 16.60 -4.20 0.23
C ASP A 23 16.09 -5.63 0.30
N ASP A 24 15.14 -5.95 -0.58
CA ASP A 24 14.53 -7.27 -0.63
C ASP A 24 13.85 -7.47 -1.98
N GLU A 25 13.32 -8.67 -2.22
CA GLU A 25 12.68 -9.00 -3.49
C GLU A 25 11.37 -8.22 -3.68
N LEU A 26 10.72 -8.44 -4.83
CA LEU A 26 9.49 -7.71 -5.19
C LEU A 26 8.26 -8.38 -4.59
N TYR A 27 7.26 -7.57 -4.27
CA TYR A 27 6.01 -8.00 -3.66
C TYR A 27 4.80 -7.50 -4.45
N PHE A 28 3.66 -8.13 -4.22
CA PHE A 28 2.37 -7.68 -4.75
C PHE A 28 1.38 -7.53 -3.62
N VAL A 29 0.25 -6.89 -3.91
CA VAL A 29 -0.88 -6.90 -3.00
C VAL A 29 -1.84 -7.98 -3.49
N VAL A 30 -2.36 -8.79 -2.58
CA VAL A 30 -3.22 -9.92 -2.96
C VAL A 30 -4.38 -10.08 -2.00
N ARG A 31 -5.34 -10.91 -2.37
CA ARG A 31 -6.46 -11.25 -1.48
C ARG A 31 -7.25 -12.44 -1.99
N ASN A 32 -8.16 -12.95 -1.16
CA ASN A 32 -9.13 -13.97 -1.59
C ASN A 32 -10.31 -14.05 -0.61
N ASN A 33 -11.51 -14.21 -1.16
CA ASN A 33 -12.76 -14.45 -0.40
C ASN A 33 -12.95 -13.53 0.82
N GLU A 34 -12.10 -12.51 0.96
CA GLU A 34 -12.06 -11.69 2.19
C GLU A 34 -12.54 -10.27 1.94
N GLY A 35 -12.29 -9.76 0.73
CA GLY A 35 -12.62 -8.38 0.40
C GLY A 35 -11.53 -7.41 0.87
N GLN A 36 -10.75 -7.84 1.86
CA GLN A 36 -9.64 -7.05 2.40
C GLN A 36 -8.42 -7.20 1.51
N TYR A 37 -7.36 -6.44 1.80
CA TYR A 37 -6.13 -6.51 1.02
C TYR A 37 -4.95 -6.95 1.87
N SER A 38 -4.09 -7.76 1.26
CA SER A 38 -2.89 -8.29 1.88
C SER A 38 -1.71 -8.10 0.94
N VAL A 39 -0.51 -8.54 1.35
CA VAL A 39 0.66 -8.49 0.48
C VAL A 39 1.23 -9.89 0.26
N TRP A 40 2.01 -10.05 -0.80
CA TRP A 40 2.49 -11.36 -1.24
C TRP A 40 3.87 -11.21 -1.87
N MET A 41 4.67 -12.26 -1.78
CA MET A 41 6.03 -12.25 -2.34
C MET A 41 6.01 -12.77 -3.77
N ASP A 42 6.61 -12.01 -4.69
CA ASP A 42 6.71 -12.41 -6.09
C ASP A 42 7.45 -13.74 -6.22
N GLY A 43 7.12 -14.51 -7.26
CA GLY A 43 7.71 -15.81 -7.44
C GLY A 43 6.79 -16.92 -6.97
N ARG A 44 5.95 -16.59 -6.00
CA ARG A 44 4.96 -17.53 -5.48
C ARG A 44 3.67 -17.45 -6.29
N SER A 45 3.39 -18.49 -7.06
CA SER A 45 2.15 -18.57 -7.81
C SER A 45 0.98 -18.80 -6.86
N LEU A 46 -0.05 -17.99 -7.02
CA LEU A 46 -1.20 -18.03 -6.15
C LEU A 46 -2.10 -19.23 -6.48
N PRO A 47 -2.69 -19.85 -5.45
CA PRO A 47 -3.66 -20.93 -5.63
C PRO A 47 -5.02 -20.40 -6.08
N ALA A 48 -5.79 -21.28 -6.74
CA ALA A 48 -7.10 -20.93 -7.28
C ALA A 48 -7.96 -20.20 -6.25
N GLY A 49 -8.39 -18.99 -6.60
CA GLY A 49 -9.19 -18.18 -5.70
C GLY A 49 -8.49 -16.90 -5.28
N TRP A 50 -7.16 -16.95 -5.18
CA TRP A 50 -6.38 -15.76 -4.82
C TRP A 50 -6.18 -14.85 -6.02
N GLU A 51 -6.14 -13.54 -5.76
CA GLU A 51 -5.97 -12.54 -6.82
C GLU A 51 -4.92 -11.50 -6.42
N THR A 52 -4.33 -10.88 -7.44
CA THR A 52 -3.20 -9.95 -7.29
C THR A 52 -3.59 -8.52 -7.65
N VAL A 53 -2.77 -7.56 -7.21
CA VAL A 53 -3.01 -6.13 -7.46
C VAL A 53 -1.76 -5.30 -7.15
N GLY A 54 -1.56 -4.25 -7.94
CA GLY A 54 -0.47 -3.32 -7.70
C GLY A 54 0.72 -3.57 -8.61
N GLU A 55 1.85 -2.97 -8.26
CA GLU A 55 3.09 -3.17 -8.98
C GLU A 55 4.00 -4.08 -8.16
N PRO A 56 4.81 -4.94 -8.79
CA PRO A 56 5.79 -5.73 -8.07
C PRO A 56 6.88 -4.82 -7.53
N ALA A 57 6.82 -4.59 -6.23
CA ALA A 57 7.67 -3.62 -5.56
C ALA A 57 8.01 -4.06 -4.15
N THR A 58 9.01 -3.42 -3.56
CA THR A 58 9.53 -3.80 -2.25
C THR A 58 8.46 -3.68 -1.15
N LYS A 59 8.78 -4.27 0.01
CA LYS A 59 7.91 -4.26 1.19
C LYS A 59 7.36 -2.86 1.47
N GLN A 60 8.26 -1.87 1.49
CA GLN A 60 7.90 -0.49 1.76
C GLN A 60 6.80 0.00 0.81
N GLN A 61 6.90 -0.40 -0.45
CA GLN A 61 5.92 0.01 -1.46
C GLN A 61 4.59 -0.73 -1.28
N CYS A 62 4.66 -2.03 -1.04
CA CYS A 62 3.45 -2.84 -0.94
C CYS A 62 2.59 -2.42 0.24
N LEU A 63 3.21 -2.21 1.41
CA LEU A 63 2.47 -1.76 2.59
C LEU A 63 1.97 -0.32 2.39
N GLN A 64 2.82 0.51 1.81
CA GLN A 64 2.50 1.92 1.61
C GLN A 64 1.31 2.06 0.67
N ARG A 65 1.22 1.18 -0.33
CA ARG A 65 0.16 1.28 -1.33
C ARG A 65 -1.21 1.20 -0.67
N ILE A 66 -1.42 0.15 0.11
CA ILE A 66 -2.72 -0.10 0.72
C ILE A 66 -3.00 0.88 1.85
N GLU A 67 -1.95 1.30 2.55
CA GLU A 67 -2.09 2.34 3.56
C GLU A 67 -2.58 3.64 2.93
N GLN A 68 -2.01 4.01 1.79
CA GLN A 68 -2.40 5.23 1.07
C GLN A 68 -3.77 5.05 0.39
N LEU A 69 -4.36 3.87 0.58
CA LEU A 69 -5.70 3.57 0.04
C LEU A 69 -6.76 3.62 1.13
N TRP A 70 -6.68 2.68 2.07
CA TRP A 70 -7.67 2.56 3.14
C TRP A 70 -7.35 3.49 4.31
N THR A 71 -6.09 3.49 4.69
CA THR A 71 -5.61 4.26 5.83
C THR A 71 -5.36 5.72 5.42
N ASP A 72 -5.37 5.97 4.10
CA ASP A 72 -4.99 7.28 3.53
C ASP A 72 -5.58 8.43 4.33
N MET A 73 -6.80 8.23 4.82
CA MET A 73 -7.46 9.20 5.69
C MET A 73 -6.62 9.41 6.95
N VAL A 74 -5.71 10.37 6.88
CA VAL A 74 -4.83 10.68 7.99
C VAL A 74 -5.44 11.76 8.87
N PRO A 75 -5.52 11.49 10.19
CA PRO A 75 -6.09 12.43 11.16
C PRO A 75 -5.12 13.55 11.51
N ALA A 76 -5.33 14.18 12.66
CA ALA A 76 -4.46 15.27 13.13
C ALA A 76 -3.01 14.81 13.22
N SER A 77 -2.81 13.49 13.24
CA SER A 77 -1.47 12.91 13.32
C SER A 77 -0.63 13.27 12.09
N VAL A 78 -1.30 13.79 11.05
CA VAL A 78 -0.61 14.26 9.85
C VAL A 78 0.44 15.31 10.21
N ARG A 79 0.11 16.14 11.19
CA ARG A 79 1.03 17.18 11.65
C ARG A 79 2.16 16.57 12.49
N GLU A 80 1.78 15.74 13.45
CA GLU A 80 2.72 15.20 14.43
C GLU A 80 3.75 14.30 13.75
N HIS A 81 3.25 13.43 12.87
CA HIS A 81 4.09 12.44 12.19
C HIS A 81 4.94 13.07 11.11
N LEU A 82 4.62 14.31 10.75
CA LEU A 82 5.32 14.99 9.66
C LEU A 82 6.50 15.79 10.20
N ASN A 83 6.22 16.91 10.87
CA ASN A 83 7.26 17.75 11.43
C ASN A 83 7.74 17.17 12.77
N GLN A 84 8.55 16.12 12.67
CA GLN A 84 9.12 15.47 13.84
C GLN A 84 9.92 16.48 14.68
N HIS A 85 11.00 16.99 14.09
CA HIS A 85 11.84 18.03 14.69
C HIS A 85 12.74 17.46 15.80
N SER A 86 12.23 16.51 16.56
CA SER A 86 12.98 15.87 17.63
C SER A 86 14.06 14.96 17.06
N GLY A 87 13.65 14.03 16.20
CA GLY A 87 14.59 13.11 15.57
C GLY A 87 13.98 11.75 15.33
N PRO A 88 13.64 11.00 16.40
CA PRO A 88 13.03 9.67 16.27
C PRO A 88 11.59 9.72 15.79
N GLY A 89 11.13 8.62 15.20
CA GLY A 89 9.77 8.53 14.69
C GLY A 89 8.73 8.64 15.81
N ILE A 90 8.25 9.85 16.05
CA ILE A 90 7.22 10.10 17.06
C ILE A 90 5.82 10.09 16.42
N ASP A 91 4.91 9.38 17.08
CA ASP A 91 3.52 9.23 16.64
C ASP A 91 3.42 8.48 15.31
N TYR A 92 2.30 7.80 15.09
CA TYR A 92 2.13 6.95 13.92
C TYR A 92 0.80 7.24 13.22
N ALA A 93 0.71 6.79 11.98
CA ALA A 93 -0.45 7.04 11.12
C ALA A 93 -0.27 6.26 9.82
N VAL A 94 -0.96 6.70 8.76
CA VAL A 94 -0.79 6.10 7.43
C VAL A 94 0.70 6.00 7.06
N ARG A 95 1.09 4.85 6.52
CA ARG A 95 2.48 4.61 6.13
C ARG A 95 2.76 5.22 4.76
N MET A 1 -12.26 6.53 21.96
CA MET A 1 -12.90 7.40 20.95
C MET A 1 -12.11 7.34 19.64
N ALA A 2 -12.48 6.40 18.78
CA ALA A 2 -11.80 6.19 17.50
C ALA A 2 -12.51 5.12 16.67
N HIS A 3 -13.09 5.54 15.55
CA HIS A 3 -13.69 4.61 14.59
C HIS A 3 -13.00 4.74 13.24
N HIS A 4 -12.71 3.61 12.59
CA HIS A 4 -11.99 3.63 11.32
C HIS A 4 -12.68 2.75 10.28
N HIS A 5 -13.55 3.37 9.48
CA HIS A 5 -14.18 2.71 8.34
C HIS A 5 -14.02 3.56 7.08
N HIS A 6 -13.08 3.16 6.22
CA HIS A 6 -12.81 3.87 4.97
C HIS A 6 -11.95 3.00 4.06
N HIS A 7 -12.09 3.16 2.76
CA HIS A 7 -11.31 2.38 1.79
C HIS A 7 -11.40 2.97 0.39
N HIS A 8 -10.24 3.17 -0.24
CA HIS A 8 -10.17 3.56 -1.64
C HIS A 8 -9.72 2.36 -2.47
N MET A 9 -10.52 1.96 -3.45
CA MET A 9 -10.27 0.75 -4.22
C MET A 9 -9.42 1.02 -5.45
N GLY A 10 -8.18 0.54 -5.42
CA GLY A 10 -7.32 0.59 -6.59
C GLY A 10 -7.06 -0.81 -7.12
N THR A 11 -6.84 -0.95 -8.42
CA THR A 11 -6.65 -2.24 -9.05
C THR A 11 -5.26 -2.36 -9.69
N LEU A 12 -5.09 -1.77 -10.86
CA LEU A 12 -3.81 -1.78 -11.58
C LEU A 12 -3.25 -0.36 -11.61
N GLU A 13 -2.22 -0.12 -10.81
CA GLU A 13 -1.71 1.21 -10.57
C GLU A 13 -0.53 1.52 -11.49
N ALA A 14 -0.06 2.76 -11.45
CA ALA A 14 1.11 3.17 -12.21
C ALA A 14 2.36 3.02 -11.35
N GLN A 15 3.23 2.08 -11.73
CA GLN A 15 4.42 1.76 -10.94
C GLN A 15 5.25 3.00 -10.64
N THR A 16 5.15 3.50 -9.41
CA THR A 16 5.99 4.59 -8.95
C THR A 16 7.44 4.10 -8.86
N GLN A 17 7.61 2.87 -8.39
CA GLN A 17 8.90 2.18 -8.38
C GLN A 17 8.65 0.68 -8.55
N GLY A 18 9.68 -0.12 -8.32
CA GLY A 18 9.53 -1.57 -8.39
C GLY A 18 10.56 -2.27 -7.52
N PRO A 19 11.65 -2.79 -8.12
CA PRO A 19 12.74 -3.40 -7.37
C PRO A 19 13.77 -2.36 -6.93
N GLY A 20 14.95 -2.83 -6.54
CA GLY A 20 16.02 -1.94 -6.15
C GLY A 20 17.18 -2.69 -5.53
N SER A 21 18.39 -2.18 -5.75
CA SER A 21 19.59 -2.81 -5.20
C SER A 21 19.67 -2.52 -3.70
N MET A 22 19.69 -3.59 -2.90
CA MET A 22 19.71 -3.49 -1.44
C MET A 22 18.36 -3.05 -0.89
N ASP A 23 17.36 -3.04 -1.76
CA ASP A 23 15.99 -2.76 -1.39
C ASP A 23 15.32 -4.10 -1.13
N ASP A 24 14.00 -4.12 -0.94
CA ASP A 24 13.30 -5.37 -0.65
C ASP A 24 12.97 -6.11 -1.96
N GLU A 25 12.49 -7.34 -1.82
CA GLU A 25 12.11 -8.15 -2.97
C GLU A 25 10.75 -7.71 -3.50
N LEU A 26 10.34 -8.23 -4.64
CA LEU A 26 9.06 -7.83 -5.23
C LEU A 26 7.89 -8.47 -4.51
N TYR A 27 6.88 -7.66 -4.31
CA TYR A 27 5.64 -8.04 -3.68
C TYR A 27 4.49 -7.52 -4.54
N PHE A 28 3.32 -8.10 -4.30
CA PHE A 28 2.08 -7.65 -4.90
C PHE A 28 1.05 -7.50 -3.79
N VAL A 29 0.00 -6.73 -4.06
CA VAL A 29 -1.10 -6.62 -3.13
C VAL A 29 -2.12 -7.70 -3.50
N VAL A 30 -2.44 -8.59 -2.57
CA VAL A 30 -3.26 -9.75 -2.90
C VAL A 30 -4.47 -9.87 -1.98
N ARG A 31 -5.45 -10.61 -2.46
CA ARG A 31 -6.65 -10.92 -1.67
C ARG A 31 -7.47 -11.99 -2.36
N ASN A 32 -8.48 -12.53 -1.66
CA ASN A 32 -9.46 -13.39 -2.32
C ASN A 32 -10.84 -13.18 -1.72
N ASN A 33 -11.85 -13.17 -2.61
CA ASN A 33 -13.28 -13.04 -2.27
C ASN A 33 -13.60 -12.20 -1.00
N GLU A 34 -12.67 -11.35 -0.56
CA GLU A 34 -12.83 -10.65 0.72
C GLU A 34 -13.02 -9.15 0.54
N GLY A 35 -12.40 -8.58 -0.49
CA GLY A 35 -12.45 -7.14 -0.71
C GLY A 35 -11.39 -6.39 0.09
N GLN A 36 -10.91 -7.01 1.17
CA GLN A 36 -9.84 -6.42 1.99
C GLN A 36 -8.50 -6.69 1.31
N TYR A 37 -7.48 -5.90 1.63
CA TYR A 37 -6.19 -6.00 0.94
C TYR A 37 -5.07 -6.53 1.82
N SER A 38 -4.24 -7.37 1.21
CA SER A 38 -3.05 -7.89 1.87
C SER A 38 -1.86 -7.78 0.91
N VAL A 39 -0.69 -8.24 1.34
CA VAL A 39 0.51 -8.25 0.47
C VAL A 39 1.09 -9.66 0.39
N TRP A 40 1.86 -9.91 -0.66
CA TRP A 40 2.39 -11.25 -0.95
C TRP A 40 3.66 -11.14 -1.79
N MET A 41 4.60 -12.06 -1.56
CA MET A 41 5.90 -12.01 -2.24
C MET A 41 5.81 -12.63 -3.63
N ASP A 42 6.24 -11.86 -4.64
CA ASP A 42 6.25 -12.31 -6.02
C ASP A 42 7.38 -13.33 -6.24
N GLY A 43 7.11 -14.35 -7.05
CA GLY A 43 8.07 -15.42 -7.27
C GLY A 43 7.61 -16.72 -6.65
N ARG A 44 6.49 -16.65 -5.92
CA ARG A 44 5.88 -17.80 -5.27
C ARG A 44 4.60 -18.19 -6.00
N SER A 45 4.06 -19.37 -5.73
CA SER A 45 2.78 -19.78 -6.29
C SER A 45 1.64 -19.52 -5.30
N LEU A 46 0.73 -18.60 -5.67
CA LEU A 46 -0.43 -18.30 -4.85
C LEU A 46 -1.42 -19.47 -4.86
N PRO A 47 -2.00 -19.80 -3.69
CA PRO A 47 -3.00 -20.84 -3.59
C PRO A 47 -4.29 -20.48 -4.36
N ALA A 48 -4.83 -21.47 -5.08
CA ALA A 48 -6.02 -21.29 -5.90
C ALA A 48 -7.10 -20.50 -5.16
N GLY A 49 -7.55 -19.41 -5.79
CA GLY A 49 -8.55 -18.55 -5.19
C GLY A 49 -8.00 -17.16 -4.92
N TRP A 50 -6.71 -17.10 -4.57
CA TRP A 50 -6.06 -15.83 -4.28
C TRP A 50 -5.72 -15.09 -5.57
N GLU A 51 -5.91 -13.78 -5.57
CA GLU A 51 -5.65 -12.96 -6.75
C GLU A 51 -4.72 -11.80 -6.40
N THR A 52 -4.04 -11.31 -7.43
CA THR A 52 -3.03 -10.27 -7.31
C THR A 52 -3.57 -8.92 -7.80
N VAL A 53 -3.00 -7.84 -7.26
CA VAL A 53 -3.39 -6.48 -7.60
C VAL A 53 -2.29 -5.49 -7.17
N GLY A 54 -2.33 -4.30 -7.75
CA GLY A 54 -1.35 -3.28 -7.47
C GLY A 54 -0.20 -3.31 -8.46
N GLU A 55 0.92 -2.74 -8.07
CA GLU A 55 2.13 -2.74 -8.85
C GLU A 55 3.16 -3.65 -8.18
N PRO A 56 3.89 -4.48 -8.95
CA PRO A 56 4.93 -5.33 -8.38
C PRO A 56 6.11 -4.47 -7.90
N ALA A 57 6.36 -4.49 -6.61
CA ALA A 57 7.30 -3.56 -5.99
C ALA A 57 7.73 -4.06 -4.62
N THR A 58 8.73 -3.44 -4.04
CA THR A 58 9.26 -3.88 -2.75
C THR A 58 8.15 -3.93 -1.69
N LYS A 59 8.32 -4.82 -0.71
CA LYS A 59 7.39 -4.91 0.41
C LYS A 59 7.02 -3.52 0.92
N GLN A 60 8.04 -2.67 0.97
CA GLN A 60 7.90 -1.28 1.41
C GLN A 60 6.87 -0.54 0.56
N GLN A 61 7.03 -0.59 -0.76
CA GLN A 61 6.16 0.17 -1.66
C GLN A 61 4.75 -0.45 -1.69
N CYS A 62 4.68 -1.77 -1.73
CA CYS A 62 3.40 -2.47 -1.79
C CYS A 62 2.54 -2.15 -0.56
N LEU A 63 3.14 -2.19 0.64
CA LEU A 63 2.40 -1.81 1.85
C LEU A 63 2.11 -0.32 1.82
N GLN A 64 3.06 0.44 1.29
CA GLN A 64 2.93 1.90 1.14
C GLN A 64 1.71 2.23 0.29
N ARG A 65 1.40 1.35 -0.64
CA ARG A 65 0.25 1.53 -1.52
C ARG A 65 -1.05 1.46 -0.71
N ILE A 66 -1.22 0.39 0.05
CA ILE A 66 -2.50 0.13 0.72
C ILE A 66 -2.73 1.05 1.92
N GLU A 67 -1.65 1.46 2.60
CA GLU A 67 -1.77 2.41 3.72
C GLU A 67 -2.41 3.71 3.22
N GLN A 68 -2.14 4.06 1.97
CA GLN A 68 -2.65 5.29 1.37
C GLN A 68 -4.03 5.08 0.73
N LEU A 69 -4.45 3.82 0.65
CA LEU A 69 -5.72 3.45 0.01
C LEU A 69 -6.80 3.13 1.04
N TRP A 70 -6.56 2.04 1.78
CA TRP A 70 -7.53 1.52 2.75
C TRP A 70 -7.38 2.22 4.09
N THR A 71 -6.14 2.41 4.51
CA THR A 71 -5.83 3.01 5.81
C THR A 71 -5.76 4.55 5.75
N ASP A 72 -5.78 5.09 4.53
CA ASP A 72 -5.37 6.48 4.24
C ASP A 72 -5.84 7.53 5.26
N MET A 73 -7.09 7.46 5.72
CA MET A 73 -7.59 8.47 6.67
C MET A 73 -6.85 8.34 8.00
N VAL A 74 -5.70 9.01 8.06
CA VAL A 74 -4.84 9.04 9.23
C VAL A 74 -5.42 9.95 10.32
N PRO A 75 -5.29 9.56 11.61
CA PRO A 75 -5.70 10.39 12.75
C PRO A 75 -4.79 11.62 12.92
N ALA A 76 -4.84 12.23 14.10
CA ALA A 76 -4.03 13.42 14.41
C ALA A 76 -2.54 13.15 14.22
N SER A 77 -2.17 11.87 14.18
CA SER A 77 -0.79 11.46 14.03
C SER A 77 -0.17 12.02 12.74
N VAL A 78 -1.03 12.45 11.82
CA VAL A 78 -0.56 13.11 10.60
C VAL A 78 0.26 14.35 10.93
N ARG A 79 -0.23 15.15 11.88
CA ARG A 79 0.44 16.39 12.26
C ARG A 79 1.75 16.09 12.96
N GLU A 80 1.80 14.94 13.62
CA GLU A 80 2.98 14.49 14.35
C GLU A 80 4.20 14.40 13.43
N HIS A 81 3.98 13.95 12.19
CA HIS A 81 5.07 13.76 11.24
C HIS A 81 5.23 14.96 10.30
N LEU A 82 4.31 15.93 10.38
CA LEU A 82 4.37 17.10 9.51
C LEU A 82 5.64 17.91 9.76
N ASN A 83 6.26 17.69 10.91
CA ASN A 83 7.52 18.36 11.23
C ASN A 83 8.60 17.98 10.21
N GLN A 84 8.67 16.68 9.90
CA GLN A 84 9.65 16.17 8.95
C GLN A 84 9.22 16.50 7.51
N HIS A 85 9.58 17.70 7.06
CA HIS A 85 9.26 18.14 5.70
C HIS A 85 10.41 18.97 5.12
N SER A 86 11.56 18.86 5.75
CA SER A 86 12.72 19.67 5.40
C SER A 86 13.66 18.91 4.48
N GLY A 87 13.17 17.81 3.90
CA GLY A 87 14.01 16.96 3.06
C GLY A 87 13.87 15.50 3.45
N PRO A 88 14.45 15.10 4.59
CA PRO A 88 14.35 13.72 5.10
C PRO A 88 12.99 13.45 5.75
N GLY A 89 11.92 13.76 5.01
CA GLY A 89 10.57 13.50 5.47
C GLY A 89 9.93 12.36 4.71
N ILE A 90 10.76 11.57 4.01
CA ILE A 90 10.28 10.45 3.22
C ILE A 90 10.03 9.24 4.11
N ASP A 91 8.86 9.25 4.74
CA ASP A 91 8.45 8.18 5.64
C ASP A 91 7.06 7.71 5.25
N TYR A 92 6.72 6.50 5.68
CA TYR A 92 5.39 5.95 5.43
C TYR A 92 4.34 6.59 6.34
N ALA A 93 3.10 6.19 6.15
CA ALA A 93 1.98 6.73 6.91
C ALA A 93 1.39 5.63 7.81
N VAL A 94 0.09 5.72 8.08
CA VAL A 94 -0.59 4.75 8.92
C VAL A 94 -0.87 3.45 8.16
N ARG A 95 -0.12 2.41 8.49
CA ARG A 95 -0.37 1.06 7.99
C ARG A 95 -0.44 0.10 9.20
N MET A 1 0.36 -30.00 -31.59
CA MET A 1 1.56 -30.46 -32.34
C MET A 1 2.23 -29.29 -33.05
N ALA A 2 3.38 -28.86 -32.53
CA ALA A 2 4.19 -27.79 -33.13
C ALA A 2 3.39 -26.48 -33.23
N HIS A 3 2.59 -26.21 -32.21
CA HIS A 3 1.81 -24.97 -32.14
C HIS A 3 1.93 -24.30 -30.78
N HIS A 4 2.29 -23.03 -30.80
CA HIS A 4 2.37 -22.20 -29.59
C HIS A 4 1.84 -20.82 -29.92
N HIS A 5 0.74 -20.43 -29.29
CA HIS A 5 0.11 -19.14 -29.56
C HIS A 5 0.77 -18.04 -28.74
N HIS A 6 0.27 -17.83 -27.53
CA HIS A 6 0.81 -16.80 -26.63
C HIS A 6 0.54 -17.20 -25.19
N HIS A 7 0.90 -16.32 -24.26
CA HIS A 7 0.55 -16.45 -22.85
C HIS A 7 0.17 -15.08 -22.30
N HIS A 8 -1.03 -14.62 -22.65
CA HIS A 8 -1.47 -13.28 -22.28
C HIS A 8 -2.43 -13.34 -21.10
N MET A 9 -2.49 -12.25 -20.34
CA MET A 9 -3.38 -12.15 -19.20
C MET A 9 -3.78 -10.70 -18.99
N GLY A 10 -4.97 -10.48 -18.44
CA GLY A 10 -5.47 -9.15 -18.21
C GLY A 10 -4.57 -8.33 -17.30
N THR A 11 -4.00 -7.27 -17.85
CA THR A 11 -3.13 -6.36 -17.08
C THR A 11 -3.90 -5.78 -15.89
N LEU A 12 -3.49 -6.19 -14.68
CA LEU A 12 -4.18 -5.79 -13.45
C LEU A 12 -4.00 -4.31 -13.16
N GLU A 13 -2.85 -3.77 -13.54
CA GLU A 13 -2.53 -2.36 -13.28
C GLU A 13 -2.79 -1.51 -14.51
N ALA A 14 -4.03 -1.09 -14.69
CA ALA A 14 -4.40 -0.17 -15.76
C ALA A 14 -3.68 1.16 -15.55
N GLN A 15 -2.73 1.46 -16.43
CA GLN A 15 -1.81 2.59 -16.26
C GLN A 15 -0.92 2.37 -15.04
N THR A 16 0.27 1.83 -15.27
CA THR A 16 1.18 1.46 -14.19
C THR A 16 1.99 2.69 -13.73
N GLN A 17 1.44 3.38 -12.73
CA GLN A 17 2.10 4.57 -12.17
C GLN A 17 1.87 4.63 -10.66
N GLY A 18 1.52 3.49 -10.07
CA GLY A 18 1.33 3.41 -8.65
C GLY A 18 2.67 3.39 -7.91
N PRO A 19 2.67 3.68 -6.60
CA PRO A 19 3.91 3.67 -5.79
C PRO A 19 4.75 2.42 -6.03
N GLY A 20 5.91 2.61 -6.64
CA GLY A 20 6.82 1.53 -6.92
C GLY A 20 8.26 1.97 -6.88
N SER A 21 9.17 1.05 -6.60
CA SER A 21 10.59 1.35 -6.53
C SER A 21 11.43 0.10 -6.79
N MET A 22 12.55 0.27 -7.46
CA MET A 22 13.46 -0.84 -7.75
C MET A 22 14.40 -1.07 -6.57
N ASP A 23 14.11 -2.07 -5.75
CA ASP A 23 14.96 -2.39 -4.60
C ASP A 23 14.74 -3.81 -4.12
N ASP A 24 15.71 -4.66 -4.42
CA ASP A 24 15.76 -6.07 -4.00
C ASP A 24 14.42 -6.80 -4.16
N GLU A 25 13.61 -6.80 -3.11
CA GLU A 25 12.39 -7.61 -3.07
C GLU A 25 11.22 -6.91 -3.75
N LEU A 26 10.41 -7.69 -4.48
CA LEU A 26 9.19 -7.18 -5.12
C LEU A 26 7.96 -7.90 -4.59
N TYR A 27 6.91 -7.14 -4.35
CA TYR A 27 5.64 -7.65 -3.80
C TYR A 27 4.48 -7.19 -4.66
N PHE A 28 3.37 -7.92 -4.56
CA PHE A 28 2.07 -7.48 -5.07
C PHE A 28 1.14 -7.24 -3.91
N VAL A 29 0.00 -6.64 -4.19
CA VAL A 29 -1.05 -6.50 -3.20
C VAL A 29 -2.02 -7.65 -3.39
N VAL A 30 -2.28 -8.42 -2.35
CA VAL A 30 -3.07 -9.64 -2.48
C VAL A 30 -4.25 -9.66 -1.53
N ARG A 31 -5.22 -10.51 -1.86
CA ARG A 31 -6.40 -10.73 -1.04
C ARG A 31 -7.18 -11.94 -1.53
N ASN A 32 -8.18 -12.37 -0.75
CA ASN A 32 -9.16 -13.30 -1.29
C ASN A 32 -10.53 -13.04 -0.67
N ASN A 33 -11.57 -13.13 -1.52
CA ASN A 33 -12.99 -12.98 -1.14
C ASN A 33 -13.29 -12.01 0.01
N GLU A 34 -12.36 -11.10 0.33
CA GLU A 34 -12.54 -10.20 1.47
C GLU A 34 -12.70 -8.75 1.05
N GLY A 35 -12.10 -8.40 -0.09
CA GLY A 35 -12.16 -7.02 -0.57
C GLY A 35 -11.14 -6.11 0.11
N GLN A 36 -10.52 -6.62 1.16
CA GLN A 36 -9.48 -5.89 1.89
C GLN A 36 -8.14 -6.11 1.19
N TYR A 37 -7.08 -5.42 1.61
CA TYR A 37 -5.81 -5.49 0.91
C TYR A 37 -4.64 -5.81 1.83
N SER A 38 -3.81 -6.77 1.40
CA SER A 38 -2.57 -7.11 2.06
C SER A 38 -1.47 -7.18 1.00
N VAL A 39 -0.25 -7.51 1.41
CA VAL A 39 0.87 -7.61 0.47
C VAL A 39 1.54 -8.99 0.55
N TRP A 40 2.08 -9.41 -0.59
CA TRP A 40 2.69 -10.74 -0.73
C TRP A 40 3.83 -10.67 -1.74
N MET A 41 4.89 -11.41 -1.50
CA MET A 41 6.10 -11.33 -2.34
C MET A 41 5.87 -12.04 -3.68
N ASP A 42 6.41 -11.43 -4.75
CA ASP A 42 6.32 -12.00 -6.09
C ASP A 42 7.26 -13.20 -6.22
N GLY A 43 6.84 -14.18 -7.03
CA GLY A 43 7.65 -15.36 -7.25
C GLY A 43 7.29 -16.48 -6.28
N ARG A 44 6.27 -16.25 -5.47
CA ARG A 44 5.80 -17.23 -4.51
C ARG A 44 4.33 -17.57 -4.77
N SER A 45 4.09 -18.80 -5.19
CA SER A 45 2.76 -19.26 -5.58
C SER A 45 1.76 -19.12 -4.43
N LEU A 46 0.69 -18.38 -4.72
CA LEU A 46 -0.38 -18.17 -3.77
C LEU A 46 -1.33 -19.38 -3.73
N PRO A 47 -1.77 -19.76 -2.53
CA PRO A 47 -2.80 -20.79 -2.37
C PRO A 47 -4.04 -20.49 -3.21
N ALA A 48 -4.60 -21.55 -3.80
CA ALA A 48 -5.79 -21.41 -4.63
C ALA A 48 -6.88 -20.64 -3.89
N GLY A 49 -7.38 -19.59 -4.53
CA GLY A 49 -8.36 -18.72 -3.90
C GLY A 49 -7.83 -17.31 -3.70
N TRP A 50 -6.51 -17.17 -3.52
CA TRP A 50 -5.91 -15.85 -3.37
C TRP A 50 -5.83 -15.13 -4.73
N GLU A 51 -5.78 -13.80 -4.69
CA GLU A 51 -5.71 -12.99 -5.90
C GLU A 51 -4.67 -11.87 -5.72
N THR A 52 -4.03 -11.50 -6.83
CA THR A 52 -2.96 -10.49 -6.84
C THR A 52 -3.44 -9.20 -7.52
N VAL A 53 -2.84 -8.07 -7.13
CA VAL A 53 -3.22 -6.75 -7.65
C VAL A 53 -2.01 -5.81 -7.66
N GLY A 54 -2.05 -4.83 -8.58
CA GLY A 54 -1.02 -3.80 -8.64
C GLY A 54 0.16 -4.18 -9.52
N GLU A 55 1.22 -3.38 -9.46
CA GLU A 55 2.47 -3.66 -10.14
C GLU A 55 3.53 -4.03 -9.09
N PRO A 56 4.44 -4.98 -9.40
CA PRO A 56 5.41 -5.50 -8.42
C PRO A 56 6.37 -4.41 -7.92
N ALA A 57 6.38 -4.21 -6.60
CA ALA A 57 7.21 -3.20 -5.96
C ALA A 57 7.57 -3.65 -4.55
N THR A 58 8.65 -3.12 -4.00
CA THR A 58 9.14 -3.55 -2.69
C THR A 58 8.04 -3.38 -1.62
N LYS A 59 8.17 -4.15 -0.54
CA LYS A 59 7.16 -4.24 0.51
C LYS A 59 6.59 -2.86 0.87
N GLN A 60 7.50 -1.91 1.13
CA GLN A 60 7.11 -0.56 1.54
C GLN A 60 6.21 0.09 0.49
N GLN A 61 6.61 0.04 -0.77
CA GLN A 61 5.88 0.71 -1.84
C GLN A 61 4.55 0.00 -2.09
N CYS A 62 4.57 -1.32 -1.96
CA CYS A 62 3.38 -2.12 -2.18
C CYS A 62 2.29 -1.73 -1.18
N LEU A 63 2.64 -1.72 0.11
CA LEU A 63 1.69 -1.30 1.15
C LEU A 63 1.38 0.19 1.01
N GLN A 64 2.39 0.97 0.60
CA GLN A 64 2.24 2.42 0.42
C GLN A 64 1.19 2.72 -0.65
N ARG A 65 1.10 1.83 -1.63
CA ARG A 65 0.15 1.98 -2.69
C ARG A 65 -1.28 1.95 -2.19
N ILE A 66 -1.62 0.91 -1.43
CA ILE A 66 -2.99 0.72 -0.98
C ILE A 66 -3.38 1.71 0.11
N GLU A 67 -2.42 2.06 0.97
CA GLU A 67 -2.72 3.01 2.05
C GLU A 67 -3.21 4.32 1.45
N GLN A 68 -2.54 4.81 0.43
CA GLN A 68 -2.83 6.12 -0.12
C GLN A 68 -4.12 6.11 -0.94
N LEU A 69 -4.77 4.96 -1.04
CA LEU A 69 -5.99 4.86 -1.85
C LEU A 69 -7.26 4.84 -0.99
N TRP A 70 -7.43 3.74 -0.25
CA TRP A 70 -8.62 3.53 0.57
C TRP A 70 -8.48 4.14 1.97
N THR A 71 -7.42 3.73 2.64
CA THR A 71 -7.18 4.06 4.04
C THR A 71 -6.58 5.46 4.21
N ASP A 72 -6.17 6.04 3.09
CA ASP A 72 -5.42 7.30 3.05
C ASP A 72 -5.95 8.35 4.03
N MET A 73 -7.25 8.28 4.33
CA MET A 73 -7.86 9.16 5.32
C MET A 73 -7.33 8.79 6.71
N VAL A 74 -6.08 9.16 6.95
CA VAL A 74 -5.35 8.82 8.17
C VAL A 74 -5.67 9.81 9.30
N PRO A 75 -5.89 9.31 10.53
CA PRO A 75 -6.14 10.16 11.70
C PRO A 75 -4.88 10.92 12.15
N ALA A 76 -4.86 11.34 13.42
CA ALA A 76 -3.73 12.10 13.98
C ALA A 76 -2.42 11.33 13.85
N SER A 77 -2.52 10.04 13.59
CA SER A 77 -1.37 9.17 13.42
C SER A 77 -0.36 9.76 12.41
N VAL A 78 -0.89 10.47 11.40
CA VAL A 78 -0.04 11.09 10.39
C VAL A 78 0.87 12.16 11.04
N ARG A 79 0.33 12.85 12.03
CA ARG A 79 1.07 13.87 12.76
C ARG A 79 2.10 13.22 13.68
N GLU A 80 1.67 12.16 14.35
CA GLU A 80 2.51 11.44 15.30
C GLU A 80 3.77 10.89 14.62
N HIS A 81 3.66 10.60 13.33
CA HIS A 81 4.79 10.13 12.54
C HIS A 81 5.89 11.18 12.47
N LEU A 82 5.52 12.44 12.69
CA LEU A 82 6.46 13.55 12.57
C LEU A 82 7.06 13.90 13.95
N ASN A 83 6.78 13.05 14.94
CA ASN A 83 7.36 13.20 16.27
C ASN A 83 8.52 12.21 16.43
N GLN A 84 9.69 12.62 15.94
CA GLN A 84 10.86 11.73 15.84
C GLN A 84 11.44 11.36 17.21
N HIS A 85 10.79 10.40 17.88
CA HIS A 85 11.32 9.76 19.08
C HIS A 85 10.29 8.77 19.62
N SER A 86 10.76 7.59 20.00
CA SER A 86 9.87 6.53 20.47
C SER A 86 9.26 6.90 21.82
N GLY A 87 8.14 7.61 21.77
CA GLY A 87 7.43 7.98 22.97
C GLY A 87 6.36 6.96 23.34
N PRO A 88 6.10 6.77 24.64
CA PRO A 88 5.08 5.81 25.10
C PRO A 88 3.72 6.05 24.44
N GLY A 89 3.37 5.14 23.52
CA GLY A 89 2.13 5.26 22.78
C GLY A 89 2.26 4.57 21.44
N ILE A 90 3.27 5.00 20.67
CA ILE A 90 3.60 4.40 19.37
C ILE A 90 2.37 4.21 18.48
N ASP A 91 1.98 5.28 17.79
CA ASP A 91 0.86 5.24 16.86
C ASP A 91 1.28 5.90 15.55
N TYR A 92 1.12 5.20 14.44
CA TYR A 92 1.65 5.67 13.16
C TYR A 92 0.63 5.47 12.01
N ALA A 93 1.09 5.71 10.78
CA ALA A 93 0.23 5.72 9.59
C ALA A 93 -0.53 4.40 9.39
N VAL A 94 -1.48 4.43 8.46
CA VAL A 94 -2.37 3.29 8.22
C VAL A 94 -2.00 2.61 6.89
N ARG A 95 -2.29 1.32 6.80
CA ARG A 95 -2.06 0.55 5.57
C ARG A 95 -3.30 -0.32 5.28
N MET A 1 -10.16 16.05 18.33
CA MET A 1 -11.02 16.30 17.15
C MET A 1 -10.51 15.52 15.94
N ALA A 2 -11.14 14.38 15.66
CA ALA A 2 -10.74 13.54 14.53
C ALA A 2 -11.31 14.09 13.23
N HIS A 3 -10.87 15.28 12.86
CA HIS A 3 -11.32 15.94 11.63
C HIS A 3 -10.51 15.42 10.45
N HIS A 4 -11.10 14.52 9.67
CA HIS A 4 -10.41 13.85 8.57
C HIS A 4 -11.05 14.17 7.22
N HIS A 5 -10.38 15.01 6.45
CA HIS A 5 -10.82 15.31 5.08
C HIS A 5 -9.89 14.61 4.09
N HIS A 6 -8.95 13.84 4.62
CA HIS A 6 -7.99 13.09 3.82
C HIS A 6 -8.51 11.66 3.61
N HIS A 7 -8.95 11.37 2.39
CA HIS A 7 -9.53 10.06 2.06
C HIS A 7 -9.30 9.71 0.59
N HIS A 8 -8.19 9.04 0.32
CA HIS A 8 -7.88 8.53 -1.02
C HIS A 8 -8.25 7.04 -1.09
N MET A 9 -8.35 6.49 -2.30
CA MET A 9 -8.62 5.07 -2.48
C MET A 9 -7.80 4.51 -3.65
N GLY A 10 -8.26 4.76 -4.87
CA GLY A 10 -7.56 4.27 -6.05
C GLY A 10 -7.73 2.77 -6.26
N THR A 11 -7.05 2.24 -7.27
CA THR A 11 -7.12 0.80 -7.58
C THR A 11 -5.76 0.33 -8.11
N LEU A 12 -5.45 0.70 -9.35
CA LEU A 12 -4.18 0.34 -9.98
C LEU A 12 -3.21 1.51 -9.93
N GLU A 13 -2.13 1.43 -10.70
CA GLU A 13 -1.07 2.44 -10.66
C GLU A 13 -0.37 2.56 -12.01
N ALA A 14 0.64 3.43 -12.07
CA ALA A 14 1.52 3.52 -13.23
C ALA A 14 2.93 3.16 -12.79
N GLN A 15 3.45 3.94 -11.84
CA GLN A 15 4.72 3.66 -11.18
C GLN A 15 4.68 4.27 -9.77
N THR A 16 4.73 3.41 -8.75
CA THR A 16 4.74 3.90 -7.38
C THR A 16 6.16 4.28 -6.97
N GLN A 17 6.55 5.50 -7.33
CA GLN A 17 7.90 6.01 -7.06
C GLN A 17 8.16 6.11 -5.56
N GLY A 18 9.29 5.58 -5.13
CA GLY A 18 9.69 5.64 -3.75
C GLY A 18 11.13 5.21 -3.58
N PRO A 19 11.59 4.94 -2.35
CA PRO A 19 12.95 4.44 -2.11
C PRO A 19 13.16 3.08 -2.77
N GLY A 20 13.79 3.08 -3.95
CA GLY A 20 13.98 1.87 -4.72
C GLY A 20 14.82 0.83 -4.02
N SER A 21 14.19 0.05 -3.14
CA SER A 21 14.86 -1.01 -2.40
C SER A 21 14.77 -2.33 -3.16
N MET A 22 15.19 -2.32 -4.42
CA MET A 22 15.20 -3.53 -5.25
C MET A 22 16.36 -4.44 -4.87
N ASP A 23 16.26 -5.05 -3.70
CA ASP A 23 17.26 -6.00 -3.21
C ASP A 23 16.65 -7.38 -3.12
N ASP A 24 15.50 -7.44 -2.50
CA ASP A 24 14.81 -8.67 -2.26
C ASP A 24 13.75 -8.91 -3.33
N GLU A 25 13.05 -10.03 -3.20
CA GLU A 25 12.09 -10.45 -4.21
C GLU A 25 10.90 -9.51 -4.28
N LEU A 26 10.31 -9.40 -5.46
CA LEU A 26 9.15 -8.53 -5.67
C LEU A 26 7.92 -9.05 -4.94
N TYR A 27 7.04 -8.13 -4.56
CA TYR A 27 5.78 -8.45 -3.90
C TYR A 27 4.63 -7.86 -4.70
N PHE A 28 3.49 -8.54 -4.65
CA PHE A 28 2.24 -7.99 -5.17
C PHE A 28 1.28 -7.79 -4.01
N VAL A 29 0.34 -6.88 -4.19
CA VAL A 29 -0.70 -6.67 -3.20
C VAL A 29 -1.79 -7.70 -3.44
N VAL A 30 -1.99 -8.61 -2.51
CA VAL A 30 -2.87 -9.75 -2.74
C VAL A 30 -3.95 -9.81 -1.66
N ARG A 31 -5.02 -10.51 -1.98
CA ARG A 31 -6.10 -10.72 -1.02
C ARG A 31 -6.98 -11.89 -1.45
N ASN A 32 -7.76 -12.43 -0.51
CA ASN A 32 -8.76 -13.44 -0.85
C ASN A 32 -9.92 -13.39 0.15
N ASN A 33 -11.14 -13.55 -0.37
CA ASN A 33 -12.37 -13.63 0.44
C ASN A 33 -12.48 -12.56 1.54
N GLU A 34 -11.53 -11.62 1.59
CA GLU A 34 -11.42 -10.69 2.72
C GLU A 34 -11.76 -9.27 2.32
N GLY A 35 -11.45 -8.90 1.08
CA GLY A 35 -11.63 -7.54 0.62
C GLY A 35 -10.52 -6.60 1.10
N GLN A 36 -9.85 -6.97 2.20
CA GLN A 36 -8.73 -6.21 2.72
C GLN A 36 -7.49 -6.43 1.85
N TYR A 37 -6.41 -5.71 2.13
CA TYR A 37 -5.21 -5.80 1.31
C TYR A 37 -4.03 -6.35 2.09
N SER A 38 -3.30 -7.27 1.45
CA SER A 38 -2.08 -7.84 1.99
C SER A 38 -1.01 -7.88 0.90
N VAL A 39 0.17 -8.40 1.22
CA VAL A 39 1.25 -8.51 0.24
C VAL A 39 1.82 -9.93 0.20
N TRP A 40 2.32 -10.32 -0.98
CA TRP A 40 2.75 -11.69 -1.23
C TRP A 40 3.89 -11.69 -2.26
N MET A 41 4.87 -12.56 -2.07
CA MET A 41 6.03 -12.64 -2.98
C MET A 41 5.61 -13.09 -4.37
N ASP A 42 6.11 -12.40 -5.38
CA ASP A 42 5.76 -12.70 -6.77
C ASP A 42 6.54 -13.91 -7.25
N GLY A 43 5.93 -14.68 -8.15
CA GLY A 43 6.52 -15.91 -8.63
C GLY A 43 6.04 -17.09 -7.83
N ARG A 44 5.45 -16.81 -6.67
CA ARG A 44 4.86 -17.84 -5.83
C ARG A 44 3.38 -17.95 -6.15
N SER A 45 3.06 -18.93 -7.01
CA SER A 45 1.73 -19.05 -7.61
C SER A 45 0.64 -19.13 -6.55
N LEU A 46 -0.22 -18.11 -6.58
CA LEU A 46 -1.38 -18.07 -5.72
C LEU A 46 -2.44 -19.04 -6.22
N PRO A 47 -3.12 -19.75 -5.29
CA PRO A 47 -4.19 -20.69 -5.64
C PRO A 47 -5.53 -19.98 -5.89
N ALA A 48 -6.43 -20.68 -6.59
CA ALA A 48 -7.75 -20.15 -6.91
C ALA A 48 -8.41 -19.59 -5.66
N GLY A 49 -8.91 -18.37 -5.76
CA GLY A 49 -9.48 -17.69 -4.61
C GLY A 49 -8.68 -16.45 -4.25
N TRP A 50 -7.36 -16.52 -4.46
CA TRP A 50 -6.49 -15.38 -4.20
C TRP A 50 -6.39 -14.47 -5.43
N GLU A 51 -6.23 -13.17 -5.20
CA GLU A 51 -6.12 -12.21 -6.30
C GLU A 51 -4.95 -11.26 -6.05
N THR A 52 -4.35 -10.80 -7.15
CA THR A 52 -3.18 -9.91 -7.13
C THR A 52 -3.53 -8.51 -7.63
N VAL A 53 -2.86 -7.49 -7.09
CA VAL A 53 -3.13 -6.08 -7.37
C VAL A 53 -1.87 -5.25 -7.16
N GLY A 54 -1.80 -4.09 -7.82
CA GLY A 54 -0.77 -3.11 -7.54
C GLY A 54 0.45 -3.24 -8.43
N GLU A 55 1.57 -2.71 -7.96
CA GLU A 55 2.85 -2.79 -8.66
C GLU A 55 3.73 -3.83 -7.98
N PRO A 56 4.34 -4.76 -8.75
CA PRO A 56 5.28 -5.73 -8.19
C PRO A 56 6.57 -5.05 -7.74
N ALA A 57 6.75 -4.99 -6.43
CA ALA A 57 7.87 -4.28 -5.83
C ALA A 57 8.13 -4.79 -4.42
N THR A 58 9.23 -4.36 -3.82
CA THR A 58 9.66 -4.84 -2.50
C THR A 58 8.59 -4.58 -1.42
N LYS A 59 8.78 -5.25 -0.28
CA LYS A 59 7.88 -5.16 0.86
C LYS A 59 7.58 -3.70 1.21
N GLN A 60 8.65 -2.92 1.32
CA GLN A 60 8.56 -1.51 1.68
C GLN A 60 7.62 -0.76 0.73
N GLN A 61 7.74 -1.05 -0.56
CA GLN A 61 6.93 -0.36 -1.59
C GLN A 61 5.47 -0.78 -1.49
N CYS A 62 5.24 -2.08 -1.41
CA CYS A 62 3.88 -2.62 -1.44
C CYS A 62 3.08 -2.14 -0.22
N LEU A 63 3.69 -2.13 0.97
CA LEU A 63 2.99 -1.63 2.16
C LEU A 63 2.77 -0.12 2.05
N GLN A 64 3.78 0.57 1.54
CA GLN A 64 3.72 2.03 1.32
C GLN A 64 2.58 2.36 0.35
N ARG A 65 2.33 1.45 -0.57
CA ARG A 65 1.27 1.65 -1.55
C ARG A 65 -0.09 1.48 -0.91
N ILE A 66 -0.30 0.34 -0.24
CA ILE A 66 -1.62 0.00 0.29
C ILE A 66 -2.06 0.95 1.40
N GLU A 67 -1.11 1.44 2.19
CA GLU A 67 -1.43 2.36 3.27
C GLU A 67 -2.03 3.65 2.74
N GLN A 68 -1.58 4.05 1.54
CA GLN A 68 -2.07 5.27 0.90
C GLN A 68 -3.33 5.02 0.08
N LEU A 69 -3.77 3.76 0.03
CA LEU A 69 -4.96 3.40 -0.74
C LEU A 69 -6.17 3.16 0.17
N TRP A 70 -6.09 2.10 0.96
CA TRP A 70 -7.20 1.66 1.80
C TRP A 70 -7.22 2.40 3.14
N THR A 71 -6.09 2.33 3.83
CA THR A 71 -5.96 2.88 5.17
C THR A 71 -5.76 4.39 5.13
N ASP A 72 -5.51 4.92 3.92
CA ASP A 72 -5.11 6.32 3.70
C ASP A 72 -5.90 7.31 4.57
N MET A 73 -7.16 6.99 4.85
CA MET A 73 -8.00 7.85 5.67
C MET A 73 -7.46 7.90 7.10
N VAL A 74 -6.41 8.68 7.28
CA VAL A 74 -5.74 8.82 8.57
C VAL A 74 -6.43 9.90 9.41
N PRO A 75 -6.72 9.60 10.70
CA PRO A 75 -7.39 10.54 11.60
C PRO A 75 -6.50 11.74 11.97
N ALA A 76 -6.87 12.43 13.04
CA ALA A 76 -6.15 13.61 13.51
C ALA A 76 -4.67 13.31 13.74
N SER A 77 -4.35 12.03 13.84
CA SER A 77 -2.98 11.56 14.04
C SER A 77 -2.03 12.17 12.99
N VAL A 78 -2.56 12.48 11.81
CA VAL A 78 -1.77 13.08 10.74
C VAL A 78 -1.12 14.38 11.21
N ARG A 79 -1.83 15.13 12.05
CA ARG A 79 -1.38 16.42 12.55
C ARG A 79 0.00 16.33 13.21
N GLU A 80 0.31 15.16 13.77
CA GLU A 80 1.57 14.94 14.45
C GLU A 80 2.74 14.97 13.47
N HIS A 81 2.53 14.39 12.29
CA HIS A 81 3.58 14.33 11.27
C HIS A 81 3.44 15.49 10.29
N LEU A 82 2.25 16.07 10.25
CA LEU A 82 1.95 17.13 9.29
C LEU A 82 2.60 18.44 9.75
N ASN A 83 3.88 18.57 9.47
CA ASN A 83 4.59 19.83 9.65
C ASN A 83 4.40 20.66 8.39
N GLN A 84 4.20 21.97 8.54
CA GLN A 84 4.01 22.83 7.37
C GLN A 84 5.23 22.72 6.45
N HIS A 85 5.08 21.96 5.36
CA HIS A 85 6.21 21.69 4.45
C HIS A 85 5.85 22.09 3.02
N SER A 86 6.54 23.11 2.53
CA SER A 86 6.33 23.62 1.19
C SER A 86 7.36 23.00 0.24
N GLY A 87 7.08 21.79 -0.22
CA GLY A 87 7.96 21.09 -1.12
C GLY A 87 8.01 19.61 -0.83
N PRO A 88 8.85 18.84 -1.56
CA PRO A 88 8.99 17.39 -1.36
C PRO A 88 9.49 17.04 0.05
N GLY A 89 9.05 15.90 0.56
CA GLY A 89 9.47 15.43 1.86
C GLY A 89 8.93 14.06 2.16
N ILE A 90 9.59 13.33 3.05
CA ILE A 90 9.16 12.00 3.43
C ILE A 90 7.90 12.04 4.29
N ASP A 91 6.76 12.02 3.62
CA ASP A 91 5.46 11.98 4.30
C ASP A 91 4.71 10.73 3.85
N TYR A 92 3.89 10.18 4.74
CA TYR A 92 3.27 8.87 4.50
C TYR A 92 1.84 8.84 5.05
N ALA A 93 1.22 7.67 4.96
CA ALA A 93 -0.12 7.45 5.48
C ALA A 93 -0.03 6.63 6.77
N VAL A 94 -1.05 5.83 7.06
CA VAL A 94 -1.09 5.05 8.28
C VAL A 94 -1.05 3.54 8.00
N ARG A 95 0.16 2.98 8.02
CA ARG A 95 0.35 1.53 7.92
C ARG A 95 0.69 1.01 9.31
N MET A 1 -9.13 4.64 14.28
CA MET A 1 -9.70 4.99 12.95
C MET A 1 -11.03 5.74 13.12
N ALA A 2 -11.07 6.99 12.69
CA ALA A 2 -12.28 7.81 12.78
C ALA A 2 -12.16 9.05 11.90
N HIS A 3 -13.23 9.84 11.85
CA HIS A 3 -13.24 11.13 11.15
C HIS A 3 -12.83 10.98 9.69
N HIS A 4 -13.48 10.05 8.99
CA HIS A 4 -13.25 9.88 7.56
C HIS A 4 -13.93 10.99 6.77
N HIS A 5 -13.25 12.13 6.67
CA HIS A 5 -13.69 13.23 5.81
C HIS A 5 -13.68 12.78 4.36
N HIS A 6 -14.87 12.56 3.80
CA HIS A 6 -15.03 11.89 2.50
C HIS A 6 -14.65 10.42 2.63
N HIS A 7 -14.99 9.63 1.61
CA HIS A 7 -14.77 8.19 1.66
C HIS A 7 -13.28 7.86 1.58
N HIS A 8 -12.69 8.12 0.41
CA HIS A 8 -11.26 7.86 0.15
C HIS A 8 -10.81 8.70 -1.04
N MET A 9 -9.51 8.69 -1.33
CA MET A 9 -9.00 9.34 -2.54
C MET A 9 -8.93 8.35 -3.69
N GLY A 10 -8.49 7.13 -3.40
CA GLY A 10 -8.47 6.07 -4.40
C GLY A 10 -7.24 6.12 -5.29
N THR A 11 -6.40 5.10 -5.18
CA THR A 11 -5.20 4.94 -6.00
C THR A 11 -4.84 3.45 -6.06
N LEU A 12 -3.80 3.07 -6.81
CA LEU A 12 -3.33 1.68 -6.80
C LEU A 12 -1.84 1.61 -7.15
N GLU A 13 -1.50 1.83 -8.42
CA GLU A 13 -0.11 1.79 -8.85
C GLU A 13 0.52 3.18 -8.75
N ALA A 14 1.13 3.46 -7.61
CA ALA A 14 1.84 4.72 -7.39
C ALA A 14 2.86 4.55 -6.26
N GLN A 15 4.14 4.42 -6.64
CA GLN A 15 5.21 4.26 -5.67
C GLN A 15 5.32 5.49 -4.78
N THR A 16 5.20 6.65 -5.41
CA THR A 16 5.34 7.93 -4.73
C THR A 16 6.70 8.00 -4.01
N GLN A 17 7.65 7.24 -4.53
CA GLN A 17 8.97 7.10 -3.94
C GLN A 17 9.73 8.43 -4.01
N GLY A 18 9.65 9.07 -5.16
CA GLY A 18 10.39 10.30 -5.41
C GLY A 18 11.85 10.01 -5.69
N PRO A 19 12.78 10.63 -4.95
CA PRO A 19 14.22 10.38 -5.09
C PRO A 19 14.64 9.08 -4.40
N GLY A 20 15.54 8.33 -5.02
CA GLY A 20 16.05 7.10 -4.43
C GLY A 20 15.06 5.95 -4.56
N SER A 21 15.02 5.34 -5.75
CA SER A 21 14.18 4.18 -6.00
C SER A 21 14.79 2.94 -5.35
N MET A 22 14.10 2.40 -4.35
CA MET A 22 14.59 1.21 -3.64
C MET A 22 14.40 -0.04 -4.50
N ASP A 23 15.52 -0.58 -4.97
CA ASP A 23 15.51 -1.78 -5.81
C ASP A 23 15.80 -3.01 -4.96
N ASP A 24 14.79 -3.87 -4.84
CA ASP A 24 14.87 -5.08 -4.02
C ASP A 24 13.85 -6.10 -4.54
N GLU A 25 13.76 -7.26 -3.90
CA GLU A 25 12.82 -8.30 -4.32
C GLU A 25 11.39 -7.76 -4.35
N LEU A 26 10.66 -8.08 -5.42
CA LEU A 26 9.35 -7.50 -5.65
C LEU A 26 8.23 -8.25 -4.92
N TYR A 27 7.26 -7.47 -4.45
CA TYR A 27 6.06 -7.97 -3.83
C TYR A 27 4.84 -7.41 -4.56
N PHE A 28 3.76 -8.17 -4.58
CA PHE A 28 2.48 -7.70 -5.10
C PHE A 28 1.51 -7.48 -3.96
N VAL A 29 0.37 -6.86 -4.27
CA VAL A 29 -0.70 -6.72 -3.30
C VAL A 29 -1.72 -7.81 -3.60
N VAL A 30 -2.26 -8.47 -2.59
CA VAL A 30 -3.17 -9.59 -2.82
C VAL A 30 -4.36 -9.55 -1.85
N ARG A 31 -5.41 -10.29 -2.23
CA ARG A 31 -6.63 -10.37 -1.43
C ARG A 31 -7.54 -11.49 -1.95
N ASN A 32 -8.59 -11.81 -1.20
CA ASN A 32 -9.69 -12.64 -1.71
C ASN A 32 -10.90 -12.55 -0.79
N ASN A 33 -12.09 -12.49 -1.39
CA ASN A 33 -13.40 -12.52 -0.69
C ASN A 33 -13.44 -11.68 0.60
N GLU A 34 -12.42 -10.86 0.85
CA GLU A 34 -12.27 -10.19 2.14
C GLU A 34 -12.45 -8.68 2.02
N GLY A 35 -12.10 -8.12 0.87
CA GLY A 35 -12.24 -6.69 0.64
C GLY A 35 -11.07 -5.89 1.17
N GLN A 36 -10.35 -6.45 2.14
CA GLN A 36 -9.15 -5.82 2.68
C GLN A 36 -7.93 -6.21 1.86
N TYR A 37 -6.78 -5.61 2.15
CA TYR A 37 -5.57 -5.81 1.36
C TYR A 37 -4.46 -6.47 2.15
N SER A 38 -3.62 -7.21 1.43
CA SER A 38 -2.37 -7.70 1.98
C SER A 38 -1.30 -7.71 0.89
N VAL A 39 -0.09 -8.15 1.22
CA VAL A 39 1.00 -8.23 0.23
C VAL A 39 1.50 -9.66 0.08
N TRP A 40 2.26 -9.90 -0.98
CA TRP A 40 2.65 -11.24 -1.38
C TRP A 40 3.99 -11.23 -2.12
N MET A 41 4.88 -12.13 -1.72
CA MET A 41 6.20 -12.25 -2.33
C MET A 41 6.07 -12.78 -3.76
N ASP A 42 6.67 -12.07 -4.72
CA ASP A 42 6.62 -12.48 -6.11
C ASP A 42 7.60 -13.63 -6.35
N GLY A 43 7.39 -14.39 -7.42
CA GLY A 43 8.21 -15.56 -7.68
C GLY A 43 7.58 -16.83 -7.16
N ARG A 44 6.26 -16.79 -6.97
CA ARG A 44 5.49 -17.96 -6.57
C ARG A 44 4.08 -17.87 -7.16
N SER A 45 3.26 -18.87 -6.89
CA SER A 45 1.85 -18.85 -7.31
C SER A 45 0.96 -18.69 -6.08
N LEU A 46 -0.21 -18.13 -6.29
CA LEU A 46 -1.12 -17.82 -5.20
C LEU A 46 -2.26 -18.84 -5.14
N PRO A 47 -2.52 -19.40 -3.95
CA PRO A 47 -3.63 -20.34 -3.73
C PRO A 47 -4.92 -19.93 -4.44
N ALA A 48 -5.54 -20.90 -5.12
CA ALA A 48 -6.77 -20.68 -5.88
C ALA A 48 -7.82 -19.97 -5.02
N GLY A 49 -8.36 -18.88 -5.54
CA GLY A 49 -9.31 -18.07 -4.81
C GLY A 49 -8.73 -16.71 -4.51
N TRP A 50 -7.42 -16.67 -4.29
CA TRP A 50 -6.71 -15.41 -4.05
C TRP A 50 -6.50 -14.67 -5.36
N GLU A 51 -6.31 -13.36 -5.27
CA GLU A 51 -6.08 -12.54 -6.44
C GLU A 51 -4.99 -11.52 -6.17
N THR A 52 -4.31 -11.12 -7.24
CA THR A 52 -3.20 -10.19 -7.19
C THR A 52 -3.62 -8.82 -7.71
N VAL A 53 -2.93 -7.78 -7.25
CA VAL A 53 -3.27 -6.39 -7.55
C VAL A 53 -2.08 -5.47 -7.25
N GLY A 54 -2.16 -4.27 -7.83
CA GLY A 54 -1.18 -3.23 -7.56
C GLY A 54 -0.04 -3.25 -8.56
N GLU A 55 1.16 -3.02 -8.06
CA GLU A 55 2.37 -3.01 -8.86
C GLU A 55 3.48 -3.69 -8.07
N PRO A 56 4.25 -4.59 -8.70
CA PRO A 56 5.28 -5.34 -7.99
C PRO A 56 6.45 -4.44 -7.61
N ALA A 57 6.60 -4.24 -6.31
CA ALA A 57 7.57 -3.28 -5.77
C ALA A 57 8.22 -3.82 -4.50
N THR A 58 9.19 -3.10 -3.97
CA THR A 58 9.87 -3.53 -2.75
C THR A 58 8.91 -3.53 -1.56
N LYS A 59 9.25 -4.31 -0.54
CA LYS A 59 8.41 -4.48 0.66
C LYS A 59 7.86 -3.14 1.16
N GLN A 60 8.76 -2.17 1.33
CA GLN A 60 8.39 -0.84 1.84
C GLN A 60 7.30 -0.19 0.99
N GLN A 61 7.45 -0.25 -0.33
CA GLN A 61 6.51 0.38 -1.25
C GLN A 61 5.18 -0.38 -1.28
N CYS A 62 5.25 -1.69 -1.10
CA CYS A 62 4.06 -2.53 -1.11
C CYS A 62 3.18 -2.25 0.11
N LEU A 63 3.78 -2.20 1.30
CA LEU A 63 3.01 -1.89 2.52
C LEU A 63 2.53 -0.45 2.49
N GLN A 64 3.35 0.44 1.94
CA GLN A 64 2.99 1.84 1.79
C GLN A 64 1.77 1.97 0.91
N ARG A 65 1.76 1.21 -0.18
CA ARG A 65 0.73 1.27 -1.18
C ARG A 65 -0.63 0.92 -0.61
N ILE A 66 -0.73 -0.24 0.05
CA ILE A 66 -2.01 -0.72 0.57
C ILE A 66 -2.56 0.21 1.64
N GLU A 67 -1.66 0.83 2.40
CA GLU A 67 -2.05 1.82 3.39
C GLU A 67 -2.69 3.03 2.73
N GLN A 68 -2.24 3.36 1.52
CA GLN A 68 -2.81 4.48 0.76
C GLN A 68 -4.04 4.02 -0.04
N LEU A 69 -4.45 2.78 0.19
CA LEU A 69 -5.64 2.22 -0.48
C LEU A 69 -6.83 2.20 0.48
N TRP A 70 -6.67 1.44 1.56
CA TRP A 70 -7.70 1.28 2.58
C TRP A 70 -7.62 2.40 3.63
N THR A 71 -6.42 2.61 4.12
CA THR A 71 -6.15 3.48 5.25
C THR A 71 -5.94 4.94 4.80
N ASP A 72 -5.81 5.15 3.49
CA ASP A 72 -5.39 6.44 2.92
C ASP A 72 -6.06 7.64 3.59
N MET A 73 -7.34 7.49 3.92
CA MET A 73 -8.06 8.55 4.62
C MET A 73 -7.59 8.61 6.08
N VAL A 74 -6.43 9.23 6.26
CA VAL A 74 -5.80 9.33 7.57
C VAL A 74 -6.39 10.51 8.37
N PRO A 75 -6.73 10.30 9.65
CA PRO A 75 -7.23 11.35 10.54
C PRO A 75 -6.10 12.28 10.99
N ALA A 76 -6.28 12.93 12.14
CA ALA A 76 -5.28 13.84 12.71
C ALA A 76 -3.90 13.19 12.83
N SER A 77 -3.88 11.86 12.79
CA SER A 77 -2.64 11.09 12.90
C SER A 77 -1.63 11.47 11.80
N VAL A 78 -2.12 12.15 10.76
CA VAL A 78 -1.25 12.62 9.69
C VAL A 78 -0.24 13.66 10.22
N ARG A 79 -0.70 14.51 11.13
CA ARG A 79 0.13 15.57 11.69
C ARG A 79 1.22 14.99 12.59
N GLU A 80 0.99 13.76 13.05
CA GLU A 80 1.96 13.09 13.90
C GLU A 80 3.28 12.88 13.16
N HIS A 81 3.19 12.65 11.86
CA HIS A 81 4.37 12.45 11.03
C HIS A 81 4.70 13.70 10.24
N LEU A 82 3.66 14.44 9.82
CA LEU A 82 3.84 15.67 9.04
C LEU A 82 3.25 16.87 9.78
N ASN A 83 4.11 17.70 10.37
CA ASN A 83 3.66 18.94 11.00
C ASN A 83 3.83 20.10 10.03
N GLN A 84 2.96 21.11 10.15
CA GLN A 84 2.94 22.22 9.19
C GLN A 84 4.28 22.96 9.18
N HIS A 85 4.80 23.25 10.36
CA HIS A 85 6.12 23.88 10.50
C HIS A 85 7.20 22.81 10.66
N SER A 86 8.39 23.09 10.17
CA SER A 86 9.50 22.13 10.22
C SER A 86 9.79 21.69 11.66
N GLY A 87 9.73 20.38 11.89
CA GLY A 87 10.00 19.82 13.21
C GLY A 87 10.38 18.37 13.12
N PRO A 88 11.17 17.86 14.09
CA PRO A 88 11.64 16.47 14.09
C PRO A 88 10.61 15.51 14.68
N GLY A 89 9.38 15.99 14.84
CA GLY A 89 8.31 15.19 15.42
C GLY A 89 7.78 14.15 14.44
N ILE A 90 8.58 13.12 14.18
CA ILE A 90 8.18 12.05 13.28
C ILE A 90 7.56 10.89 14.07
N ASP A 91 6.23 10.94 14.19
CA ASP A 91 5.47 9.93 14.93
C ASP A 91 4.61 9.10 13.98
N TYR A 92 4.01 8.03 14.51
CA TYR A 92 3.26 7.06 13.71
C TYR A 92 2.12 7.70 12.91
N ALA A 93 2.02 7.33 11.64
CA ALA A 93 0.97 7.79 10.74
C ALA A 93 0.45 6.61 9.92
N VAL A 94 -0.12 6.90 8.75
CA VAL A 94 -0.56 5.84 7.84
C VAL A 94 0.66 5.16 7.22
N ARG A 95 0.76 3.83 7.45
CA ARG A 95 1.96 3.01 7.17
C ARG A 95 3.09 3.34 8.15
N MET A 1 -6.49 25.76 -0.96
CA MET A 1 -7.26 25.65 -2.21
C MET A 1 -6.53 24.75 -3.19
N ALA A 2 -7.30 23.96 -3.94
CA ALA A 2 -6.73 23.05 -4.93
C ALA A 2 -7.82 22.60 -5.91
N HIS A 3 -8.93 22.10 -5.35
CA HIS A 3 -10.08 21.62 -6.10
C HIS A 3 -9.70 20.84 -7.38
N HIS A 4 -9.50 19.54 -7.23
CA HIS A 4 -9.20 18.68 -8.37
C HIS A 4 -9.70 17.26 -8.11
N HIS A 5 -10.89 17.17 -7.52
CA HIS A 5 -11.52 15.89 -7.23
C HIS A 5 -11.88 15.16 -8.53
N HIS A 6 -10.87 14.54 -9.14
CA HIS A 6 -11.05 13.77 -10.38
C HIS A 6 -10.00 12.67 -10.45
N HIS A 7 -9.74 12.04 -9.30
CA HIS A 7 -8.74 10.97 -9.22
C HIS A 7 -9.20 9.79 -10.08
N HIS A 8 -8.41 9.45 -11.09
CA HIS A 8 -8.81 8.44 -12.05
C HIS A 8 -7.76 7.34 -12.17
N MET A 9 -7.97 6.24 -11.47
CA MET A 9 -7.17 5.04 -11.62
C MET A 9 -8.04 3.97 -12.24
N GLY A 10 -9.12 3.63 -11.52
CA GLY A 10 -10.17 2.78 -12.05
C GLY A 10 -9.69 1.43 -12.58
N THR A 11 -9.31 1.42 -13.86
CA THR A 11 -9.00 0.20 -14.60
C THR A 11 -8.11 -0.77 -13.79
N LEU A 12 -6.85 -0.40 -13.61
CA LEU A 12 -5.87 -1.29 -12.98
C LEU A 12 -4.59 -0.52 -12.69
N GLU A 13 -3.63 -1.19 -12.04
CA GLU A 13 -2.33 -0.59 -11.76
C GLU A 13 -1.67 -0.11 -13.05
N ALA A 14 -0.97 1.02 -12.97
CA ALA A 14 -0.36 1.65 -14.15
C ALA A 14 1.12 1.88 -13.96
N GLN A 15 1.67 1.35 -12.87
CA GLN A 15 3.09 1.52 -12.57
C GLN A 15 3.84 0.21 -12.77
N THR A 16 4.64 0.16 -13.83
CA THR A 16 5.48 -1.00 -14.14
C THR A 16 6.96 -0.60 -14.08
N GLN A 17 7.20 0.60 -13.54
CA GLN A 17 8.56 1.13 -13.42
C GLN A 17 9.01 1.08 -11.96
N GLY A 18 9.66 -0.03 -11.60
CA GLY A 18 10.12 -0.20 -10.23
C GLY A 18 11.54 -0.71 -10.16
N PRO A 19 12.43 0.00 -9.45
CA PRO A 19 13.82 -0.45 -9.26
C PRO A 19 13.89 -1.66 -8.34
N GLY A 20 14.90 -2.50 -8.54
CA GLY A 20 15.04 -3.69 -7.73
C GLY A 20 15.78 -3.42 -6.43
N SER A 21 15.28 -3.98 -5.34
CA SER A 21 15.93 -3.85 -4.04
C SER A 21 17.23 -4.68 -4.05
N MET A 22 18.06 -4.51 -3.03
CA MET A 22 19.34 -5.23 -2.97
C MET A 22 19.24 -6.45 -2.08
N ASP A 23 18.04 -6.72 -1.62
CA ASP A 23 17.77 -7.85 -0.72
C ASP A 23 16.37 -8.36 -0.92
N ASP A 24 15.40 -7.54 -0.57
CA ASP A 24 13.99 -7.93 -0.60
C ASP A 24 13.48 -8.00 -2.04
N GLU A 25 12.75 -9.08 -2.37
CA GLU A 25 12.24 -9.30 -3.72
C GLU A 25 11.06 -8.38 -4.03
N LEU A 26 10.42 -8.61 -5.18
CA LEU A 26 9.22 -7.88 -5.55
C LEU A 26 7.99 -8.53 -4.94
N TYR A 27 7.05 -7.71 -4.52
CA TYR A 27 5.81 -8.15 -3.90
C TYR A 27 4.62 -7.58 -4.63
N PHE A 28 3.53 -8.34 -4.65
CA PHE A 28 2.23 -7.83 -5.09
C PHE A 28 1.31 -7.69 -3.90
N VAL A 29 0.32 -6.85 -4.05
CA VAL A 29 -0.75 -6.76 -3.08
C VAL A 29 -1.80 -7.81 -3.45
N VAL A 30 -2.14 -8.70 -2.53
CA VAL A 30 -2.99 -9.85 -2.86
C VAL A 30 -4.19 -9.90 -1.95
N ARG A 31 -5.21 -10.66 -2.36
CA ARG A 31 -6.43 -10.80 -1.55
C ARG A 31 -7.31 -11.93 -2.06
N ASN A 32 -8.31 -12.30 -1.26
CA ASN A 32 -9.39 -13.17 -1.70
C ASN A 32 -10.53 -13.19 -0.69
N ASN A 33 -11.77 -13.18 -1.19
CA ASN A 33 -13.00 -13.34 -0.38
C ASN A 33 -13.00 -12.46 0.89
N GLU A 34 -12.08 -11.50 0.99
CA GLU A 34 -11.91 -10.72 2.23
C GLU A 34 -12.31 -9.25 2.06
N GLY A 35 -12.36 -8.79 0.80
CA GLY A 35 -12.69 -7.39 0.52
C GLY A 35 -11.54 -6.44 0.84
N GLN A 36 -10.63 -6.86 1.71
CA GLN A 36 -9.47 -6.06 2.09
C GLN A 36 -8.22 -6.57 1.38
N TYR A 37 -7.10 -5.87 1.54
CA TYR A 37 -5.87 -6.20 0.81
C TYR A 37 -4.79 -6.78 1.73
N SER A 38 -3.87 -7.51 1.12
CA SER A 38 -2.72 -8.11 1.79
C SER A 38 -1.50 -8.00 0.87
N VAL A 39 -0.34 -8.52 1.30
CA VAL A 39 0.85 -8.51 0.45
C VAL A 39 1.47 -9.89 0.33
N TRP A 40 2.16 -10.14 -0.78
CA TRP A 40 2.71 -11.46 -1.09
C TRP A 40 3.93 -11.31 -2.00
N MET A 41 4.90 -12.21 -1.84
CA MET A 41 6.11 -12.19 -2.65
C MET A 41 5.81 -12.65 -4.08
N ASP A 42 6.11 -11.81 -5.06
CA ASP A 42 5.90 -12.14 -6.46
C ASP A 42 6.88 -13.22 -6.92
N GLY A 43 6.51 -13.95 -7.96
CA GLY A 43 7.35 -15.04 -8.46
C GLY A 43 6.84 -16.39 -8.00
N ARG A 44 6.24 -16.44 -6.82
CA ARG A 44 5.69 -17.67 -6.27
C ARG A 44 4.15 -17.65 -6.34
N SER A 45 3.58 -18.72 -6.88
CA SER A 45 2.14 -18.80 -7.11
C SER A 45 1.34 -18.80 -5.81
N LEU A 46 0.07 -18.44 -5.93
CA LEU A 46 -0.83 -18.33 -4.79
C LEU A 46 -1.85 -19.47 -4.78
N PRO A 47 -2.38 -19.79 -3.58
CA PRO A 47 -3.47 -20.76 -3.43
C PRO A 47 -4.70 -20.39 -4.27
N ALA A 48 -5.47 -21.41 -4.64
CA ALA A 48 -6.66 -21.24 -5.45
C ALA A 48 -7.61 -20.22 -4.83
N GLY A 49 -7.87 -19.13 -5.54
CA GLY A 49 -8.77 -18.10 -5.06
C GLY A 49 -8.08 -16.78 -4.79
N TRP A 50 -6.78 -16.84 -4.50
CA TRP A 50 -6.00 -15.64 -4.17
C TRP A 50 -5.61 -14.87 -5.44
N GLU A 51 -5.84 -13.57 -5.43
CA GLU A 51 -5.57 -12.70 -6.58
C GLU A 51 -4.48 -11.69 -6.24
N THR A 52 -3.78 -11.23 -7.30
CA THR A 52 -2.65 -10.31 -7.19
C THR A 52 -2.99 -8.96 -7.81
N VAL A 53 -2.44 -7.88 -7.24
CA VAL A 53 -2.79 -6.50 -7.63
C VAL A 53 -1.64 -5.54 -7.32
N GLY A 54 -1.60 -4.42 -8.04
CA GLY A 54 -0.70 -3.33 -7.69
C GLY A 54 0.68 -3.45 -8.30
N GLU A 55 1.53 -2.47 -8.01
CA GLU A 55 2.92 -2.45 -8.47
C GLU A 55 3.75 -3.51 -7.76
N PRO A 56 4.31 -4.49 -8.51
CA PRO A 56 5.27 -5.43 -7.94
C PRO A 56 6.54 -4.71 -7.50
N ALA A 57 6.75 -4.67 -6.20
CA ALA A 57 7.88 -3.95 -5.62
C ALA A 57 8.10 -4.37 -4.17
N THR A 58 9.11 -3.79 -3.54
CA THR A 58 9.49 -4.16 -2.18
C THR A 58 8.31 -4.02 -1.20
N LYS A 59 8.41 -4.75 -0.09
CA LYS A 59 7.38 -4.74 0.96
C LYS A 59 6.94 -3.32 1.29
N GLN A 60 7.91 -2.42 1.42
CA GLN A 60 7.62 -1.02 1.75
C GLN A 60 6.68 -0.39 0.73
N GLN A 61 6.92 -0.66 -0.54
CA GLN A 61 6.10 -0.11 -1.62
C GLN A 61 4.70 -0.72 -1.62
N CYS A 62 4.64 -2.05 -1.57
CA CYS A 62 3.35 -2.75 -1.68
C CYS A 62 2.42 -2.36 -0.53
N LEU A 63 2.94 -2.28 0.70
CA LEU A 63 2.13 -1.83 1.83
C LEU A 63 1.78 -0.35 1.66
N GLN A 64 2.77 0.44 1.24
CA GLN A 64 2.59 1.89 1.09
C GLN A 64 1.40 2.19 0.17
N ARG A 65 1.28 1.41 -0.89
CA ARG A 65 0.28 1.60 -1.90
C ARG A 65 -1.14 1.54 -1.32
N ILE A 66 -1.44 0.47 -0.58
CA ILE A 66 -2.78 0.27 -0.05
C ILE A 66 -3.09 1.21 1.12
N GLU A 67 -2.07 1.51 1.91
CA GLU A 67 -2.20 2.43 3.03
C GLU A 67 -2.60 3.81 2.54
N GLN A 68 -2.13 4.17 1.34
CA GLN A 68 -2.47 5.46 0.72
C GLN A 68 -3.84 5.42 0.04
N LEU A 69 -4.44 4.24 -0.06
CA LEU A 69 -5.71 4.08 -0.78
C LEU A 69 -6.89 3.95 0.18
N TRP A 70 -6.93 2.85 0.92
CA TRP A 70 -8.02 2.55 1.84
C TRP A 70 -7.78 3.20 3.19
N THR A 71 -6.61 2.91 3.74
CA THR A 71 -6.21 3.39 5.06
C THR A 71 -5.96 4.91 5.05
N ASP A 72 -5.90 5.48 3.83
CA ASP A 72 -5.52 6.88 3.60
C ASP A 72 -6.15 7.84 4.63
N MET A 73 -7.37 7.55 5.06
CA MET A 73 -8.09 8.42 5.97
C MET A 73 -7.41 8.48 7.35
N VAL A 74 -6.45 9.38 7.47
CA VAL A 74 -5.75 9.61 8.72
C VAL A 74 -6.19 10.93 9.35
N PRO A 75 -6.55 10.93 10.65
CA PRO A 75 -6.97 12.15 11.37
C PRO A 75 -5.78 13.07 11.68
N ALA A 76 -5.96 13.95 12.66
CA ALA A 76 -4.93 14.91 13.06
C ALA A 76 -3.61 14.22 13.42
N SER A 77 -3.69 12.93 13.73
CA SER A 77 -2.52 12.14 14.11
C SER A 77 -1.45 12.13 13.01
N VAL A 78 -1.84 12.51 11.78
CA VAL A 78 -0.91 12.61 10.67
C VAL A 78 0.23 13.58 10.99
N ARG A 79 -0.11 14.63 11.74
CA ARG A 79 0.87 15.67 12.09
C ARG A 79 1.94 15.12 13.02
N GLU A 80 1.63 14.00 13.68
CA GLU A 80 2.58 13.33 14.57
C GLU A 80 3.85 12.97 13.81
N HIS A 81 3.69 12.60 12.56
CA HIS A 81 4.83 12.26 11.70
C HIS A 81 5.21 13.46 10.84
N LEU A 82 4.19 14.04 10.21
CA LEU A 82 4.40 15.13 9.26
C LEU A 82 4.23 16.47 9.97
N ASN A 83 5.35 17.05 10.40
CA ASN A 83 5.34 18.30 11.15
C ASN A 83 4.87 19.46 10.27
N GLN A 84 4.18 20.42 10.87
CA GLN A 84 3.63 21.57 10.17
C GLN A 84 4.74 22.43 9.55
N HIS A 85 5.15 22.07 8.33
CA HIS A 85 6.15 22.84 7.60
C HIS A 85 5.60 23.18 6.21
N SER A 86 5.98 24.34 5.69
CA SER A 86 5.51 24.78 4.40
C SER A 86 6.35 24.16 3.28
N GLY A 87 5.95 22.97 2.85
CA GLY A 87 6.64 22.27 1.78
C GLY A 87 6.21 20.82 1.68
N PRO A 88 6.60 20.12 0.60
CA PRO A 88 6.24 18.71 0.38
C PRO A 88 6.85 17.79 1.45
N GLY A 89 6.51 16.51 1.37
CA GLY A 89 7.03 15.54 2.31
C GLY A 89 6.87 14.12 1.82
N ILE A 90 7.99 13.39 1.74
CA ILE A 90 7.95 11.97 1.40
C ILE A 90 7.44 11.19 2.61
N ASP A 91 6.12 11.07 2.71
CA ASP A 91 5.48 10.45 3.86
C ASP A 91 4.52 9.35 3.41
N TYR A 92 3.88 8.69 4.36
CA TYR A 92 2.94 7.60 4.08
C TYR A 92 1.55 7.96 4.58
N ALA A 93 0.60 7.05 4.41
CA ALA A 93 -0.76 7.26 4.90
C ALA A 93 -1.07 6.27 6.02
N VAL A 94 -0.71 6.67 7.25
CA VAL A 94 -0.98 5.93 8.49
C VAL A 94 -0.72 4.41 8.37
N ARG A 95 0.25 4.08 7.55
CA ARG A 95 0.78 2.72 7.45
C ARG A 95 1.35 2.27 8.81
N MET A 1 11.98 12.55 1.04
CA MET A 1 10.96 13.54 1.49
C MET A 1 10.27 14.17 0.28
N ALA A 2 9.23 14.97 0.56
CA ALA A 2 8.49 15.71 -0.47
C ALA A 2 7.74 14.79 -1.43
N HIS A 3 6.42 14.74 -1.26
CA HIS A 3 5.53 13.94 -2.12
C HIS A 3 4.09 14.40 -1.92
N HIS A 4 3.28 14.29 -2.96
CA HIS A 4 1.86 14.66 -2.89
C HIS A 4 1.04 13.75 -3.80
N HIS A 5 0.37 12.78 -3.20
CA HIS A 5 -0.46 11.84 -3.94
C HIS A 5 -1.93 12.20 -3.77
N HIS A 6 -2.72 11.99 -4.82
CA HIS A 6 -4.16 12.16 -4.76
C HIS A 6 -4.82 10.80 -4.46
N HIS A 7 -6.14 10.76 -4.48
CA HIS A 7 -6.87 9.51 -4.24
C HIS A 7 -6.99 8.70 -5.52
N HIS A 8 -6.93 7.38 -5.38
CA HIS A 8 -6.97 6.45 -6.50
C HIS A 8 -7.57 5.14 -6.04
N MET A 9 -8.45 4.57 -6.87
CA MET A 9 -9.16 3.32 -6.52
C MET A 9 -8.18 2.16 -6.39
N GLY A 10 -7.49 1.85 -7.49
CA GLY A 10 -6.47 0.82 -7.48
C GLY A 10 -7.04 -0.58 -7.40
N THR A 11 -8.00 -0.88 -8.27
CA THR A 11 -8.56 -2.22 -8.34
C THR A 11 -7.62 -3.12 -9.12
N LEU A 12 -7.43 -2.78 -10.40
CA LEU A 12 -6.46 -3.46 -11.26
C LEU A 12 -5.46 -2.44 -11.80
N GLU A 13 -4.19 -2.62 -11.46
CA GLU A 13 -3.13 -1.75 -11.92
C GLU A 13 -2.53 -2.32 -13.21
N ALA A 14 -2.42 -1.48 -14.23
CA ALA A 14 -1.81 -1.90 -15.49
C ALA A 14 -0.30 -1.87 -15.38
N GLN A 15 0.36 -2.94 -15.82
CA GLN A 15 1.82 -3.02 -15.80
C GLN A 15 2.42 -2.27 -16.99
N THR A 16 1.86 -1.10 -17.27
CA THR A 16 2.34 -0.24 -18.35
C THR A 16 3.80 0.16 -18.11
N GLN A 17 4.19 0.17 -16.83
CA GLN A 17 5.56 0.49 -16.45
C GLN A 17 6.39 -0.79 -16.44
N GLY A 18 5.82 -1.83 -15.84
CA GLY A 18 6.49 -3.12 -15.77
C GLY A 18 7.43 -3.19 -14.59
N PRO A 19 7.56 -4.36 -13.96
CA PRO A 19 8.44 -4.57 -12.79
C PRO A 19 9.91 -4.72 -13.17
N GLY A 20 10.29 -4.13 -14.31
CA GLY A 20 11.64 -4.25 -14.81
C GLY A 20 11.93 -5.66 -15.29
N SER A 21 12.15 -6.56 -14.34
CA SER A 21 12.43 -7.96 -14.62
C SER A 21 12.44 -8.74 -13.30
N MET A 22 11.53 -8.34 -12.41
CA MET A 22 11.50 -8.83 -11.02
C MET A 22 12.93 -8.95 -10.47
N ASP A 23 13.59 -7.80 -10.45
CA ASP A 23 14.99 -7.71 -10.04
C ASP A 23 15.16 -8.07 -8.57
N ASP A 24 14.61 -7.24 -7.70
CA ASP A 24 14.66 -7.48 -6.26
C ASP A 24 13.46 -8.33 -5.84
N GLU A 25 13.44 -8.77 -4.58
CA GLU A 25 12.30 -9.51 -4.05
C GLU A 25 11.06 -8.62 -4.05
N LEU A 26 10.36 -8.61 -5.17
CA LEU A 26 9.15 -7.82 -5.33
C LEU A 26 8.01 -8.41 -4.52
N TYR A 27 6.99 -7.59 -4.31
CA TYR A 27 5.76 -7.99 -3.65
C TYR A 27 4.58 -7.66 -4.55
N PHE A 28 3.55 -8.48 -4.45
CA PHE A 28 2.30 -8.23 -5.14
C PHE A 28 1.24 -7.90 -4.11
N VAL A 29 0.22 -7.14 -4.50
CA VAL A 29 -0.88 -6.88 -3.59
C VAL A 29 -1.84 -8.05 -3.74
N VAL A 30 -2.34 -8.60 -2.65
CA VAL A 30 -3.18 -9.79 -2.74
C VAL A 30 -4.39 -9.69 -1.85
N ARG A 31 -5.34 -10.58 -2.12
CA ARG A 31 -6.54 -10.68 -1.29
C ARG A 31 -7.27 -11.99 -1.59
N ASN A 32 -8.18 -12.37 -0.70
CA ASN A 32 -9.11 -13.46 -0.98
C ASN A 32 -10.38 -13.27 -0.17
N ASN A 33 -11.53 -13.55 -0.80
CA ASN A 33 -12.86 -13.53 -0.17
C ASN A 33 -13.13 -12.34 0.77
N GLU A 34 -12.23 -11.36 0.82
CA GLU A 34 -12.35 -10.26 1.78
C GLU A 34 -12.62 -8.93 1.08
N GLY A 35 -12.10 -8.76 -0.13
CA GLY A 35 -12.25 -7.51 -0.86
C GLY A 35 -11.26 -6.45 -0.41
N GLN A 36 -10.76 -6.60 0.81
CA GLN A 36 -9.74 -5.72 1.36
C GLN A 36 -8.39 -6.00 0.70
N TYR A 37 -7.39 -5.19 1.01
CA TYR A 37 -6.08 -5.32 0.39
C TYR A 37 -5.02 -5.77 1.36
N SER A 38 -4.18 -6.69 0.89
CA SER A 38 -3.01 -7.14 1.64
C SER A 38 -1.84 -7.25 0.67
N VAL A 39 -0.67 -7.67 1.17
CA VAL A 39 0.50 -7.84 0.32
C VAL A 39 1.09 -9.24 0.47
N TRP A 40 1.77 -9.70 -0.57
CA TRP A 40 2.38 -11.02 -0.61
C TRP A 40 3.70 -10.95 -1.38
N MET A 41 4.60 -11.89 -1.12
CA MET A 41 5.92 -11.87 -1.73
C MET A 41 5.86 -12.48 -3.13
N ASP A 42 6.25 -11.71 -4.15
CA ASP A 42 6.18 -12.16 -5.53
C ASP A 42 7.18 -13.29 -5.78
N GLY A 43 6.91 -14.09 -6.81
CA GLY A 43 7.71 -15.27 -7.08
C GLY A 43 7.04 -16.51 -6.51
N ARG A 44 6.15 -16.30 -5.55
CA ARG A 44 5.36 -17.38 -4.97
C ARG A 44 3.91 -17.25 -5.42
N SER A 45 3.53 -18.03 -6.42
CA SER A 45 2.18 -18.00 -6.96
C SER A 45 1.17 -18.41 -5.90
N LEU A 46 0.15 -17.59 -5.72
CA LEU A 46 -0.86 -17.80 -4.71
C LEU A 46 -1.58 -19.15 -4.88
N PRO A 47 -1.95 -19.76 -3.75
CA PRO A 47 -2.88 -20.90 -3.72
C PRO A 47 -4.25 -20.50 -4.30
N ALA A 48 -4.87 -21.45 -5.00
CA ALA A 48 -6.19 -21.22 -5.59
C ALA A 48 -7.16 -20.71 -4.53
N GLY A 49 -7.85 -19.61 -4.82
CA GLY A 49 -8.71 -18.97 -3.84
C GLY A 49 -8.21 -17.59 -3.49
N TRP A 50 -6.88 -17.40 -3.56
CA TRP A 50 -6.29 -16.06 -3.39
C TRP A 50 -6.28 -15.36 -4.75
N GLU A 51 -5.95 -14.08 -4.76
CA GLU A 51 -5.79 -13.35 -6.01
C GLU A 51 -4.74 -12.25 -5.86
N THR A 52 -4.01 -12.01 -6.95
CA THR A 52 -3.00 -10.97 -7.03
C THR A 52 -3.56 -9.71 -7.69
N VAL A 53 -2.96 -8.58 -7.34
CA VAL A 53 -3.40 -7.26 -7.77
C VAL A 53 -2.27 -6.25 -7.56
N GLY A 54 -2.45 -5.08 -8.15
CA GLY A 54 -1.43 -4.06 -8.12
C GLY A 54 -0.38 -4.27 -9.18
N GLU A 55 0.60 -3.39 -9.25
CA GLU A 55 1.76 -3.58 -10.11
C GLU A 55 2.93 -4.00 -9.22
N PRO A 56 3.55 -5.16 -9.50
CA PRO A 56 4.53 -5.77 -8.58
C PRO A 56 5.68 -4.82 -8.24
N ALA A 57 5.89 -4.61 -6.94
CA ALA A 57 6.90 -3.69 -6.45
C ALA A 57 7.37 -4.16 -5.09
N THR A 58 8.58 -3.77 -4.69
CA THR A 58 9.20 -4.28 -3.47
C THR A 58 8.37 -3.91 -2.23
N LYS A 59 8.74 -4.52 -1.09
CA LYS A 59 7.98 -4.39 0.17
C LYS A 59 7.53 -2.95 0.44
N GLN A 60 8.49 -2.03 0.53
CA GLN A 60 8.20 -0.63 0.84
C GLN A 60 7.18 -0.04 -0.14
N GLN A 61 7.32 -0.39 -1.41
CA GLN A 61 6.47 0.15 -2.46
C GLN A 61 5.07 -0.49 -2.41
N CYS A 62 5.03 -1.79 -2.13
CA CYS A 62 3.79 -2.55 -2.11
C CYS A 62 2.88 -2.08 -0.97
N LEU A 63 3.43 -2.01 0.24
CA LEU A 63 2.66 -1.55 1.40
C LEU A 63 2.21 -0.10 1.19
N GLN A 64 3.13 0.73 0.71
CA GLN A 64 2.85 2.13 0.48
C GLN A 64 1.76 2.30 -0.58
N ARG A 65 1.77 1.41 -1.57
CA ARG A 65 0.83 1.49 -2.68
C ARG A 65 -0.60 1.36 -2.19
N ILE A 66 -0.87 0.34 -1.40
CA ILE A 66 -2.22 0.10 -0.88
C ILE A 66 -2.58 1.11 0.22
N GLU A 67 -1.63 1.37 1.12
CA GLU A 67 -1.88 2.23 2.27
C GLU A 67 -2.19 3.65 1.86
N GLN A 68 -1.53 4.15 0.81
CA GLN A 68 -1.77 5.52 0.35
C GLN A 68 -3.05 5.60 -0.50
N LEU A 69 -3.72 4.47 -0.67
CA LEU A 69 -4.98 4.42 -1.41
C LEU A 69 -6.18 4.31 -0.48
N TRP A 70 -6.25 3.18 0.22
CA TRP A 70 -7.38 2.85 1.08
C TRP A 70 -7.20 3.46 2.48
N THR A 71 -6.00 3.29 3.02
CA THR A 71 -5.67 3.71 4.37
C THR A 71 -5.22 5.17 4.45
N ASP A 72 -4.97 5.78 3.28
CA ASP A 72 -4.25 7.07 3.18
C ASP A 72 -4.68 8.09 4.23
N MET A 73 -5.99 8.15 4.51
CA MET A 73 -6.51 9.11 5.48
C MET A 73 -6.03 8.77 6.88
N VAL A 74 -4.83 9.25 7.19
CA VAL A 74 -4.19 9.02 8.47
C VAL A 74 -4.85 9.86 9.56
N PRO A 75 -5.09 9.27 10.76
CA PRO A 75 -5.74 9.96 11.88
C PRO A 75 -4.88 11.10 12.46
N ALA A 76 -5.25 11.59 13.64
CA ALA A 76 -4.53 12.67 14.31
C ALA A 76 -3.04 12.35 14.47
N SER A 77 -2.72 11.08 14.41
CA SER A 77 -1.36 10.60 14.57
C SER A 77 -0.40 11.31 13.60
N VAL A 78 -0.94 11.82 12.49
CA VAL A 78 -0.14 12.54 11.51
C VAL A 78 0.43 13.83 12.09
N ARG A 79 -0.43 14.67 12.67
CA ARG A 79 0.00 15.96 13.21
C ARG A 79 0.93 15.74 14.40
N GLU A 80 0.68 14.66 15.14
CA GLU A 80 1.52 14.29 16.26
C GLU A 80 2.91 13.92 15.76
N HIS A 81 2.94 13.21 14.63
CA HIS A 81 4.19 12.74 14.04
C HIS A 81 4.98 13.90 13.42
N LEU A 82 4.26 14.86 12.86
CA LEU A 82 4.89 15.99 12.13
C LEU A 82 5.87 16.76 13.01
N ASN A 83 5.70 16.67 14.32
CA ASN A 83 6.56 17.38 15.27
C ASN A 83 8.01 16.96 15.13
N GLN A 84 8.24 15.74 14.64
CA GLN A 84 9.60 15.21 14.48
C GLN A 84 9.90 14.94 13.01
N HIS A 85 11.18 14.93 12.67
CA HIS A 85 11.62 14.64 11.30
C HIS A 85 13.08 14.20 11.28
N SER A 86 13.56 13.68 12.41
CA SER A 86 14.92 13.19 12.53
C SER A 86 15.09 11.85 11.80
N GLY A 87 16.32 11.36 11.75
CA GLY A 87 16.62 10.11 11.07
C GLY A 87 15.91 8.92 11.71
N PRO A 88 16.20 8.61 12.98
CA PRO A 88 15.54 7.52 13.72
C PRO A 88 14.13 7.90 14.18
N GLY A 89 13.39 8.60 13.31
CA GLY A 89 12.04 9.02 13.64
C GLY A 89 11.01 7.95 13.34
N ILE A 90 11.26 6.75 13.85
CA ILE A 90 10.36 5.62 13.64
C ILE A 90 9.13 5.75 14.53
N ASP A 91 8.03 6.18 13.93
CA ASP A 91 6.77 6.38 14.64
C ASP A 91 5.60 6.07 13.73
N TYR A 92 4.42 5.91 14.30
CA TYR A 92 3.23 5.50 13.56
C TYR A 92 2.94 6.42 12.38
N ALA A 93 2.56 5.82 11.27
CA ALA A 93 2.22 6.52 10.04
C ALA A 93 1.48 5.58 9.10
N VAL A 94 0.88 6.12 8.04
CA VAL A 94 0.15 5.31 7.08
C VAL A 94 1.11 4.48 6.21
N ARG A 95 1.17 3.19 6.50
CA ARG A 95 2.09 2.24 5.86
C ARG A 95 1.91 0.86 6.50
N MET A 1 -28.61 -6.64 15.85
CA MET A 1 -28.01 -6.63 14.49
C MET A 1 -26.85 -7.61 14.42
N ALA A 2 -26.19 -7.68 13.27
CA ALA A 2 -25.04 -8.56 13.07
C ALA A 2 -24.00 -7.89 12.16
N HIS A 3 -24.40 -7.63 10.92
CA HIS A 3 -23.54 -7.00 9.92
C HIS A 3 -22.27 -7.82 9.67
N HIS A 4 -22.34 -8.70 8.68
CA HIS A 4 -21.18 -9.46 8.22
C HIS A 4 -21.35 -9.82 6.75
N HIS A 5 -20.94 -8.91 5.88
CA HIS A 5 -21.03 -9.12 4.43
C HIS A 5 -19.81 -8.52 3.74
N HIS A 6 -19.18 -9.31 2.87
CA HIS A 6 -18.02 -8.85 2.10
C HIS A 6 -18.15 -9.26 0.64
N HIS A 7 -18.70 -8.36 -0.16
CA HIS A 7 -18.99 -8.63 -1.57
C HIS A 7 -17.70 -8.63 -2.40
N HIS A 8 -17.19 -9.83 -2.67
CA HIS A 8 -16.03 -9.99 -3.54
C HIS A 8 -16.41 -9.75 -5.00
N MET A 9 -16.63 -8.48 -5.32
CA MET A 9 -17.07 -8.08 -6.66
C MET A 9 -15.91 -8.14 -7.65
N GLY A 10 -15.06 -7.11 -7.64
CA GLY A 10 -13.95 -7.05 -8.56
C GLY A 10 -13.42 -5.64 -8.71
N THR A 11 -12.25 -5.38 -8.14
CA THR A 11 -11.63 -4.06 -8.16
C THR A 11 -10.12 -4.20 -7.92
N LEU A 12 -9.34 -3.25 -8.42
CA LEU A 12 -7.89 -3.26 -8.22
C LEU A 12 -7.53 -2.81 -6.80
N GLU A 13 -6.45 -2.03 -6.63
CA GLU A 13 -5.81 -1.82 -5.31
C GLU A 13 -6.76 -1.26 -4.22
N ALA A 14 -8.02 -1.00 -4.55
CA ALA A 14 -9.00 -0.51 -3.57
C ALA A 14 -9.35 -1.59 -2.54
N GLN A 15 -9.39 -1.20 -1.27
CA GLN A 15 -9.62 -2.15 -0.17
C GLN A 15 -10.31 -1.47 1.01
N THR A 16 -10.24 -2.10 2.18
CA THR A 16 -10.68 -1.49 3.44
C THR A 16 -9.46 -0.99 4.24
N GLN A 17 -8.47 -1.87 4.42
CA GLN A 17 -7.22 -1.54 5.10
C GLN A 17 -6.27 -2.73 5.01
N GLY A 18 -4.98 -2.46 4.85
CA GLY A 18 -4.00 -3.54 4.66
C GLY A 18 -2.81 -3.43 5.59
N PRO A 19 -2.66 -4.36 6.55
CA PRO A 19 -1.51 -4.40 7.46
C PRO A 19 -0.28 -5.04 6.79
N GLY A 20 0.91 -4.65 7.26
CA GLY A 20 2.13 -5.20 6.70
C GLY A 20 3.36 -4.77 7.47
N SER A 21 4.35 -5.66 7.53
CA SER A 21 5.62 -5.39 8.20
C SER A 21 6.64 -4.82 7.21
N MET A 22 7.78 -4.37 7.72
CA MET A 22 8.84 -3.80 6.88
C MET A 22 9.83 -4.88 6.43
N ASP A 23 9.81 -5.17 5.13
CA ASP A 23 10.72 -6.15 4.52
C ASP A 23 11.37 -5.54 3.28
N ASP A 24 12.09 -6.35 2.52
CA ASP A 24 12.77 -5.90 1.30
C ASP A 24 12.31 -6.75 0.11
N GLU A 25 12.73 -6.37 -1.11
CA GLU A 25 12.38 -7.06 -2.35
C GLU A 25 10.93 -6.79 -2.75
N LEU A 26 10.59 -7.10 -4.01
CA LEU A 26 9.27 -6.78 -4.56
C LEU A 26 8.17 -7.63 -3.93
N TYR A 27 7.02 -6.99 -3.78
CA TYR A 27 5.80 -7.60 -3.26
C TYR A 27 4.62 -7.16 -4.11
N PHE A 28 3.63 -8.02 -4.24
CA PHE A 28 2.37 -7.68 -4.90
C PHE A 28 1.27 -7.57 -3.86
N VAL A 29 0.14 -6.98 -4.24
CA VAL A 29 -0.96 -6.79 -3.31
C VAL A 29 -2.03 -7.84 -3.60
N VAL A 30 -2.27 -8.74 -2.65
CA VAL A 30 -3.12 -9.91 -2.90
C VAL A 30 -4.24 -10.01 -1.88
N ARG A 31 -5.23 -10.85 -2.19
CA ARG A 31 -6.34 -11.11 -1.26
C ARG A 31 -7.18 -12.29 -1.73
N ASN A 32 -8.09 -12.74 -0.87
CA ASN A 32 -9.12 -13.69 -1.31
C ASN A 32 -10.41 -13.50 -0.50
N ASN A 33 -11.53 -13.59 -1.22
CA ASN A 33 -12.90 -13.56 -0.66
C ASN A 33 -13.08 -12.65 0.59
N GLU A 34 -12.17 -11.69 0.81
CA GLU A 34 -12.21 -10.87 2.03
C GLU A 34 -12.57 -9.41 1.73
N GLY A 35 -12.16 -8.92 0.56
CA GLY A 35 -12.39 -7.53 0.20
C GLY A 35 -11.27 -6.60 0.66
N GLN A 36 -10.52 -7.03 1.69
CA GLN A 36 -9.33 -6.30 2.12
C GLN A 36 -8.13 -6.85 1.37
N TYR A 37 -6.97 -6.22 1.54
CA TYR A 37 -5.76 -6.67 0.85
C TYR A 37 -4.68 -7.13 1.83
N SER A 38 -3.65 -7.71 1.24
CA SER A 38 -2.44 -8.12 1.93
C SER A 38 -1.29 -8.01 0.93
N VAL A 39 -0.07 -8.27 1.37
CA VAL A 39 1.07 -8.17 0.46
C VAL A 39 1.86 -9.48 0.42
N TRP A 40 2.10 -9.94 -0.80
CA TRP A 40 2.67 -11.26 -1.06
C TRP A 40 4.00 -11.10 -1.79
N MET A 41 5.02 -11.86 -1.38
CA MET A 41 6.34 -11.73 -1.98
C MET A 41 6.30 -12.09 -3.46
N ASP A 42 6.75 -11.16 -4.31
CA ASP A 42 6.76 -11.39 -5.76
C ASP A 42 7.69 -12.56 -6.09
N GLY A 43 7.35 -13.31 -7.12
CA GLY A 43 8.12 -14.51 -7.46
C GLY A 43 7.66 -15.70 -6.64
N ARG A 44 6.49 -15.58 -6.03
CA ARG A 44 5.89 -16.65 -5.25
C ARG A 44 4.43 -16.82 -5.68
N SER A 45 4.06 -18.03 -6.07
CA SER A 45 2.73 -18.28 -6.61
C SER A 45 1.66 -18.25 -5.52
N LEU A 46 0.42 -18.05 -5.95
CA LEU A 46 -0.72 -17.95 -5.04
C LEU A 46 -1.73 -19.07 -5.34
N PRO A 47 -2.26 -19.73 -4.30
CA PRO A 47 -3.18 -20.88 -4.46
C PRO A 47 -4.55 -20.50 -5.03
N ALA A 48 -5.22 -21.49 -5.61
CA ALA A 48 -6.54 -21.32 -6.19
C ALA A 48 -7.50 -20.67 -5.19
N GLY A 49 -8.17 -19.61 -5.63
CA GLY A 49 -9.06 -18.88 -4.76
C GLY A 49 -8.51 -17.51 -4.42
N TRP A 50 -7.17 -17.39 -4.40
CA TRP A 50 -6.54 -16.12 -4.08
C TRP A 50 -6.29 -15.30 -5.36
N GLU A 51 -6.23 -13.98 -5.22
CA GLU A 51 -6.02 -13.11 -6.36
C GLU A 51 -4.83 -12.18 -6.11
N THR A 52 -4.04 -12.00 -7.16
CA THR A 52 -2.88 -11.12 -7.17
C THR A 52 -3.24 -9.81 -7.85
N VAL A 53 -2.91 -8.69 -7.21
CA VAL A 53 -3.36 -7.37 -7.66
C VAL A 53 -2.30 -6.32 -7.38
N GLY A 54 -2.48 -5.14 -7.98
CA GLY A 54 -1.72 -3.98 -7.60
C GLY A 54 -0.53 -3.71 -8.48
N GLU A 55 0.54 -3.28 -7.83
CA GLU A 55 1.74 -2.80 -8.48
C GLU A 55 2.95 -3.39 -7.78
N PRO A 56 3.81 -4.16 -8.50
CA PRO A 56 4.95 -4.82 -7.87
C PRO A 56 5.93 -3.80 -7.31
N ALA A 57 6.10 -3.81 -6.00
CA ALA A 57 6.87 -2.79 -5.30
C ALA A 57 7.42 -3.36 -4.01
N THR A 58 8.52 -2.80 -3.51
CA THR A 58 9.13 -3.30 -2.28
C THR A 58 8.09 -3.29 -1.16
N LYS A 59 8.29 -4.17 -0.18
CA LYS A 59 7.30 -4.41 0.88
C LYS A 59 6.71 -3.11 1.42
N GLN A 60 7.58 -2.16 1.72
CA GLN A 60 7.16 -0.87 2.28
C GLN A 60 6.22 -0.15 1.32
N GLN A 61 6.63 -0.02 0.06
CA GLN A 61 5.84 0.70 -0.94
C GLN A 61 4.56 -0.06 -1.26
N CYS A 62 4.64 -1.38 -1.16
CA CYS A 62 3.51 -2.25 -1.47
C CYS A 62 2.37 -2.01 -0.46
N LEU A 63 2.70 -2.08 0.83
CA LEU A 63 1.72 -1.81 1.88
C LEU A 63 1.33 -0.32 1.88
N GLN A 64 2.31 0.52 1.53
CA GLN A 64 2.10 1.96 1.51
C GLN A 64 1.04 2.34 0.48
N ARG A 65 1.10 1.71 -0.69
CA ARG A 65 0.22 2.03 -1.81
C ARG A 65 -1.25 1.90 -1.43
N ILE A 66 -1.62 0.75 -0.90
CA ILE A 66 -3.01 0.47 -0.55
C ILE A 66 -3.49 1.34 0.61
N GLU A 67 -2.58 1.64 1.54
CA GLU A 67 -2.87 2.57 2.63
C GLU A 67 -3.08 3.99 2.08
N GLN A 68 -2.36 4.30 0.99
CA GLN A 68 -2.47 5.60 0.32
C GLN A 68 -3.77 5.69 -0.51
N LEU A 69 -4.58 4.64 -0.52
CA LEU A 69 -5.82 4.66 -1.32
C LEU A 69 -7.07 4.89 -0.49
N TRP A 70 -7.40 3.92 0.36
CA TRP A 70 -8.61 4.00 1.19
C TRP A 70 -8.34 4.75 2.48
N THR A 71 -7.34 4.27 3.18
CA THR A 71 -6.94 4.81 4.47
C THR A 71 -6.29 6.20 4.31
N ASP A 72 -6.00 6.56 3.05
CA ASP A 72 -5.27 7.78 2.69
C ASP A 72 -5.80 9.02 3.41
N MET A 73 -7.09 9.00 3.74
CA MET A 73 -7.72 10.12 4.45
C MET A 73 -7.19 10.19 5.87
N VAL A 74 -5.96 10.67 6.00
CA VAL A 74 -5.26 10.74 7.27
C VAL A 74 -5.26 12.18 7.79
N PRO A 75 -5.57 12.37 9.09
CA PRO A 75 -5.53 13.69 9.74
C PRO A 75 -4.10 14.09 10.12
N ALA A 76 -3.98 15.00 11.07
CA ALA A 76 -2.67 15.49 11.54
C ALA A 76 -1.78 14.34 12.01
N SER A 77 -2.41 13.20 12.30
CA SER A 77 -1.71 12.02 12.79
C SER A 77 -0.56 11.63 11.85
N VAL A 78 -0.69 11.98 10.56
CA VAL A 78 0.38 11.72 9.59
C VAL A 78 1.68 12.39 10.02
N ARG A 79 1.55 13.58 10.62
CA ARG A 79 2.69 14.32 11.14
C ARG A 79 3.20 13.67 12.42
N GLU A 80 2.27 13.16 13.23
CA GLU A 80 2.60 12.41 14.44
C GLU A 80 3.29 11.09 14.08
N HIS A 81 3.00 10.60 12.88
CA HIS A 81 3.57 9.35 12.38
C HIS A 81 5.06 9.51 12.10
N LEU A 82 5.46 10.74 11.78
CA LEU A 82 6.83 11.02 11.36
C LEU A 82 7.79 10.91 12.54
N ASN A 83 9.01 10.46 12.26
CA ASN A 83 10.05 10.34 13.29
C ASN A 83 10.65 11.71 13.56
N GLN A 84 10.86 12.02 14.85
CA GLN A 84 11.36 13.34 15.25
C GLN A 84 12.86 13.47 14.98
N HIS A 85 13.51 12.36 14.68
CA HIS A 85 14.96 12.37 14.40
C HIS A 85 15.23 12.74 12.94
N SER A 86 14.60 13.82 12.50
CA SER A 86 14.75 14.37 11.14
C SER A 86 14.50 13.32 10.06
N GLY A 87 13.30 13.36 9.49
CA GLY A 87 12.97 12.49 8.36
C GLY A 87 13.34 13.13 7.04
N PRO A 88 13.12 12.45 5.90
CA PRO A 88 13.44 12.98 4.57
C PRO A 88 12.50 14.13 4.15
N GLY A 89 11.47 14.35 4.96
CA GLY A 89 10.50 15.40 4.68
C GLY A 89 9.33 14.89 3.87
N ILE A 90 9.53 13.73 3.25
CA ILE A 90 8.50 13.09 2.44
C ILE A 90 7.44 12.45 3.35
N ASP A 91 6.17 12.67 3.02
CA ASP A 91 5.07 12.08 3.77
C ASP A 91 4.83 10.65 3.31
N TYR A 92 4.18 9.87 4.17
CA TYR A 92 3.93 8.46 3.88
C TYR A 92 2.48 8.11 4.20
N ALA A 93 2.09 6.87 3.89
CA ALA A 93 0.76 6.37 4.21
C ALA A 93 0.59 6.25 5.72
N VAL A 94 -0.66 6.08 6.17
CA VAL A 94 -0.93 6.04 7.61
C VAL A 94 -0.83 4.63 8.18
N ARG A 95 -0.11 3.83 7.45
CA ARG A 95 0.33 2.52 7.94
C ARG A 95 1.30 2.71 9.12
#